data_9B2M
#
_entry.id   9B2M
#
loop_
_entity.id
_entity.type
_entity.pdbx_description
1 polymer 'Hemagglutinin HA1 chain'
2 polymer 'Hemagglutinin HA2 chain'
3 polymer 'Heavy chain monoclonal antibody Fab 3_S0008'
4 polymer 'Light chain monoclonal antibody Fab 3_S0008'
5 non-polymer 2-acetamido-2-deoxy-beta-D-glucopyranose
#
loop_
_entity_poly.entity_id
_entity_poly.type
_entity_poly.pdbx_seq_one_letter_code
_entity_poly.pdbx_strand_id
1 'polypeptide(L)'
;MKAKLLVLLCTFTATYADTICIGYHANNSTDTVDTVLEKNVTVTHSVNLLEDSHNGKLCLLKGIAPLQLGNCSVAGWILG
NPECELLISKESWSYIVETPNPENGTCYPGYFADYEELREQLSSVSSFERFEIFPKESSWPNHTVTGVSASCSHNGKSSF
YRNLLWLTGKNGLYPNLSKSYVNNKEKEVLVLWGVHHPPNIGNQRALYHTENAYVSVVSSHYSRRFTPEIAKRPKVRDQE
GRINYYWTLLEPGDTIIFEANGNLIAPWYAFALSRGFGSGIITSNAPMDECDAKCQTPQGAINSSLPFQNVHPVTIGECP
KYVRSAKLRMVTGLRNIPS
;
C,A,G
2 'polypeptide(L)'
;IQSRGLFGAIAGFIEGGWTGMVDGWYGYHHQNEQGSGYAADQKSTQNAINGITNKVNSVIEKMNTQFTAVGKEFNKLERR
MENLNKKVDDGFLDIWTYNAELLVLLENERTLDFHDSNVKNLYEKVKSQLKNNAKEIGNGCFEFYHKCNNECMESVKNGT
YDYPKYSEESKLNREKIDGVKLESMGVYQILAIYSTVASSLVLLVSLGAISFWMCSNGSLQCRICI
;
D,B,I
3 'polypeptide(L)'
;QVQLVQSGAEVKKPGSSVKVSCKASGGTFRTFGISWVRQAPGQGLEWMGWIIPIIGTPNYAQKFQGRVIITADESSNTAY
MELNSLKSEDTAVYYCAKEGRALLRYFDWLPLDAFDIWGQGTMVTVSSASTKGPSVFPLAPSSKSTSGGTAALGCLVKDY
FPEPVTVSWNSGALTSGVHTFPAVLQSSGLYSLSSVVTVPSSSLGTQTYICNVNHKPSNTKVDKKVEPKSCDK
;
H,E,J
4 'polypeptide(L)'
;DIVLTQTPLSLPVSLGDQASISCRSSQSLVHSDGNTYLHWYLQKPGQSPKLLIYKVSNRFSGVPDRFSGSGSGTDFTLKI
SRVEAEDLGVYFCSQSTHVPPLTFGAGTKLELKRTVAAPSVFIFPPSDEQLKSGTASVVCLLNNFYPREAKVQWKVDNAL
QSGNSQESVTEQDSKDSTYSLSSTLTLSKADYEKHKVYACEVTHQGLSSPVTKSFNRGEC
;
L,F,K
#
loop_
_chem_comp.id
_chem_comp.type
_chem_comp.name
_chem_comp.formula
NAG D-saccharide, beta linking 2-acetamido-2-deoxy-beta-D-glucopyranose 'C8 H15 N O6'
#
# COMPACT_ATOMS: atom_id res chain seq x y z
N THR A 19 -28.43 34.48 -26.59
CA THR A 19 -28.92 33.28 -25.90
C THR A 19 -28.12 32.01 -26.27
N ILE A 20 -26.86 31.96 -25.74
CA ILE A 20 -25.96 30.79 -25.86
C ILE A 20 -25.77 30.24 -24.47
N CYS A 21 -25.92 28.95 -24.33
CA CYS A 21 -25.79 28.33 -23.04
C CYS A 21 -24.66 27.36 -23.01
N ILE A 22 -24.06 27.22 -21.85
CA ILE A 22 -22.98 26.29 -21.63
C ILE A 22 -23.36 25.18 -20.71
N GLY A 23 -23.04 23.98 -21.13
CA GLY A 23 -23.38 22.84 -20.33
C GLY A 23 -22.70 21.60 -20.79
N TYR A 24 -23.21 20.51 -20.30
CA TYR A 24 -22.68 19.21 -20.55
C TYR A 24 -23.84 18.31 -20.86
N HIS A 25 -23.63 17.22 -21.57
CA HIS A 25 -24.78 16.40 -21.86
C HIS A 25 -25.19 15.53 -20.68
N ALA A 26 -26.46 15.20 -20.65
CA ALA A 26 -27.09 14.28 -19.72
C ALA A 26 -27.38 13.02 -20.52
N ASN A 27 -27.65 11.92 -19.84
CA ASN A 27 -27.84 10.66 -20.51
C ASN A 27 -28.96 9.84 -19.90
N ASN A 28 -29.19 8.67 -20.46
CA ASN A 28 -30.18 7.72 -19.98
C ASN A 28 -29.53 6.65 -19.11
N SER A 29 -28.28 6.90 -18.73
CA SER A 29 -27.49 6.01 -17.91
C SER A 29 -28.01 5.88 -16.50
N THR A 30 -27.97 4.67 -15.99
CA THR A 30 -28.36 4.36 -14.62
C THR A 30 -27.18 3.85 -13.81
N ASP A 31 -25.99 3.98 -14.38
CA ASP A 31 -24.78 3.51 -13.73
C ASP A 31 -24.30 4.49 -12.66
N THR A 32 -24.07 4.00 -11.44
CA THR A 32 -23.62 4.91 -10.40
C THR A 32 -22.27 4.57 -9.84
N VAL A 33 -21.64 5.59 -9.28
CA VAL A 33 -20.36 5.48 -8.63
C VAL A 33 -20.35 6.11 -7.26
N ASP A 34 -19.37 5.75 -6.46
CA ASP A 34 -19.14 6.41 -5.20
C ASP A 34 -17.92 7.32 -5.29
N THR A 35 -17.88 8.35 -4.45
CA THR A 35 -16.78 9.28 -4.37
C THR A 35 -16.47 9.47 -2.90
N VAL A 36 -15.50 10.29 -2.55
CA VAL A 36 -15.24 10.44 -1.12
C VAL A 36 -16.35 11.23 -0.39
N LEU A 37 -17.00 12.17 -1.08
CA LEU A 37 -18.08 12.98 -0.50
C LEU A 37 -19.50 12.43 -0.76
N GLU A 38 -19.68 11.69 -1.85
CA GLU A 38 -21.01 11.21 -2.26
C GLU A 38 -21.05 9.69 -2.28
N LYS A 39 -22.22 9.09 -2.05
CA LYS A 39 -22.28 7.62 -2.07
C LYS A 39 -22.83 6.92 -3.32
N ASN A 40 -23.80 7.55 -4.03
CA ASN A 40 -24.48 7.00 -5.20
C ASN A 40 -24.71 8.13 -6.22
N VAL A 41 -23.74 8.32 -7.15
CA VAL A 41 -23.77 9.40 -8.14
C VAL A 41 -23.95 8.77 -9.49
N THR A 42 -25.03 9.12 -10.17
CA THR A 42 -25.25 8.53 -11.48
C THR A 42 -24.36 9.28 -12.45
N VAL A 43 -23.66 8.58 -13.33
CA VAL A 43 -22.81 9.23 -14.30
C VAL A 43 -23.16 8.82 -15.71
N THR A 44 -22.82 9.67 -16.69
CA THR A 44 -23.19 9.41 -18.07
C THR A 44 -22.42 8.27 -18.70
N HIS A 45 -21.17 8.10 -18.27
CA HIS A 45 -20.31 7.06 -18.78
C HIS A 45 -19.42 6.54 -17.70
N SER A 46 -19.15 5.25 -17.74
CA SER A 46 -18.25 4.70 -16.76
C SER A 46 -17.56 3.45 -17.23
N VAL A 47 -16.51 3.14 -16.53
CA VAL A 47 -15.75 1.94 -16.75
C VAL A 47 -15.83 1.02 -15.58
N ASN A 48 -16.27 -0.17 -15.86
CA ASN A 48 -16.35 -1.14 -14.81
C ASN A 48 -14.98 -1.71 -14.67
N LEU A 49 -14.30 -1.45 -13.60
CA LEU A 49 -12.96 -1.97 -13.47
C LEU A 49 -12.97 -3.31 -12.78
N LEU A 50 -14.14 -3.72 -12.30
CA LEU A 50 -14.23 -4.94 -11.53
C LEU A 50 -15.12 -5.99 -12.15
N GLU A 51 -14.56 -7.17 -12.38
CA GLU A 51 -15.33 -8.26 -12.94
C GLU A 51 -15.98 -9.06 -11.83
N ASP A 52 -17.31 -9.07 -11.80
CA ASP A 52 -18.07 -9.75 -10.78
C ASP A 52 -18.89 -10.91 -11.27
N SER A 53 -18.47 -11.52 -12.36
CA SER A 53 -19.22 -12.64 -12.89
C SER A 53 -18.29 -13.68 -13.44
N HIS A 54 -18.86 -14.84 -13.70
CA HIS A 54 -18.16 -15.96 -14.27
C HIS A 54 -19.17 -16.80 -14.99
N ASN A 55 -18.74 -17.76 -15.78
CA ASN A 55 -19.74 -18.57 -16.46
C ASN A 55 -20.13 -19.88 -15.78
N GLY A 56 -19.63 -20.15 -14.58
CA GLY A 56 -19.98 -21.39 -13.88
C GLY A 56 -19.36 -22.65 -14.48
N LYS A 57 -18.44 -22.49 -15.42
CA LYS A 57 -17.85 -23.62 -16.12
C LYS A 57 -16.35 -23.58 -16.19
N LEU A 58 -15.75 -24.75 -16.35
CA LEU A 58 -14.32 -24.82 -16.59
C LEU A 58 -14.16 -24.72 -18.10
N CYS A 59 -13.23 -23.87 -18.55
CA CYS A 59 -12.92 -23.58 -19.95
C CYS A 59 -11.48 -23.93 -20.29
N LEU A 60 -11.14 -23.77 -21.54
CA LEU A 60 -9.80 -23.97 -22.02
C LEU A 60 -9.01 -22.70 -21.66
N LEU A 61 -7.69 -22.79 -21.43
CA LEU A 61 -6.91 -21.54 -21.30
C LEU A 61 -6.14 -21.35 -22.57
N LYS A 62 -6.45 -20.29 -23.28
CA LYS A 62 -5.82 -20.00 -24.56
C LYS A 62 -5.90 -21.20 -25.49
N GLY A 63 -7.06 -21.86 -25.52
CA GLY A 63 -7.29 -23.02 -26.37
C GLY A 63 -6.80 -24.37 -25.81
N ILE A 64 -6.18 -24.40 -24.64
CA ILE A 64 -5.67 -25.65 -24.08
C ILE A 64 -6.55 -26.20 -22.95
N ALA A 65 -6.92 -27.46 -23.06
CA ALA A 65 -7.78 -28.06 -22.04
C ALA A 65 -7.05 -28.24 -20.73
N PRO A 66 -7.75 -28.16 -19.60
CA PRO A 66 -7.29 -28.46 -18.27
C PRO A 66 -7.22 -29.91 -18.05
N LEU A 67 -6.55 -30.27 -17.00
CA LEU A 67 -6.56 -31.62 -16.55
C LEU A 67 -7.62 -31.71 -15.49
N GLN A 68 -8.74 -32.32 -15.81
CA GLN A 68 -9.79 -32.39 -14.82
C GLN A 68 -9.70 -33.72 -14.13
N LEU A 69 -9.40 -33.69 -12.85
CA LEU A 69 -9.20 -34.90 -12.10
C LEU A 69 -10.55 -35.33 -11.52
N GLY A 70 -11.43 -34.36 -11.30
CA GLY A 70 -12.74 -34.69 -10.75
C GLY A 70 -12.59 -35.29 -9.36
N ASN A 71 -13.09 -36.54 -9.16
CA ASN A 71 -13.08 -37.29 -7.90
C ASN A 71 -11.66 -37.63 -7.40
N CYS A 72 -10.64 -37.55 -8.30
CA CYS A 72 -9.25 -37.90 -8.11
C CYS A 72 -8.41 -36.72 -7.60
N SER A 73 -7.69 -36.92 -6.51
CA SER A 73 -6.88 -35.84 -5.92
C SER A 73 -5.54 -35.76 -6.62
N VAL A 74 -4.75 -34.71 -6.40
CA VAL A 74 -3.42 -34.74 -7.02
C VAL A 74 -2.64 -35.96 -6.60
N ALA A 75 -2.63 -36.33 -5.31
CA ALA A 75 -1.91 -37.55 -4.97
C ALA A 75 -2.46 -38.73 -5.75
N GLY A 76 -3.78 -38.78 -5.94
CA GLY A 76 -4.39 -39.87 -6.68
C GLY A 76 -3.88 -39.90 -8.11
N TRP A 77 -3.84 -38.75 -8.73
CA TRP A 77 -3.40 -38.60 -10.10
C TRP A 77 -1.99 -39.04 -10.35
N ILE A 78 -1.07 -38.54 -9.55
CA ILE A 78 0.34 -38.83 -9.75
C ILE A 78 0.73 -40.20 -9.24
N LEU A 79 0.07 -40.71 -8.21
CA LEU A 79 0.38 -42.04 -7.75
C LEU A 79 -0.28 -43.03 -8.69
N GLY A 80 -1.41 -42.66 -9.28
CA GLY A 80 -2.10 -43.56 -10.17
C GLY A 80 -3.21 -44.36 -9.51
N ASN A 81 -4.01 -43.71 -8.67
CA ASN A 81 -5.15 -44.40 -8.07
C ASN A 81 -5.92 -44.96 -9.24
N PRO A 82 -6.12 -46.28 -9.34
CA PRO A 82 -6.68 -46.93 -10.48
C PRO A 82 -8.07 -46.42 -10.83
N GLU A 83 -8.80 -45.86 -9.88
CA GLU A 83 -10.13 -45.38 -10.26
C GLU A 83 -10.12 -44.20 -11.25
N CYS A 84 -8.97 -43.48 -11.35
CA CYS A 84 -8.75 -42.34 -12.21
C CYS A 84 -7.63 -42.64 -13.20
N GLU A 85 -7.54 -43.91 -13.61
CA GLU A 85 -6.53 -44.34 -14.59
C GLU A 85 -6.70 -43.64 -15.93
N LEU A 86 -7.85 -43.05 -16.19
CA LEU A 86 -8.11 -42.37 -17.46
C LEU A 86 -7.23 -41.14 -17.63
N LEU A 87 -6.71 -40.65 -16.52
CA LEU A 87 -5.88 -39.46 -16.52
C LEU A 87 -4.49 -39.77 -17.03
N ILE A 88 -4.15 -41.05 -17.14
CA ILE A 88 -2.82 -41.45 -17.58
C ILE A 88 -2.60 -41.08 -19.03
N SER A 89 -3.69 -40.79 -19.74
CA SER A 89 -3.63 -40.41 -21.14
C SER A 89 -3.48 -38.90 -21.34
N LYS A 90 -3.50 -38.12 -20.27
CA LYS A 90 -3.40 -36.68 -20.40
C LYS A 90 -1.97 -36.24 -20.16
N GLU A 91 -1.30 -35.84 -21.23
CA GLU A 91 0.11 -35.45 -21.16
C GLU A 91 0.29 -33.95 -21.01
N SER A 92 -0.70 -33.16 -21.39
CA SER A 92 -0.54 -31.73 -21.30
C SER A 92 -1.82 -31.09 -20.86
N TRP A 93 -1.69 -29.94 -20.23
CA TRP A 93 -2.83 -29.23 -19.75
C TRP A 93 -2.60 -27.76 -19.54
N SER A 94 -3.67 -27.02 -19.43
CA SER A 94 -3.60 -25.63 -19.08
C SER A 94 -3.59 -25.32 -17.58
N TYR A 95 -4.26 -26.15 -16.79
CA TYR A 95 -4.37 -26.04 -15.34
C TYR A 95 -4.81 -27.36 -14.77
N ILE A 96 -4.74 -27.53 -13.46
CA ILE A 96 -5.17 -28.77 -12.82
C ILE A 96 -6.39 -28.54 -11.94
N VAL A 97 -7.43 -29.35 -12.14
CA VAL A 97 -8.64 -29.20 -11.33
C VAL A 97 -8.96 -30.41 -10.50
N GLU A 98 -9.08 -30.18 -9.21
CA GLU A 98 -9.41 -31.20 -8.23
C GLU A 98 -10.78 -30.93 -7.59
N THR A 99 -11.64 -31.91 -7.36
CA THR A 99 -12.89 -31.60 -6.66
C THR A 99 -12.51 -31.11 -5.25
N PRO A 100 -13.22 -30.17 -4.60
CA PRO A 100 -12.96 -29.70 -3.25
C PRO A 100 -12.84 -30.80 -2.22
N ASN A 101 -13.56 -31.90 -2.39
CA ASN A 101 -13.46 -33.00 -1.45
C ASN A 101 -13.22 -34.32 -2.18
N PRO A 102 -12.00 -34.60 -2.61
CA PRO A 102 -11.63 -35.76 -3.39
C PRO A 102 -11.90 -36.99 -2.62
N GLU A 103 -12.27 -38.02 -3.34
CA GLU A 103 -12.49 -39.32 -2.75
C GLU A 103 -11.36 -40.33 -3.07
N ASN A 104 -10.76 -40.22 -4.29
CA ASN A 104 -9.74 -41.13 -4.82
C ASN A 104 -8.37 -40.43 -4.84
N GLY A 105 -7.62 -40.61 -3.74
CA GLY A 105 -6.32 -40.02 -3.47
C GLY A 105 -5.43 -41.15 -3.12
N THR A 106 -4.74 -41.02 -2.01
CA THR A 106 -3.94 -42.13 -1.64
C THR A 106 -4.89 -43.30 -1.34
N CYS A 107 -4.62 -44.50 -1.91
CA CYS A 107 -5.41 -45.72 -1.74
C CYS A 107 -5.10 -46.35 -0.39
N TYR A 108 -3.81 -46.54 -0.22
CA TYR A 108 -3.25 -47.21 0.90
C TYR A 108 -2.63 -46.07 1.67
N PRO A 109 -3.27 -45.62 2.74
CA PRO A 109 -3.03 -44.36 3.39
C PRO A 109 -1.67 -44.32 3.99
N GLY A 110 -1.15 -43.12 4.13
CA GLY A 110 0.12 -42.89 4.74
C GLY A 110 0.49 -41.47 4.50
N TYR A 111 1.65 -41.07 4.97
CA TYR A 111 2.05 -39.70 4.81
C TYR A 111 2.70 -39.46 3.49
N PHE A 112 2.22 -38.48 2.76
CA PHE A 112 2.83 -38.16 1.49
C PHE A 112 3.77 -37.01 1.80
N ALA A 113 5.05 -37.33 1.83
CA ALA A 113 6.06 -36.41 2.25
C ALA A 113 6.16 -35.27 1.31
N ASP A 114 6.25 -34.10 1.89
CA ASP A 114 6.39 -32.92 1.14
C ASP A 114 5.32 -32.86 0.07
N TYR A 115 4.09 -33.28 0.41
CA TYR A 115 3.02 -33.27 -0.54
C TYR A 115 2.70 -31.88 -0.97
N GLU A 116 2.66 -30.98 -0.03
CA GLU A 116 2.33 -29.62 -0.33
C GLU A 116 3.38 -29.03 -1.25
N GLU A 117 4.64 -29.42 -1.06
CA GLU A 117 5.73 -28.95 -1.92
C GLU A 117 5.60 -29.54 -3.31
N LEU A 118 5.15 -30.79 -3.41
CA LEU A 118 4.97 -31.39 -4.70
C LEU A 118 3.83 -30.74 -5.43
N ARG A 119 2.76 -30.43 -4.74
CA ARG A 119 1.65 -29.76 -5.39
C ARG A 119 2.17 -28.47 -5.96
N GLU A 120 3.06 -27.79 -5.25
CA GLU A 120 3.63 -26.57 -5.78
C GLU A 120 4.55 -26.87 -6.97
N GLN A 121 5.35 -27.93 -6.94
CA GLN A 121 6.21 -28.19 -8.09
C GLN A 121 5.41 -28.50 -9.34
N LEU A 122 4.30 -29.19 -9.18
CA LEU A 122 3.47 -29.57 -10.31
C LEU A 122 2.59 -28.45 -10.77
N SER A 123 2.58 -27.35 -10.04
CA SER A 123 1.74 -26.27 -10.42
C SER A 123 2.30 -25.58 -11.60
N SER A 124 3.62 -25.69 -11.84
CA SER A 124 4.22 -25.01 -12.98
C SER A 124 4.50 -25.97 -14.12
N VAL A 125 4.00 -27.19 -14.03
CA VAL A 125 4.24 -28.14 -15.11
C VAL A 125 3.15 -27.95 -16.11
N SER A 126 3.53 -27.71 -17.36
CA SER A 126 2.55 -27.53 -18.42
C SER A 126 2.29 -28.85 -19.08
N SER A 127 3.28 -29.70 -19.04
CA SER A 127 3.14 -31.02 -19.62
C SER A 127 4.17 -31.98 -19.12
N PHE A 128 3.92 -33.25 -19.34
CA PHE A 128 4.93 -34.22 -19.04
C PHE A 128 4.89 -35.50 -19.82
N GLU A 129 6.01 -36.16 -19.80
CA GLU A 129 6.15 -37.45 -20.46
C GLU A 129 6.29 -38.58 -19.48
N ARG A 130 5.32 -39.47 -19.45
CA ARG A 130 5.40 -40.59 -18.54
C ARG A 130 6.35 -41.61 -19.09
N PHE A 131 7.29 -42.04 -18.30
CA PHE A 131 8.21 -43.01 -18.83
C PHE A 131 8.16 -44.27 -18.09
N GLU A 132 8.36 -45.30 -18.80
CA GLU A 132 8.56 -46.50 -18.10
C GLU A 132 9.98 -46.36 -17.59
N ILE A 133 10.23 -46.62 -16.32
CA ILE A 133 11.59 -46.52 -15.82
C ILE A 133 12.05 -47.92 -15.57
N PHE A 134 11.29 -48.62 -14.75
CA PHE A 134 11.56 -50.01 -14.49
C PHE A 134 10.22 -50.77 -14.65
N PRO A 135 9.61 -50.82 -15.84
CA PRO A 135 8.24 -51.27 -16.09
C PRO A 135 7.86 -52.73 -16.10
N LYS A 136 8.82 -53.60 -16.27
CA LYS A 136 8.50 -54.99 -16.56
C LYS A 136 9.24 -55.95 -15.70
N GLU A 137 8.91 -57.22 -15.86
CA GLU A 137 9.60 -58.32 -15.20
C GLU A 137 11.06 -58.35 -15.62
N SER A 138 11.37 -57.78 -16.79
CA SER A 138 12.73 -57.69 -17.27
C SER A 138 13.55 -56.64 -16.50
N SER A 139 12.87 -55.67 -15.86
CA SER A 139 13.54 -54.66 -15.05
C SER A 139 13.67 -55.22 -13.65
N TRP A 140 12.71 -56.08 -13.31
CA TRP A 140 12.68 -56.70 -12.01
C TRP A 140 12.61 -58.24 -12.05
N PRO A 141 13.56 -58.98 -12.66
CA PRO A 141 13.53 -60.44 -12.75
C PRO A 141 13.39 -61.25 -11.45
N ASN A 142 13.87 -60.70 -10.30
CA ASN A 142 13.84 -61.36 -9.00
C ASN A 142 12.85 -60.74 -8.00
N HIS A 143 11.96 -59.80 -8.43
CA HIS A 143 10.98 -59.14 -7.56
C HIS A 143 9.66 -59.21 -8.27
N THR A 144 8.57 -59.17 -7.53
CA THR A 144 7.30 -59.21 -8.21
C THR A 144 6.39 -58.16 -7.71
N VAL A 145 5.27 -57.97 -8.37
CA VAL A 145 4.33 -56.98 -7.89
C VAL A 145 3.11 -57.63 -7.27
N THR A 146 3.03 -57.47 -5.97
CA THR A 146 1.98 -58.06 -5.15
C THR A 146 1.95 -57.35 -3.81
N GLY A 147 1.24 -57.90 -2.84
CA GLY A 147 1.09 -57.22 -1.56
C GLY A 147 -0.36 -56.86 -1.42
N VAL A 148 -0.69 -55.99 -0.48
CA VAL A 148 -2.11 -55.72 -0.28
C VAL A 148 -2.64 -54.81 -1.36
N SER A 149 -3.63 -55.33 -2.05
CA SER A 149 -4.29 -54.66 -3.15
C SER A 149 -5.77 -54.41 -2.85
N ALA A 150 -6.25 -54.98 -1.76
CA ALA A 150 -7.68 -54.96 -1.46
C ALA A 150 -8.26 -53.57 -1.33
N SER A 151 -7.50 -52.64 -0.79
CA SER A 151 -8.02 -51.30 -0.59
C SER A 151 -7.81 -50.30 -1.73
N CYS A 152 -7.17 -50.71 -2.86
CA CYS A 152 -6.86 -49.84 -3.99
C CYS A 152 -7.47 -50.58 -5.18
N SER A 153 -8.74 -50.96 -5.02
CA SER A 153 -9.43 -51.73 -6.03
C SER A 153 -9.82 -50.90 -7.22
N HIS A 154 -10.12 -51.59 -8.32
CA HIS A 154 -10.55 -50.95 -9.55
C HIS A 154 -11.78 -51.64 -10.07
N ASN A 155 -12.90 -50.95 -10.07
CA ASN A 155 -14.15 -51.53 -10.53
C ASN A 155 -14.46 -52.83 -9.78
N GLY A 156 -14.15 -52.86 -8.49
CA GLY A 156 -14.42 -54.03 -7.67
C GLY A 156 -13.29 -55.07 -7.58
N LYS A 157 -12.25 -54.93 -8.40
CA LYS A 157 -11.17 -55.91 -8.37
C LYS A 157 -9.99 -55.38 -7.57
N SER A 158 -9.38 -56.20 -6.74
CA SER A 158 -8.25 -55.71 -5.95
C SER A 158 -7.15 -55.26 -6.90
N SER A 159 -6.44 -54.17 -6.57
CA SER A 159 -5.40 -53.67 -7.49
C SER A 159 -4.31 -52.78 -6.83
N PHE A 160 -3.46 -52.20 -7.67
CA PHE A 160 -2.34 -51.37 -7.25
C PHE A 160 -2.26 -50.09 -8.06
N TYR A 161 -1.55 -49.11 -7.53
CA TYR A 161 -1.33 -47.83 -8.19
C TYR A 161 -0.69 -47.97 -9.58
N ARG A 162 -1.20 -47.23 -10.55
CA ARG A 162 -0.69 -47.24 -11.91
C ARG A 162 0.73 -46.76 -12.08
N ASN A 163 1.20 -45.82 -11.25
CA ASN A 163 2.56 -45.30 -11.43
C ASN A 163 3.55 -45.84 -10.38
N LEU A 164 3.17 -46.89 -9.65
CA LEU A 164 4.06 -47.43 -8.62
C LEU A 164 4.01 -48.93 -8.52
N LEU A 165 5.15 -49.53 -8.35
CA LEU A 165 5.24 -50.96 -8.24
C LEU A 165 5.56 -51.43 -6.84
N TRP A 166 4.58 -52.01 -6.19
CA TRP A 166 4.76 -52.50 -4.85
C TRP A 166 5.47 -53.81 -4.96
N LEU A 167 6.75 -53.80 -4.63
CA LEU A 167 7.52 -54.99 -4.83
C LEU A 167 7.57 -55.82 -3.59
N THR A 168 7.51 -57.10 -3.79
CA THR A 168 7.67 -58.06 -2.73
C THR A 168 8.65 -59.02 -3.24
N GLY A 169 9.08 -59.90 -2.37
CA GLY A 169 10.01 -60.88 -2.84
C GLY A 169 9.30 -61.89 -3.70
N LYS A 170 10.11 -62.66 -4.41
CA LYS A 170 9.67 -63.69 -5.31
C LYS A 170 10.28 -65.00 -4.85
N ASN A 171 9.48 -66.04 -4.76
CA ASN A 171 9.95 -67.35 -4.33
C ASN A 171 10.64 -67.31 -2.97
N GLY A 172 10.11 -66.49 -2.07
CA GLY A 172 10.63 -66.37 -0.72
C GLY A 172 11.71 -65.32 -0.52
N LEU A 173 12.24 -64.72 -1.59
CA LEU A 173 13.31 -63.76 -1.40
C LEU A 173 13.07 -62.36 -1.93
N TYR A 174 13.62 -61.39 -1.22
CA TYR A 174 13.63 -60.00 -1.66
C TYR A 174 15.09 -59.58 -1.74
N PRO A 175 15.79 -59.81 -2.85
CA PRO A 175 17.20 -59.53 -3.00
C PRO A 175 17.45 -58.08 -2.79
N ASN A 176 18.67 -57.75 -2.31
CA ASN A 176 18.98 -56.35 -2.15
C ASN A 176 18.70 -55.76 -3.48
N LEU A 177 17.93 -54.72 -3.48
CA LEU A 177 17.55 -54.10 -4.69
C LEU A 177 18.49 -53.00 -4.96
N SER A 178 18.96 -52.92 -6.20
CA SER A 178 19.81 -51.84 -6.62
C SER A 178 19.55 -51.52 -8.08
N LYS A 179 19.04 -50.34 -8.31
CA LYS A 179 18.70 -49.89 -9.65
C LYS A 179 19.11 -48.47 -9.81
N SER A 180 19.30 -48.02 -11.03
CA SER A 180 19.57 -46.62 -11.20
C SER A 180 18.98 -46.10 -12.47
N TYR A 181 18.76 -44.82 -12.48
CA TYR A 181 18.26 -44.14 -13.65
C TYR A 181 19.06 -42.92 -13.98
N VAL A 182 19.50 -42.84 -15.22
CA VAL A 182 20.27 -41.70 -15.66
C VAL A 182 19.38 -40.81 -16.47
N ASN A 183 19.29 -39.56 -16.09
CA ASN A 183 18.38 -38.70 -16.77
C ASN A 183 18.95 -38.16 -18.06
N ASN A 184 18.99 -39.01 -19.07
CA ASN A 184 19.51 -38.66 -20.38
C ASN A 184 18.41 -38.04 -21.23
N LYS A 185 17.92 -36.91 -20.75
CA LYS A 185 16.83 -36.13 -21.30
C LYS A 185 17.13 -34.67 -21.00
N GLU A 186 16.55 -33.75 -21.76
CA GLU A 186 16.75 -32.33 -21.50
C GLU A 186 15.86 -31.80 -20.39
N LYS A 187 14.93 -32.63 -19.96
CA LYS A 187 13.93 -32.30 -18.96
C LYS A 187 14.24 -32.87 -17.59
N GLU A 188 13.67 -32.24 -16.55
CA GLU A 188 13.76 -32.72 -15.19
C GLU A 188 12.86 -33.91 -15.03
N VAL A 189 13.24 -34.90 -14.24
CA VAL A 189 12.32 -36.02 -14.07
C VAL A 189 11.84 -36.20 -12.65
N LEU A 190 10.52 -36.22 -12.48
CA LEU A 190 9.92 -36.40 -11.18
C LEU A 190 9.79 -37.84 -10.89
N VAL A 191 10.39 -38.23 -9.82
CA VAL A 191 10.38 -39.61 -9.45
C VAL A 191 9.66 -39.79 -8.15
N LEU A 192 8.66 -40.68 -8.13
CA LEU A 192 7.92 -40.93 -6.91
C LEU A 192 8.26 -42.32 -6.40
N TRP A 193 8.31 -42.49 -5.11
CA TRP A 193 8.56 -43.80 -4.53
C TRP A 193 7.68 -43.95 -3.32
N GLY A 194 7.45 -45.17 -2.90
CA GLY A 194 6.81 -45.30 -1.60
C GLY A 194 7.65 -46.18 -0.69
N VAL A 195 7.39 -46.07 0.60
CA VAL A 195 8.02 -46.95 1.56
C VAL A 195 6.90 -47.57 2.36
N HIS A 196 6.91 -48.87 2.41
CA HIS A 196 5.88 -49.58 3.14
C HIS A 196 6.19 -49.66 4.62
N HIS A 197 5.17 -49.40 5.43
CA HIS A 197 5.20 -49.42 6.88
C HIS A 197 4.09 -50.35 7.41
N PRO A 198 4.35 -51.65 7.50
CA PRO A 198 3.42 -52.68 7.88
C PRO A 198 2.82 -52.41 9.27
N PRO A 199 1.62 -52.94 9.56
CA PRO A 199 0.92 -52.88 10.84
C PRO A 199 1.52 -53.79 11.89
N ASN A 200 2.30 -54.75 11.43
CA ASN A 200 2.82 -55.78 12.29
C ASN A 200 4.10 -56.31 11.71
N ILE A 201 4.96 -56.83 12.57
CA ILE A 201 6.21 -57.42 12.08
C ILE A 201 5.96 -58.62 11.19
N GLY A 202 4.87 -59.36 11.45
CA GLY A 202 4.58 -60.53 10.67
C GLY A 202 4.19 -60.19 9.24
N ASN A 203 3.76 -58.95 9.00
CA ASN A 203 3.34 -58.60 7.67
C ASN A 203 4.52 -58.12 6.87
N GLN A 204 5.67 -57.94 7.50
CA GLN A 204 6.82 -57.49 6.78
C GLN A 204 7.48 -58.75 6.31
N ARG A 205 7.53 -59.71 7.23
CA ARG A 205 8.14 -60.99 6.97
C ARG A 205 7.40 -61.70 5.84
N ALA A 206 6.09 -61.51 5.81
CA ALA A 206 5.20 -62.08 4.81
C ALA A 206 5.50 -61.62 3.39
N LEU A 207 6.11 -60.45 3.23
CA LEU A 207 6.41 -59.92 1.92
C LEU A 207 7.86 -60.18 1.56
N TYR A 208 8.53 -60.91 2.46
CA TYR A 208 9.95 -61.28 2.43
C TYR A 208 10.84 -60.07 2.59
N HIS A 209 10.29 -59.04 3.19
CA HIS A 209 11.02 -57.84 3.49
C HIS A 209 11.67 -58.19 4.81
N THR A 210 12.81 -57.62 5.14
CA THR A 210 13.35 -57.94 6.48
C THR A 210 13.10 -56.91 7.56
N GLU A 211 13.36 -57.34 8.78
CA GLU A 211 13.20 -56.55 9.98
C GLU A 211 14.08 -55.31 9.94
N ASN A 212 15.16 -55.43 9.21
CA ASN A 212 16.17 -54.40 9.04
C ASN A 212 16.07 -53.75 7.68
N ALA A 213 14.88 -53.80 7.10
CA ALA A 213 14.61 -53.21 5.82
C ALA A 213 14.85 -51.73 5.89
N TYR A 214 15.28 -51.18 4.78
CA TYR A 214 15.51 -49.77 4.63
C TYR A 214 15.40 -49.44 3.18
N VAL A 215 15.22 -48.18 2.90
CA VAL A 215 15.22 -47.68 1.57
C VAL A 215 16.23 -46.54 1.50
N SER A 216 17.07 -46.55 0.48
CA SER A 216 18.07 -45.52 0.35
C SER A 216 18.04 -44.91 -1.03
N VAL A 217 17.78 -43.63 -1.09
CA VAL A 217 17.67 -43.00 -2.39
C VAL A 217 18.70 -41.90 -2.48
N VAL A 218 19.56 -41.98 -3.49
CA VAL A 218 20.63 -41.02 -3.64
C VAL A 218 20.75 -40.40 -5.02
N SER A 219 20.98 -39.10 -5.12
CA SER A 219 21.22 -38.49 -6.42
C SER A 219 22.43 -37.61 -6.21
N SER A 220 22.96 -36.96 -7.25
CA SER A 220 24.16 -36.18 -7.00
C SER A 220 23.94 -35.01 -6.05
N HIS A 221 22.69 -34.63 -5.82
CA HIS A 221 22.39 -33.53 -4.95
C HIS A 221 21.67 -33.90 -3.65
N TYR A 222 21.39 -35.18 -3.38
CA TYR A 222 20.72 -35.43 -2.11
C TYR A 222 20.87 -36.87 -1.70
N SER A 223 20.60 -37.14 -0.46
CA SER A 223 20.54 -38.49 -0.01
C SER A 223 19.54 -38.56 1.08
N ARG A 224 18.72 -39.59 1.05
CA ARG A 224 17.76 -39.78 2.09
C ARG A 224 17.67 -41.25 2.41
N ARG A 225 17.61 -41.59 3.69
CA ARG A 225 17.49 -42.98 4.07
C ARG A 225 16.24 -43.13 4.89
N PHE A 226 15.50 -44.19 4.62
CA PHE A 226 14.25 -44.42 5.30
C PHE A 226 14.27 -45.79 5.92
N THR A 227 13.58 -45.95 7.04
CA THR A 227 13.44 -47.28 7.63
C THR A 227 11.95 -47.45 7.87
N PRO A 228 11.42 -48.67 8.01
CA PRO A 228 10.05 -48.91 8.36
C PRO A 228 9.80 -48.57 9.79
N GLU A 229 8.60 -48.11 10.05
CA GLU A 229 8.10 -47.85 11.38
C GLU A 229 6.83 -48.65 11.57
N ILE A 230 6.99 -49.88 12.01
CA ILE A 230 5.87 -50.77 12.17
C ILE A 230 5.08 -50.44 13.39
N ALA A 231 3.78 -50.26 13.21
CA ALA A 231 2.92 -49.91 14.32
C ALA A 231 1.47 -50.22 14.01
N LYS A 232 0.68 -50.48 15.04
CA LYS A 232 -0.73 -50.62 14.78
C LYS A 232 -1.34 -49.25 14.62
N ARG A 233 -2.07 -49.06 13.54
CA ARG A 233 -2.73 -47.80 13.32
C ARG A 233 -4.20 -47.99 13.51
N PRO A 234 -4.98 -46.92 13.75
CA PRO A 234 -6.40 -46.96 13.70
C PRO A 234 -6.69 -47.43 12.30
N LYS A 235 -7.72 -48.22 12.10
CA LYS A 235 -7.97 -48.69 10.76
C LYS A 235 -8.58 -47.62 9.87
N VAL A 236 -7.92 -47.37 8.74
CA VAL A 236 -8.35 -46.38 7.74
C VAL A 236 -8.49 -47.04 6.40
N ARG A 237 -9.67 -46.94 5.79
CA ARG A 237 -9.91 -47.61 4.51
C ARG A 237 -9.55 -49.08 4.61
N ASP A 238 -9.92 -49.69 5.72
CA ASP A 238 -9.69 -51.07 6.08
C ASP A 238 -8.22 -51.48 6.32
N GLN A 239 -7.28 -50.53 6.34
CA GLN A 239 -5.90 -50.89 6.60
C GLN A 239 -5.35 -50.41 7.94
N GLU A 240 -4.59 -51.29 8.61
CA GLU A 240 -3.92 -50.98 9.87
C GLU A 240 -2.47 -50.55 9.68
N GLY A 241 -2.00 -50.57 8.44
CA GLY A 241 -0.63 -50.17 8.13
C GLY A 241 -0.66 -48.92 7.28
N ARG A 242 0.49 -48.54 6.75
CA ARG A 242 0.54 -47.35 5.92
C ARG A 242 1.67 -47.38 4.92
N ILE A 243 1.56 -46.57 3.89
CA ILE A 243 2.64 -46.36 2.93
C ILE A 243 2.97 -44.92 2.83
N ASN A 244 4.21 -44.57 3.05
CA ASN A 244 4.54 -43.18 2.94
C ASN A 244 5.02 -42.94 1.55
N TYR A 245 4.77 -41.76 1.03
CA TYR A 245 5.20 -41.49 -0.32
C TYR A 245 6.23 -40.41 -0.32
N TYR A 246 7.24 -40.58 -1.14
CA TYR A 246 8.37 -39.67 -1.20
C TYR A 246 8.70 -39.33 -2.64
N TRP A 247 9.36 -38.21 -2.88
CA TRP A 247 9.70 -37.86 -4.26
C TRP A 247 10.90 -36.95 -4.41
N THR A 248 11.43 -36.89 -5.64
CA THR A 248 12.50 -35.93 -5.98
C THR A 248 12.42 -35.47 -7.41
N LEU A 249 13.00 -34.32 -7.69
CA LEU A 249 13.15 -33.87 -9.06
C LEU A 249 14.58 -34.03 -9.49
N LEU A 250 14.78 -34.89 -10.48
CA LEU A 250 16.09 -35.23 -10.96
C LEU A 250 16.51 -34.30 -12.09
N GLU A 251 17.63 -33.61 -11.93
CA GLU A 251 18.07 -32.66 -12.95
C GLU A 251 18.63 -33.38 -14.18
N PRO A 252 18.61 -32.78 -15.38
CA PRO A 252 19.18 -33.35 -16.57
C PRO A 252 20.61 -33.74 -16.32
N GLY A 253 20.98 -34.94 -16.70
CA GLY A 253 22.33 -35.45 -16.55
C GLY A 253 22.57 -36.08 -15.18
N ASP A 254 21.63 -35.92 -14.28
CA ASP A 254 21.74 -36.45 -12.93
C ASP A 254 21.35 -37.90 -12.92
N THR A 255 21.79 -38.62 -11.90
CA THR A 255 21.49 -40.04 -11.76
C THR A 255 20.94 -40.38 -10.40
N ILE A 256 19.90 -41.22 -10.34
CA ILE A 256 19.44 -41.69 -9.04
C ILE A 256 19.86 -43.10 -8.82
N ILE A 257 20.51 -43.33 -7.71
CA ILE A 257 20.89 -44.66 -7.31
C ILE A 257 19.89 -45.03 -6.25
N PHE A 258 19.16 -46.07 -6.53
CA PHE A 258 18.02 -46.47 -5.76
C PHE A 258 18.19 -47.85 -5.15
N GLU A 259 18.21 -47.93 -3.83
CA GLU A 259 18.45 -49.22 -3.18
C GLU A 259 17.44 -49.57 -2.10
N ALA A 260 17.22 -50.87 -1.87
CA ALA A 260 16.33 -51.26 -0.78
C ALA A 260 16.57 -52.67 -0.23
N ASN A 261 16.23 -52.84 1.05
CA ASN A 261 16.30 -54.13 1.75
C ASN A 261 14.91 -54.58 2.19
N GLY A 262 13.92 -54.06 1.51
CA GLY A 262 12.53 -54.34 1.77
C GLY A 262 11.75 -53.05 1.84
N ASN A 263 10.43 -53.19 1.82
CA ASN A 263 9.47 -52.12 1.86
C ASN A 263 9.59 -51.13 0.76
N LEU A 264 9.97 -51.55 -0.43
CA LEU A 264 10.05 -50.58 -1.49
C LEU A 264 8.94 -50.67 -2.50
N ILE A 265 8.36 -49.53 -2.77
CA ILE A 265 7.40 -49.36 -3.81
C ILE A 265 8.09 -48.52 -4.90
N ALA A 266 8.51 -49.20 -5.95
CA ALA A 266 9.37 -48.67 -7.00
C ALA A 266 8.63 -47.78 -7.99
N PRO A 267 9.29 -46.81 -8.64
CA PRO A 267 8.68 -45.92 -9.61
C PRO A 267 8.35 -46.61 -10.94
N TRP A 268 7.34 -46.08 -11.62
CA TRP A 268 6.93 -46.47 -12.94
C TRP A 268 6.19 -45.27 -13.47
N TYR A 269 6.42 -44.84 -14.69
CA TYR A 269 5.74 -43.65 -15.18
C TYR A 269 6.15 -42.42 -14.41
N ALA A 270 7.43 -42.36 -14.16
CA ALA A 270 8.06 -41.22 -13.58
C ALA A 270 7.95 -40.23 -14.68
N PHE A 271 8.08 -38.96 -14.46
CA PHE A 271 7.93 -38.17 -15.66
C PHE A 271 8.73 -36.95 -15.87
N ALA A 272 8.98 -36.68 -17.14
CA ALA A 272 9.72 -35.49 -17.53
C ALA A 272 8.85 -34.30 -17.40
N LEU A 273 9.37 -33.24 -16.83
CA LEU A 273 8.58 -32.05 -16.66
C LEU A 273 8.95 -30.94 -17.61
N SER A 274 7.93 -30.41 -18.26
CA SER A 274 8.06 -29.26 -19.11
C SER A 274 7.44 -28.14 -18.31
N ARG A 275 8.23 -27.14 -18.00
CA ARG A 275 7.79 -26.03 -17.16
C ARG A 275 7.18 -24.87 -17.94
N GLY A 276 6.31 -24.12 -17.27
CA GLY A 276 5.68 -22.93 -17.83
C GLY A 276 5.13 -22.08 -16.70
N PHE A 277 4.27 -21.12 -17.00
CA PHE A 277 3.77 -20.28 -15.91
C PHE A 277 2.34 -19.82 -16.15
N GLY A 278 1.69 -19.43 -15.06
CA GLY A 278 0.30 -18.95 -15.04
C GLY A 278 -0.60 -20.10 -14.65
N SER A 279 -0.06 -21.30 -14.72
CA SER A 279 -0.76 -22.51 -14.38
C SER A 279 -0.71 -22.76 -12.89
N GLY A 280 -1.56 -23.67 -12.44
CA GLY A 280 -1.60 -24.08 -11.06
C GLY A 280 -2.75 -25.01 -10.78
N ILE A 281 -2.97 -25.30 -9.51
CA ILE A 281 -3.99 -26.23 -9.08
C ILE A 281 -5.11 -25.49 -8.38
N ILE A 282 -6.34 -25.73 -8.83
CA ILE A 282 -7.50 -25.13 -8.20
C ILE A 282 -8.47 -26.24 -7.84
N THR A 283 -9.38 -25.99 -6.91
CA THR A 283 -10.38 -26.98 -6.64
C THR A 283 -11.72 -26.49 -7.11
N SER A 284 -12.48 -27.34 -7.78
CA SER A 284 -13.76 -26.91 -8.31
C SER A 284 -14.74 -28.02 -8.66
N ASN A 285 -16.03 -27.75 -8.46
CA ASN A 285 -17.07 -28.66 -8.89
C ASN A 285 -17.73 -28.21 -10.18
N ALA A 286 -17.16 -27.22 -10.82
CA ALA A 286 -17.70 -26.74 -12.07
C ALA A 286 -17.48 -27.85 -13.11
N PRO A 287 -18.40 -28.05 -14.07
CA PRO A 287 -18.30 -28.98 -15.18
C PRO A 287 -17.35 -28.43 -16.20
N MET A 288 -16.76 -29.28 -17.02
CA MET A 288 -15.96 -28.83 -18.14
C MET A 288 -16.83 -28.69 -19.36
N ASP A 289 -16.63 -27.63 -20.14
CA ASP A 289 -17.39 -27.50 -21.38
C ASP A 289 -16.58 -26.87 -22.51
N GLU A 290 -17.21 -26.76 -23.66
CA GLU A 290 -16.56 -26.21 -24.83
C GLU A 290 -16.61 -24.68 -24.86
N CYS A 291 -15.69 -24.06 -24.12
CA CYS A 291 -15.55 -22.61 -23.94
C CYS A 291 -14.07 -22.28 -23.79
N ASP A 292 -13.74 -21.00 -23.91
CA ASP A 292 -12.35 -20.58 -23.91
C ASP A 292 -12.22 -19.27 -23.15
N ALA A 293 -11.24 -19.21 -22.26
CA ALA A 293 -10.99 -18.06 -21.41
C ALA A 293 -9.51 -17.85 -21.18
N LYS A 294 -9.13 -16.66 -20.78
CA LYS A 294 -7.73 -16.45 -20.42
C LYS A 294 -7.38 -16.66 -18.93
N CYS A 295 -8.38 -16.55 -18.02
CA CYS A 295 -8.31 -16.67 -16.57
C CYS A 295 -9.51 -17.42 -16.04
N GLN A 296 -9.27 -18.31 -15.09
CA GLN A 296 -10.37 -19.00 -14.47
C GLN A 296 -10.26 -19.05 -12.98
N THR A 297 -11.40 -19.11 -12.31
CA THR A 297 -11.36 -19.21 -10.87
C THR A 297 -12.08 -20.51 -10.55
N PRO A 298 -12.07 -21.01 -9.31
CA PRO A 298 -12.82 -22.15 -8.84
C PRO A 298 -14.31 -22.08 -9.07
N GLN A 299 -14.88 -20.90 -9.25
CA GLN A 299 -16.31 -20.83 -9.44
C GLN A 299 -16.69 -20.92 -10.91
N GLY A 300 -15.70 -20.85 -11.79
CA GLY A 300 -15.93 -20.81 -13.22
C GLY A 300 -15.03 -19.79 -13.89
N ALA A 301 -14.93 -19.91 -15.20
CA ALA A 301 -14.11 -19.06 -16.03
C ALA A 301 -14.56 -17.62 -16.08
N ILE A 302 -13.61 -16.69 -16.18
CA ILE A 302 -13.96 -15.29 -16.30
C ILE A 302 -13.23 -14.69 -17.50
N ASN A 303 -13.73 -13.57 -18.05
CA ASN A 303 -13.06 -12.81 -19.13
C ASN A 303 -12.22 -11.69 -18.50
N SER A 304 -10.88 -11.87 -18.42
CA SER A 304 -9.92 -10.98 -17.74
C SER A 304 -9.56 -9.72 -18.51
N SER A 305 -10.59 -8.95 -18.83
CA SER A 305 -10.41 -7.71 -19.54
C SER A 305 -10.37 -6.54 -18.58
N LEU A 306 -10.88 -6.73 -17.36
CA LEU A 306 -10.93 -5.65 -16.40
C LEU A 306 -9.79 -5.86 -15.41
N PRO A 307 -9.13 -4.81 -14.89
CA PRO A 307 -8.05 -4.85 -13.90
C PRO A 307 -8.27 -5.62 -12.59
N PHE A 308 -9.51 -5.66 -12.10
CA PHE A 308 -9.82 -6.33 -10.84
C PHE A 308 -10.96 -7.32 -10.98
N GLN A 309 -11.03 -8.27 -10.06
CA GLN A 309 -12.17 -9.17 -9.97
C GLN A 309 -12.55 -9.40 -8.53
N ASN A 310 -13.82 -9.70 -8.27
CA ASN A 310 -14.25 -10.01 -6.91
C ASN A 310 -14.94 -11.35 -6.88
N VAL A 311 -14.53 -12.23 -7.76
CA VAL A 311 -15.11 -13.54 -7.87
C VAL A 311 -14.43 -14.48 -6.89
N HIS A 312 -13.11 -14.53 -6.88
CA HIS A 312 -12.46 -15.47 -5.99
C HIS A 312 -10.99 -15.12 -5.78
N PRO A 313 -10.38 -15.29 -4.59
CA PRO A 313 -8.96 -15.11 -4.35
C PRO A 313 -8.00 -16.06 -5.06
N VAL A 314 -8.45 -17.24 -5.48
CA VAL A 314 -7.54 -18.19 -6.11
C VAL A 314 -7.77 -18.28 -7.59
N THR A 315 -6.80 -17.86 -8.39
CA THR A 315 -7.04 -17.89 -9.82
C THR A 315 -5.87 -18.43 -10.60
N ILE A 316 -6.16 -18.89 -11.82
CA ILE A 316 -5.21 -19.39 -12.80
C ILE A 316 -5.25 -18.71 -14.14
N GLY A 317 -4.10 -18.54 -14.76
CA GLY A 317 -4.02 -17.93 -16.07
C GLY A 317 -3.74 -16.44 -15.99
N GLU A 318 -4.07 -15.74 -17.06
CA GLU A 318 -3.75 -14.34 -17.20
C GLU A 318 -4.87 -13.54 -16.52
N CYS A 319 -4.72 -13.40 -15.18
CA CYS A 319 -5.76 -12.90 -14.26
C CYS A 319 -5.63 -11.46 -13.71
N PRO A 320 -6.78 -10.83 -13.43
CA PRO A 320 -6.95 -9.54 -12.78
C PRO A 320 -6.74 -9.70 -11.28
N LYS A 321 -6.58 -8.61 -10.57
CA LYS A 321 -6.35 -8.68 -9.13
C LYS A 321 -7.61 -8.85 -8.29
N TYR A 322 -7.58 -9.81 -7.38
CA TYR A 322 -8.72 -10.02 -6.49
C TYR A 322 -8.83 -8.94 -5.44
N VAL A 323 -10.02 -8.39 -5.29
CA VAL A 323 -10.31 -7.41 -4.26
C VAL A 323 -11.54 -7.82 -3.49
N ARG A 324 -11.72 -7.28 -2.29
CA ARG A 324 -12.92 -7.57 -1.52
C ARG A 324 -14.05 -6.62 -1.88
N SER A 325 -13.74 -5.62 -2.69
CA SER A 325 -14.69 -4.59 -3.06
C SER A 325 -15.85 -5.17 -3.79
N ALA A 326 -17.06 -4.70 -3.49
CA ALA A 326 -18.23 -5.16 -4.23
C ALA A 326 -18.28 -4.58 -5.63
N LYS A 327 -17.91 -3.30 -5.75
CA LYS A 327 -17.94 -2.56 -7.01
C LYS A 327 -16.77 -1.59 -7.12
N LEU A 328 -16.16 -1.52 -8.29
CA LEU A 328 -15.13 -0.53 -8.60
C LEU A 328 -15.44 0.11 -9.91
N ARG A 329 -16.41 0.99 -9.91
CA ARG A 329 -16.79 1.62 -11.14
C ARG A 329 -16.20 3.01 -11.18
N MET A 330 -15.48 3.28 -12.24
CA MET A 330 -14.80 4.53 -12.45
C MET A 330 -15.55 5.44 -13.37
N VAL A 331 -15.57 6.69 -13.02
CA VAL A 331 -16.25 7.69 -13.80
C VAL A 331 -15.42 8.09 -14.97
N THR A 332 -16.01 8.15 -16.16
CA THR A 332 -15.25 8.68 -17.25
C THR A 332 -16.06 9.85 -17.68
N GLY A 333 -17.35 9.76 -17.37
CA GLY A 333 -18.32 10.76 -17.79
C GLY A 333 -18.67 11.83 -16.77
N LEU A 334 -19.78 12.46 -17.04
CA LEU A 334 -20.36 13.61 -16.36
C LEU A 334 -21.37 13.19 -15.32
N ARG A 335 -21.71 14.03 -14.33
CA ARG A 335 -22.79 13.57 -13.46
C ARG A 335 -24.07 13.56 -14.30
N ASN A 336 -24.83 12.49 -14.23
CA ASN A 336 -26.03 12.37 -15.04
C ASN A 336 -27.23 13.00 -14.38
N ILE A 337 -27.19 14.31 -14.32
CA ILE A 337 -28.21 15.14 -13.73
C ILE A 337 -28.72 16.12 -14.76
N PRO A 338 -29.87 15.90 -15.42
CA PRO A 338 -30.48 16.78 -16.42
C PRO A 338 -30.89 18.12 -15.76
N SER A 339 -30.82 19.26 -16.51
CA SER A 339 -31.23 20.61 -16.09
C SER A 339 -32.65 20.61 -15.46
N ILE B 10 -32.56 24.10 -21.99
CA ILE B 10 -32.94 25.54 -21.82
C ILE B 10 -31.92 26.21 -20.92
N ALA B 11 -31.42 25.50 -19.91
CA ALA B 11 -30.49 26.10 -18.94
C ALA B 11 -29.13 25.53 -19.19
N GLY B 12 -28.19 25.76 -18.27
CA GLY B 12 -26.97 24.99 -18.48
C GLY B 12 -26.50 24.24 -17.24
N PHE B 13 -25.17 24.06 -17.13
CA PHE B 13 -24.49 23.26 -16.07
C PHE B 13 -24.78 23.70 -14.65
N ILE B 14 -25.25 24.91 -14.51
CA ILE B 14 -25.60 25.45 -13.22
C ILE B 14 -26.72 24.60 -12.61
N GLU B 15 -27.68 24.17 -13.44
CA GLU B 15 -28.80 23.36 -12.98
C GLU B 15 -28.63 21.88 -13.33
N GLY B 16 -27.93 21.58 -14.42
CA GLY B 16 -27.75 20.21 -14.87
C GLY B 16 -27.33 20.11 -16.34
N GLY B 17 -27.33 18.90 -16.89
CA GLY B 17 -26.93 18.69 -18.26
C GLY B 17 -28.10 18.68 -19.24
N TRP B 18 -27.76 18.47 -20.49
CA TRP B 18 -28.75 18.47 -21.55
C TRP B 18 -28.95 17.11 -22.15
N THR B 19 -30.19 16.72 -22.35
CA THR B 19 -30.46 15.43 -22.98
C THR B 19 -30.60 15.59 -24.48
N GLY B 20 -30.55 16.85 -24.93
CA GLY B 20 -30.67 17.15 -26.34
C GLY B 20 -29.31 17.23 -27.02
N MET B 21 -28.24 17.05 -26.26
CA MET B 21 -26.90 17.12 -26.83
C MET B 21 -26.39 15.71 -26.81
N VAL B 22 -26.07 15.16 -27.98
CA VAL B 22 -25.65 13.74 -28.00
C VAL B 22 -24.22 13.70 -28.53
N ASP B 23 -23.74 14.85 -29.04
CA ASP B 23 -22.41 14.92 -29.67
C ASP B 23 -21.36 15.42 -28.67
N GLY B 24 -21.73 15.78 -27.43
CA GLY B 24 -20.74 16.43 -26.53
C GLY B 24 -20.82 16.27 -25.03
N TRP B 25 -19.69 15.91 -24.38
CA TRP B 25 -19.54 15.88 -22.93
C TRP B 25 -19.57 17.36 -22.70
N TYR B 26 -18.97 18.13 -23.61
CA TYR B 26 -19.23 19.53 -23.36
C TYR B 26 -19.61 20.22 -24.59
N GLY B 27 -20.48 21.20 -24.43
CA GLY B 27 -20.93 21.93 -25.58
C GLY B 27 -21.87 23.04 -25.25
N TYR B 28 -22.51 23.51 -26.29
CA TYR B 28 -23.37 24.65 -26.22
C TYR B 28 -24.77 24.36 -26.71
N HIS B 29 -25.69 25.12 -26.19
CA HIS B 29 -27.06 25.11 -26.63
C HIS B 29 -27.37 26.48 -27.10
N HIS B 30 -28.07 26.60 -28.20
CA HIS B 30 -28.39 27.94 -28.63
C HIS B 30 -29.76 28.11 -29.22
N GLN B 31 -30.19 29.36 -29.15
CA GLN B 31 -31.36 29.82 -29.87
C GLN B 31 -30.97 31.15 -30.49
N ASN B 32 -31.28 31.36 -31.76
CA ASN B 32 -30.96 32.63 -32.40
C ASN B 32 -31.94 32.89 -33.53
N GLU B 33 -31.81 34.03 -34.21
CA GLU B 33 -32.78 34.38 -35.26
C GLU B 33 -32.78 33.40 -36.44
N GLN B 34 -31.68 32.71 -36.64
CA GLN B 34 -31.49 31.78 -37.73
C GLN B 34 -31.42 30.31 -37.30
N GLY B 35 -31.77 29.97 -36.05
CA GLY B 35 -31.64 28.56 -35.68
C GLY B 35 -31.78 28.20 -34.20
N SER B 36 -31.69 26.89 -33.94
CA SER B 36 -31.80 26.32 -32.60
C SER B 36 -31.15 24.95 -32.55
N GLY B 37 -30.48 24.63 -31.44
CA GLY B 37 -29.91 23.27 -31.30
C GLY B 37 -28.73 23.15 -30.34
N TYR B 38 -28.11 21.96 -30.35
CA TYR B 38 -27.00 21.67 -29.46
C TYR B 38 -25.78 21.20 -30.22
N ALA B 39 -24.59 21.53 -29.71
CA ALA B 39 -23.35 21.01 -30.32
C ALA B 39 -22.17 20.96 -29.36
N ALA B 40 -21.31 19.95 -29.51
CA ALA B 40 -20.07 19.81 -28.75
C ALA B 40 -18.97 20.69 -29.30
N ASP B 41 -17.96 20.96 -28.49
CA ASP B 41 -16.82 21.74 -29.00
C ASP B 41 -15.45 21.15 -28.64
N GLN B 42 -14.43 22.01 -28.84
CA GLN B 42 -13.01 21.75 -28.64
C GLN B 42 -12.60 21.44 -27.18
N LYS B 43 -13.45 21.70 -26.19
CA LYS B 43 -13.04 21.36 -24.83
C LYS B 43 -13.39 19.94 -24.49
N SER B 44 -14.14 19.29 -25.37
CA SER B 44 -14.45 17.90 -25.20
C SER B 44 -13.46 17.17 -26.04
N THR B 45 -13.47 17.52 -27.32
CA THR B 45 -12.67 16.77 -28.26
C THR B 45 -11.20 17.04 -27.93
N GLN B 46 -10.46 15.97 -27.66
CA GLN B 46 -9.05 15.97 -27.29
C GLN B 46 -8.68 16.72 -26.03
N ASN B 47 -9.64 17.09 -25.23
CA ASN B 47 -9.31 17.76 -24.00
C ASN B 47 -9.93 16.94 -22.92
N ALA B 48 -11.21 17.11 -22.64
CA ALA B 48 -11.75 16.23 -21.63
C ALA B 48 -11.61 14.78 -22.06
N ILE B 49 -11.81 14.50 -23.35
CA ILE B 49 -11.68 13.14 -23.83
C ILE B 49 -10.28 12.61 -23.65
N ASN B 50 -9.27 13.43 -23.92
CA ASN B 50 -7.88 12.98 -23.84
C ASN B 50 -7.41 12.85 -22.41
N GLY B 51 -7.83 13.76 -21.56
CA GLY B 51 -7.45 13.72 -20.17
C GLY B 51 -7.99 12.44 -19.59
N ILE B 52 -9.27 12.18 -19.87
CA ILE B 52 -9.87 10.97 -19.37
C ILE B 52 -9.23 9.76 -20.01
N THR B 53 -8.97 9.76 -21.31
CA THR B 53 -8.36 8.58 -21.86
C THR B 53 -7.07 8.25 -21.17
N ASN B 54 -6.23 9.25 -20.90
CA ASN B 54 -4.98 8.95 -20.25
C ASN B 54 -5.22 8.41 -18.86
N LYS B 55 -6.21 8.95 -18.15
CA LYS B 55 -6.52 8.45 -16.81
C LYS B 55 -7.03 7.03 -16.80
N VAL B 56 -7.85 6.69 -17.78
CA VAL B 56 -8.41 5.36 -17.86
C VAL B 56 -7.30 4.39 -18.15
N ASN B 57 -6.46 4.74 -19.12
CA ASN B 57 -5.36 3.86 -19.44
C ASN B 57 -4.39 3.76 -18.31
N SER B 58 -4.19 4.83 -17.55
CA SER B 58 -3.26 4.78 -16.44
C SER B 58 -3.74 3.80 -15.40
N VAL B 59 -5.03 3.85 -15.06
CA VAL B 59 -5.56 2.96 -14.05
C VAL B 59 -5.42 1.51 -14.48
N ILE B 60 -5.68 1.24 -15.74
CA ILE B 60 -5.57 -0.10 -16.27
C ILE B 60 -4.11 -0.58 -16.31
N GLU B 61 -3.20 0.27 -16.80
CA GLU B 61 -1.78 -0.01 -16.94
C GLU B 61 -1.10 -0.26 -15.62
N LYS B 62 -1.56 0.42 -14.57
CA LYS B 62 -0.99 0.28 -13.24
C LYS B 62 -1.13 -1.11 -12.64
N MET B 63 -2.09 -1.92 -13.08
CA MET B 63 -2.16 -3.22 -12.44
C MET B 63 -1.28 -4.25 -13.13
N ASN B 64 -0.59 -5.02 -12.31
CA ASN B 64 0.28 -6.10 -12.73
C ASN B 64 -0.49 -7.40 -12.86
N THR B 65 -0.57 -7.94 -14.08
CA THR B 65 -1.33 -9.15 -14.33
C THR B 65 -0.83 -10.20 -13.36
N GLN B 66 -1.76 -10.92 -12.74
CA GLN B 66 -1.43 -11.85 -11.68
C GLN B 66 -0.87 -13.19 -12.06
N PHE B 67 0.33 -13.15 -12.63
CA PHE B 67 1.06 -14.38 -12.94
C PHE B 67 1.87 -14.71 -11.71
N THR B 68 1.15 -15.10 -10.69
CA THR B 68 1.68 -15.35 -9.36
C THR B 68 1.19 -16.68 -8.83
N ALA B 69 1.50 -16.97 -7.59
CA ALA B 69 1.10 -18.22 -6.99
C ALA B 69 -0.40 -18.32 -7.00
N VAL B 70 -0.90 -19.49 -7.31
CA VAL B 70 -2.33 -19.71 -7.33
C VAL B 70 -2.86 -19.85 -5.91
N GLY B 71 -2.19 -20.66 -5.12
CA GLY B 71 -2.53 -20.89 -3.74
C GLY B 71 -1.61 -21.97 -3.23
N LYS B 72 -1.56 -22.16 -1.92
CA LYS B 72 -0.69 -23.17 -1.34
C LYS B 72 -1.40 -23.93 -0.26
N GLU B 73 -1.03 -25.19 -0.11
CA GLU B 73 -1.55 -26.01 0.96
C GLU B 73 -0.53 -26.06 2.06
N PHE B 74 -0.98 -26.29 3.29
CA PHE B 74 -0.11 -26.39 4.44
C PHE B 74 -0.43 -27.63 5.27
N ASN B 75 0.56 -28.11 5.99
CA ASN B 75 0.41 -29.29 6.84
C ASN B 75 -0.21 -28.95 8.20
N LYS B 76 -0.41 -29.98 9.01
CA LYS B 76 -0.97 -29.83 10.36
C LYS B 76 -0.03 -29.11 11.29
N LEU B 77 1.25 -29.30 11.08
CA LEU B 77 2.28 -28.72 11.91
C LEU B 77 2.91 -27.52 11.24
N GLU B 78 2.23 -26.96 10.27
CA GLU B 78 2.71 -25.77 9.61
C GLU B 78 1.73 -24.65 9.79
N ARG B 79 1.04 -24.63 10.91
CA ARG B 79 0.03 -23.61 11.15
C ARG B 79 0.62 -22.20 11.14
N ARG B 80 1.83 -22.03 11.65
CA ARG B 80 2.42 -20.69 11.61
C ARG B 80 2.71 -20.26 10.18
N MET B 81 3.06 -21.22 9.32
CA MET B 81 3.35 -20.96 7.92
C MET B 81 2.08 -20.67 7.18
N GLU B 82 1.01 -21.37 7.57
CA GLU B 82 -0.28 -21.16 6.97
C GLU B 82 -0.74 -19.79 7.33
N ASN B 83 -0.58 -19.41 8.60
CA ASN B 83 -0.99 -18.13 9.07
C ASN B 83 -0.13 -17.04 8.52
N LEU B 84 1.14 -17.32 8.25
CA LEU B 84 1.97 -16.31 7.65
C LEU B 84 1.49 -16.10 6.25
N ASN B 85 1.21 -17.18 5.53
CA ASN B 85 0.73 -17.03 4.17
C ASN B 85 -0.59 -16.32 4.16
N LYS B 86 -1.46 -16.66 5.11
CA LYS B 86 -2.76 -16.05 5.17
C LYS B 86 -2.61 -14.59 5.48
N LYS B 87 -1.74 -14.25 6.43
CA LYS B 87 -1.52 -12.87 6.78
C LYS B 87 -1.04 -12.10 5.58
N VAL B 88 -0.15 -12.71 4.80
CA VAL B 88 0.37 -12.07 3.63
C VAL B 88 -0.76 -11.86 2.63
N ASP B 89 -1.62 -12.86 2.41
CA ASP B 89 -2.72 -12.70 1.48
C ASP B 89 -3.75 -11.70 1.96
N ASP B 90 -4.05 -11.69 3.25
CA ASP B 90 -5.03 -10.78 3.81
C ASP B 90 -4.47 -9.40 3.83
N GLY B 91 -3.19 -9.28 4.10
CA GLY B 91 -2.51 -8.02 4.14
C GLY B 91 -2.54 -7.41 2.78
N PHE B 92 -2.10 -8.17 1.77
CA PHE B 92 -2.07 -7.67 0.43
C PHE B 92 -3.46 -7.45 -0.08
N LEU B 93 -4.41 -8.28 0.32
CA LEU B 93 -5.76 -8.08 -0.11
C LEU B 93 -6.35 -6.82 0.48
N ASP B 94 -6.13 -6.54 1.76
CA ASP B 94 -6.67 -5.32 2.34
C ASP B 94 -5.96 -4.12 1.77
N ILE B 95 -4.67 -4.24 1.50
CA ILE B 95 -3.93 -3.13 0.93
C ILE B 95 -4.41 -2.85 -0.46
N TRP B 96 -4.59 -3.88 -1.28
CA TRP B 96 -5.07 -3.66 -2.62
C TRP B 96 -6.52 -3.31 -2.69
N THR B 97 -7.35 -3.78 -1.75
CA THR B 97 -8.75 -3.40 -1.76
C THR B 97 -8.77 -1.93 -1.41
N TYR B 98 -7.98 -1.55 -0.41
CA TYR B 98 -7.87 -0.19 0.02
C TYR B 98 -7.37 0.67 -1.11
N ASN B 99 -6.30 0.26 -1.78
CA ASN B 99 -5.76 1.06 -2.86
C ASN B 99 -6.70 1.11 -4.03
N ALA B 100 -7.36 0.00 -4.35
CA ALA B 100 -8.24 -0.03 -5.50
C ALA B 100 -9.45 0.81 -5.28
N GLU B 101 -10.03 0.75 -4.08
CA GLU B 101 -11.21 1.53 -3.82
C GLU B 101 -10.83 2.96 -3.61
N LEU B 102 -9.69 3.23 -3.00
CA LEU B 102 -9.30 4.59 -2.76
C LEU B 102 -8.93 5.24 -4.07
N LEU B 103 -8.26 4.49 -4.96
CA LEU B 103 -7.91 5.05 -6.24
C LEU B 103 -9.17 5.37 -6.95
N VAL B 104 -10.15 4.47 -6.94
CA VAL B 104 -11.37 4.78 -7.62
C VAL B 104 -12.11 5.95 -6.99
N LEU B 105 -12.21 6.03 -5.66
CA LEU B 105 -12.93 7.13 -5.04
C LEU B 105 -12.26 8.46 -5.29
N LEU B 106 -10.94 8.50 -5.23
CA LEU B 106 -10.23 9.73 -5.44
C LEU B 106 -10.23 10.09 -6.89
N GLU B 107 -10.12 9.11 -7.76
CA GLU B 107 -10.10 9.41 -9.16
C GLU B 107 -11.49 9.81 -9.58
N ASN B 108 -12.54 9.24 -8.97
CA ASN B 108 -13.88 9.63 -9.33
C ASN B 108 -14.18 11.01 -8.84
N GLU B 109 -13.66 11.39 -7.67
CA GLU B 109 -13.91 12.73 -7.20
C GLU B 109 -13.13 13.70 -8.07
N ARG B 110 -11.91 13.34 -8.44
CA ARG B 110 -11.08 14.18 -9.27
C ARG B 110 -11.64 14.29 -10.67
N THR B 111 -12.21 13.20 -11.19
CA THR B 111 -12.81 13.20 -12.51
C THR B 111 -14.02 14.06 -12.53
N LEU B 112 -14.87 13.95 -11.53
CA LEU B 112 -16.04 14.78 -11.55
C LEU B 112 -15.65 16.23 -11.35
N ASP B 113 -14.62 16.50 -10.53
CA ASP B 113 -14.15 17.85 -10.33
C ASP B 113 -13.52 18.39 -11.62
N PHE B 114 -12.82 17.52 -12.35
CA PHE B 114 -12.20 17.84 -13.63
C PHE B 114 -13.28 18.27 -14.58
N HIS B 115 -14.35 17.50 -14.65
CA HIS B 115 -15.43 17.82 -15.52
C HIS B 115 -16.16 19.10 -15.12
N ASP B 116 -16.32 19.34 -13.83
CA ASP B 116 -16.98 20.57 -13.43
C ASP B 116 -16.07 21.74 -13.79
N SER B 117 -14.76 21.54 -13.63
CA SER B 117 -13.81 22.56 -13.97
C SER B 117 -13.86 22.86 -15.45
N ASN B 118 -13.96 21.82 -16.28
CA ASN B 118 -13.97 22.00 -17.72
C ASN B 118 -15.22 22.74 -18.21
N VAL B 119 -16.38 22.49 -17.61
CA VAL B 119 -17.54 23.23 -18.07
C VAL B 119 -17.43 24.66 -17.57
N LYS B 120 -16.87 24.85 -16.37
CA LYS B 120 -16.65 26.20 -15.89
C LYS B 120 -15.64 26.92 -16.77
N ASN B 121 -14.64 26.21 -17.29
CA ASN B 121 -13.65 26.84 -18.13
C ASN B 121 -14.30 27.36 -19.38
N LEU B 122 -15.29 26.64 -19.91
CA LEU B 122 -16.02 27.15 -21.06
C LEU B 122 -16.78 28.39 -20.68
N TYR B 123 -17.34 28.39 -19.48
CA TYR B 123 -18.11 29.51 -19.02
C TYR B 123 -17.23 30.74 -18.90
N GLU B 124 -16.01 30.56 -18.38
CA GLU B 124 -15.07 31.65 -18.23
C GLU B 124 -14.58 32.12 -19.61
N LYS B 125 -14.41 31.18 -20.54
CA LYS B 125 -13.99 31.53 -21.90
C LYS B 125 -15.01 32.42 -22.57
N VAL B 126 -16.26 32.02 -22.49
CA VAL B 126 -17.28 32.79 -23.11
C VAL B 126 -17.46 34.09 -22.39
N LYS B 127 -17.50 34.08 -21.06
CA LYS B 127 -17.61 35.32 -20.29
C LYS B 127 -16.51 36.29 -20.67
N SER B 128 -15.30 35.81 -20.87
CA SER B 128 -14.21 36.70 -21.24
C SER B 128 -14.51 37.47 -22.54
N GLN B 129 -15.22 36.84 -23.49
CA GLN B 129 -15.51 37.55 -24.72
C GLN B 129 -16.87 38.28 -24.67
N LEU B 130 -17.85 37.76 -23.93
CA LEU B 130 -19.17 38.38 -23.94
C LEU B 130 -19.47 39.36 -22.82
N LYS B 131 -18.78 39.31 -21.68
CA LYS B 131 -19.16 40.18 -20.57
C LYS B 131 -19.17 41.65 -20.96
N ASN B 132 -18.32 42.01 -21.90
CA ASN B 132 -18.16 43.36 -22.38
C ASN B 132 -19.44 43.89 -23.01
N ASN B 133 -20.24 42.98 -23.55
CA ASN B 133 -21.49 43.31 -24.18
C ASN B 133 -22.60 42.30 -23.83
N ALA B 134 -22.50 41.66 -22.66
CA ALA B 134 -23.51 40.68 -22.23
C ALA B 134 -24.53 41.37 -21.39
N LYS B 135 -25.76 40.94 -21.56
CA LYS B 135 -26.89 41.47 -20.83
C LYS B 135 -27.03 40.83 -19.47
N GLU B 136 -26.82 39.54 -19.44
CA GLU B 136 -26.93 38.79 -18.23
C GLU B 136 -26.07 37.56 -18.34
N ILE B 137 -25.38 37.27 -17.26
CA ILE B 137 -24.61 36.06 -17.20
C ILE B 137 -25.03 35.28 -15.96
N GLY B 138 -25.52 34.07 -16.17
CA GLY B 138 -25.94 33.22 -15.07
C GLY B 138 -26.88 32.10 -15.50
N ASN B 139 -27.00 31.08 -14.65
CA ASN B 139 -27.83 29.90 -14.90
C ASN B 139 -27.35 29.13 -16.14
N GLY B 140 -26.07 29.34 -16.49
CA GLY B 140 -25.40 28.70 -17.60
C GLY B 140 -25.62 29.47 -18.90
N CYS B 141 -26.39 30.56 -18.87
CA CYS B 141 -26.70 31.28 -20.09
C CYS B 141 -26.10 32.66 -20.21
N PHE B 142 -25.73 32.97 -21.43
CA PHE B 142 -25.27 34.28 -21.80
C PHE B 142 -26.25 34.98 -22.72
N GLU B 143 -26.76 36.09 -22.21
CA GLU B 143 -27.70 36.95 -22.92
C GLU B 143 -26.85 38.06 -23.56
N PHE B 144 -27.32 38.62 -24.65
CA PHE B 144 -26.60 39.67 -25.37
C PHE B 144 -27.37 40.99 -25.40
N TYR B 145 -26.65 42.10 -25.62
CA TYR B 145 -27.32 43.40 -25.79
C TYR B 145 -27.57 43.74 -27.26
N HIS B 146 -27.43 42.71 -28.13
CA HIS B 146 -27.67 42.75 -29.58
C HIS B 146 -28.31 41.42 -29.94
N LYS B 147 -29.00 41.36 -31.07
CA LYS B 147 -29.55 40.08 -31.50
C LYS B 147 -28.50 39.28 -32.28
N CYS B 148 -28.50 37.94 -32.08
CA CYS B 148 -27.60 36.98 -32.71
C CYS B 148 -28.28 36.18 -33.81
N ASN B 149 -27.43 35.82 -34.75
CA ASN B 149 -27.62 34.97 -35.91
C ASN B 149 -26.73 33.73 -35.74
N ASN B 150 -26.66 32.87 -36.75
CA ASN B 150 -25.81 31.70 -36.58
C ASN B 150 -24.33 32.05 -36.56
N GLU B 151 -23.92 33.14 -37.23
CA GLU B 151 -22.51 33.53 -37.25
C GLU B 151 -21.98 33.93 -35.84
N CYS B 152 -22.82 34.63 -35.03
CA CYS B 152 -22.58 35.02 -33.63
C CYS B 152 -22.31 33.76 -32.82
N MET B 153 -23.19 32.77 -32.96
CA MET B 153 -23.00 31.56 -32.22
C MET B 153 -21.73 30.82 -32.60
N GLU B 154 -21.39 30.79 -33.89
CA GLU B 154 -20.19 30.04 -34.26
C GLU B 154 -18.95 30.72 -33.70
N SER B 155 -18.94 32.04 -33.70
CA SER B 155 -17.78 32.74 -33.18
C SER B 155 -17.62 32.51 -31.68
N VAL B 156 -18.73 32.50 -30.95
CA VAL B 156 -18.60 32.31 -29.51
C VAL B 156 -18.09 30.91 -29.21
N LYS B 157 -18.62 29.92 -29.92
CA LYS B 157 -18.21 28.54 -29.68
C LYS B 157 -16.73 28.29 -29.97
N ASN B 158 -16.19 28.88 -31.04
CA ASN B 158 -14.78 28.69 -31.37
C ASN B 158 -13.87 29.54 -30.48
N GLY B 159 -14.36 30.70 -30.06
CA GLY B 159 -13.56 31.63 -29.27
C GLY B 159 -13.03 32.74 -30.13
N THR B 160 -13.76 33.06 -31.19
CA THR B 160 -13.40 34.08 -32.14
C THR B 160 -14.42 35.20 -32.05
N TYR B 161 -15.12 35.30 -30.91
CA TYR B 161 -16.10 36.36 -30.81
C TYR B 161 -15.32 37.60 -30.53
N ASP B 162 -15.01 38.29 -31.61
CA ASP B 162 -14.19 39.46 -31.52
C ASP B 162 -15.11 40.57 -31.12
N TYR B 163 -15.39 40.62 -29.81
CA TYR B 163 -16.38 41.51 -29.25
C TYR B 163 -16.36 42.96 -29.74
N PRO B 164 -15.24 43.66 -30.08
CA PRO B 164 -15.30 45.04 -30.49
C PRO B 164 -16.14 45.24 -31.77
N LYS B 165 -16.38 44.18 -32.53
CA LYS B 165 -17.15 44.25 -33.76
C LYS B 165 -18.64 44.06 -33.48
N TYR B 166 -18.95 43.71 -32.26
CA TYR B 166 -20.29 43.46 -31.80
C TYR B 166 -20.74 44.46 -30.74
N SER B 167 -19.82 44.86 -29.84
CA SER B 167 -20.09 45.67 -28.65
C SER B 167 -20.53 47.08 -28.97
N GLU B 168 -20.27 47.51 -30.20
CA GLU B 168 -20.71 48.82 -30.63
C GLU B 168 -22.22 48.83 -30.83
N GLU B 169 -22.77 47.70 -31.29
CA GLU B 169 -24.21 47.66 -31.51
C GLU B 169 -24.85 47.09 -30.26
N SER B 170 -24.11 46.21 -29.61
CA SER B 170 -24.57 45.52 -28.44
C SER B 170 -24.37 46.35 -27.20
N LYS B 171 -25.14 47.40 -27.12
CA LYS B 171 -25.00 48.34 -26.05
C LYS B 171 -26.32 48.86 -25.50
N LEU B 172 -27.39 48.05 -25.50
CA LEU B 172 -28.65 48.59 -24.99
C LEU B 172 -28.62 49.13 -23.55
N ASN B 173 -27.84 48.53 -22.66
CA ASN B 173 -27.81 49.03 -21.28
C ASN B 173 -27.04 50.32 -21.16
N ARG B 174 -26.24 50.66 -22.17
CA ARG B 174 -25.49 51.88 -22.10
C ARG B 174 -26.42 52.98 -22.61
N GLU B 175 -27.22 52.64 -23.63
CA GLU B 175 -28.15 53.58 -24.25
C GLU B 175 -29.21 54.02 -23.26
N LYS B 176 -29.61 53.10 -22.40
CA LYS B 176 -30.65 53.34 -21.40
C LYS B 176 -30.20 53.99 -20.07
N ILE B 177 -28.87 54.26 -19.87
CA ILE B 177 -28.31 54.83 -18.64
C ILE B 177 -27.48 56.04 -19.08
N GLN C 1 -0.86 -4.97 -30.07
CA GLN C 1 -0.13 -3.87 -29.46
C GLN C 1 1.03 -3.43 -30.37
N VAL C 2 1.83 -4.40 -30.84
CA VAL C 2 3.00 -4.21 -31.69
C VAL C 2 2.82 -5.11 -32.89
N GLN C 3 1.84 -5.97 -32.75
CA GLN C 3 1.57 -6.97 -33.76
C GLN C 3 0.12 -7.42 -33.83
N LEU C 4 -0.39 -7.48 -35.05
CA LEU C 4 -1.72 -7.95 -35.36
C LEU C 4 -1.60 -9.13 -36.31
N VAL C 5 -2.17 -10.28 -35.96
CA VAL C 5 -2.06 -11.51 -36.76
C VAL C 5 -3.39 -11.95 -37.32
N GLN C 6 -3.48 -12.16 -38.63
CA GLN C 6 -4.77 -12.51 -39.25
C GLN C 6 -4.75 -13.65 -40.31
N SER C 7 -5.83 -14.45 -40.37
CA SER C 7 -5.90 -15.61 -41.28
C SER C 7 -6.85 -15.46 -42.48
N GLY C 8 -6.56 -16.19 -43.58
CA GLY C 8 -7.37 -16.14 -44.82
C GLY C 8 -8.42 -17.21 -44.96
N ALA C 9 -8.88 -17.41 -46.20
CA ALA C 9 -9.95 -18.36 -46.45
C ALA C 9 -9.98 -18.92 -47.87
N GLU C 10 -10.62 -20.07 -47.96
CA GLU C 10 -10.88 -20.83 -49.17
C GLU C 10 -11.98 -20.15 -49.95
N VAL C 11 -12.34 -20.70 -51.11
CA VAL C 11 -13.31 -20.00 -51.93
C VAL C 11 -14.68 -19.95 -51.32
N LYS C 12 -15.18 -18.73 -51.26
CA LYS C 12 -16.52 -18.50 -50.75
C LYS C 12 -17.45 -18.14 -51.88
N LYS C 13 -18.55 -18.88 -51.96
CA LYS C 13 -19.53 -18.73 -53.01
C LYS C 13 -20.49 -17.58 -52.73
N PRO C 14 -21.04 -16.94 -53.75
CA PRO C 14 -21.96 -15.85 -53.61
C PRO C 14 -23.18 -16.37 -52.90
N GLY C 15 -23.74 -15.54 -52.05
CA GLY C 15 -24.89 -15.88 -51.23
C GLY C 15 -24.45 -16.33 -49.84
N SER C 16 -23.15 -16.56 -49.68
CA SER C 16 -22.57 -16.98 -48.40
C SER C 16 -21.88 -15.81 -47.74
N SER C 17 -20.90 -16.09 -46.89
CA SER C 17 -20.21 -15.04 -46.16
C SER C 17 -18.72 -15.32 -45.96
N VAL C 18 -18.01 -14.26 -45.64
CA VAL C 18 -16.58 -14.32 -45.36
C VAL C 18 -16.29 -13.90 -43.94
N LYS C 19 -15.58 -14.74 -43.18
CA LYS C 19 -15.24 -14.34 -41.82
C LYS C 19 -13.76 -14.03 -41.73
N VAL C 20 -13.46 -12.85 -41.21
CA VAL C 20 -12.12 -12.32 -41.03
C VAL C 20 -11.83 -11.96 -39.60
N SER C 21 -10.67 -12.33 -39.09
CA SER C 21 -10.37 -11.94 -37.71
C SER C 21 -8.88 -11.72 -37.52
N CYS C 22 -8.51 -10.94 -36.48
CA CYS C 22 -7.11 -10.69 -36.09
C CYS C 22 -6.93 -10.70 -34.58
N LYS C 23 -5.81 -11.28 -34.16
CA LYS C 23 -5.46 -11.31 -32.75
C LYS C 23 -4.38 -10.28 -32.49
N ALA C 24 -4.57 -9.52 -31.42
CA ALA C 24 -3.54 -8.55 -31.05
C ALA C 24 -2.65 -9.09 -29.96
N SER C 25 -1.35 -8.90 -30.11
CA SER C 25 -0.40 -9.30 -29.07
C SER C 25 -0.31 -8.22 -28.01
N GLY C 26 0.27 -8.55 -26.86
CA GLY C 26 0.49 -7.52 -25.84
C GLY C 26 -0.75 -7.27 -24.98
N GLY C 27 -0.74 -6.12 -24.30
CA GLY C 27 -1.80 -5.77 -23.35
C GLY C 27 -2.75 -4.69 -23.82
N THR C 28 -3.59 -4.21 -22.90
CA THR C 28 -4.63 -3.19 -23.08
C THR C 28 -5.37 -3.25 -24.43
N PHE C 29 -5.74 -4.46 -24.88
CA PHE C 29 -6.51 -4.65 -26.10
C PHE C 29 -7.79 -3.87 -26.07
N ARG C 30 -8.40 -3.91 -24.92
CA ARG C 30 -9.67 -3.29 -24.68
C ARG C 30 -9.79 -1.81 -25.05
N THR C 31 -8.68 -1.05 -25.03
CA THR C 31 -8.77 0.35 -25.39
C THR C 31 -8.09 0.64 -26.73
N PHE C 32 -7.73 -0.41 -27.47
CA PHE C 32 -7.10 -0.23 -28.78
C PHE C 32 -8.12 0.14 -29.79
N GLY C 33 -7.75 0.99 -30.72
CA GLY C 33 -8.64 1.24 -31.82
C GLY C 33 -8.28 0.36 -32.98
N ILE C 34 -9.13 -0.62 -33.27
CA ILE C 34 -8.85 -1.55 -34.34
C ILE C 34 -9.79 -1.30 -35.48
N SER C 35 -9.22 -1.13 -36.66
CA SER C 35 -9.99 -0.88 -37.83
C SER C 35 -9.70 -1.89 -38.88
N TRP C 36 -10.65 -2.04 -39.77
CA TRP C 36 -10.46 -2.93 -40.87
C TRP C 36 -10.44 -2.13 -42.15
N VAL C 37 -9.51 -2.50 -43.03
CA VAL C 37 -9.28 -1.94 -44.35
C VAL C 37 -9.17 -3.05 -45.42
N ARG C 38 -9.69 -2.86 -46.61
CA ARG C 38 -9.56 -3.90 -47.64
C ARG C 38 -8.91 -3.41 -48.92
N GLN C 39 -8.33 -4.35 -49.66
CA GLN C 39 -7.74 -4.04 -50.96
C GLN C 39 -7.90 -5.13 -52.02
N ALA C 40 -8.65 -4.78 -53.06
CA ALA C 40 -8.89 -5.65 -54.20
C ALA C 40 -7.59 -5.65 -55.01
N PRO C 41 -7.26 -6.67 -55.80
CA PRO C 41 -6.03 -6.68 -56.56
C PRO C 41 -6.00 -5.49 -57.49
N GLY C 42 -4.89 -4.79 -57.52
CA GLY C 42 -4.72 -3.64 -58.42
C GLY C 42 -5.36 -2.36 -57.92
N GLN C 43 -6.01 -2.42 -56.77
CA GLN C 43 -6.71 -1.28 -56.22
C GLN C 43 -6.03 -0.72 -54.99
N GLY C 44 -6.57 0.38 -54.48
CA GLY C 44 -6.05 0.99 -53.28
C GLY C 44 -6.78 0.44 -52.07
N LEU C 45 -6.57 1.07 -50.94
CA LEU C 45 -7.12 0.66 -49.67
C LEU C 45 -8.42 1.42 -49.32
N GLU C 46 -9.40 0.72 -48.76
CA GLU C 46 -10.63 1.39 -48.29
C GLU C 46 -11.12 0.85 -46.94
N TRP C 47 -11.84 1.69 -46.22
CA TRP C 47 -12.35 1.39 -44.89
C TRP C 47 -13.52 0.40 -44.85
N MET C 48 -13.47 -0.51 -43.88
CA MET C 48 -14.55 -1.43 -43.59
C MET C 48 -15.28 -0.95 -42.33
N GLY C 49 -14.50 -0.60 -41.30
CA GLY C 49 -15.05 -0.16 -40.01
C GLY C 49 -14.02 0.08 -38.89
N TRP C 50 -14.52 0.57 -37.74
CA TRP C 50 -13.73 0.96 -36.54
C TRP C 50 -14.33 0.61 -35.17
N ILE C 51 -13.57 -0.14 -34.35
CA ILE C 51 -13.93 -0.57 -32.98
C ILE C 51 -12.98 -0.20 -31.86
N ILE C 52 -13.54 0.24 -30.72
CA ILE C 52 -12.77 0.46 -29.50
C ILE C 52 -13.42 -0.59 -28.56
N PRO C 53 -12.85 -1.82 -28.44
CA PRO C 53 -13.47 -3.04 -27.95
C PRO C 53 -14.24 -3.07 -26.66
N ILE C 54 -13.85 -2.31 -25.65
CA ILE C 54 -14.63 -2.41 -24.42
C ILE C 54 -15.32 -1.09 -24.11
N ILE C 55 -15.23 -0.16 -25.04
CA ILE C 55 -15.76 1.16 -24.85
C ILE C 55 -17.09 1.33 -25.53
N GLY C 56 -17.24 0.86 -26.75
CA GLY C 56 -18.51 1.10 -27.40
C GLY C 56 -18.79 0.30 -28.65
N THR C 57 -19.82 0.71 -29.36
CA THR C 57 -20.27 0.05 -30.54
C THR C 57 -19.33 0.43 -31.68
N PRO C 58 -19.29 -0.35 -32.76
CA PRO C 58 -18.56 -0.08 -33.97
C PRO C 58 -19.17 1.00 -34.81
N ASN C 59 -18.35 1.59 -35.65
CA ASN C 59 -18.79 2.52 -36.67
C ASN C 59 -18.40 1.92 -38.03
N TYR C 60 -19.39 1.58 -38.86
CA TYR C 60 -19.14 0.91 -40.14
C TYR C 60 -19.04 1.86 -41.32
N ALA C 61 -18.22 1.50 -42.29
CA ALA C 61 -18.09 2.25 -43.52
C ALA C 61 -19.42 2.28 -44.22
N GLN C 62 -19.77 3.42 -44.81
CA GLN C 62 -21.10 3.57 -45.40
C GLN C 62 -21.48 2.54 -46.44
N LYS C 63 -20.56 2.14 -47.30
CA LYS C 63 -20.92 1.19 -48.34
C LYS C 63 -21.21 -0.20 -47.77
N PHE C 64 -20.80 -0.41 -46.52
CA PHE C 64 -20.98 -1.66 -45.84
C PHE C 64 -22.00 -1.62 -44.70
N GLN C 65 -22.73 -0.50 -44.52
CA GLN C 65 -23.64 -0.47 -43.35
C GLN C 65 -24.74 -1.52 -43.40
N GLY C 66 -25.18 -1.90 -44.59
CA GLY C 66 -26.20 -2.93 -44.73
C GLY C 66 -25.59 -4.29 -45.10
N ARG C 67 -24.25 -4.38 -45.10
CA ARG C 67 -23.55 -5.60 -45.54
C ARG C 67 -22.68 -6.30 -44.52
N VAL C 68 -22.13 -5.59 -43.55
CA VAL C 68 -21.17 -6.27 -42.70
C VAL C 68 -21.48 -6.17 -41.24
N ILE C 69 -20.91 -7.09 -40.50
CA ILE C 69 -20.94 -7.04 -39.06
C ILE C 69 -19.52 -7.00 -38.58
N ILE C 70 -19.17 -6.00 -37.84
CA ILE C 70 -17.83 -5.90 -37.33
C ILE C 70 -18.02 -5.87 -35.83
N THR C 71 -17.33 -6.77 -35.15
CA THR C 71 -17.40 -6.96 -33.70
C THR C 71 -16.04 -7.24 -33.10
N ALA C 72 -16.01 -7.45 -31.79
CA ALA C 72 -14.77 -7.75 -31.09
C ALA C 72 -15.01 -8.53 -29.82
N ASP C 73 -13.98 -9.26 -29.40
CA ASP C 73 -13.99 -10.00 -28.16
C ASP C 73 -12.81 -9.60 -27.30
N GLU C 74 -13.10 -8.85 -26.23
CA GLU C 74 -12.12 -8.25 -25.35
C GLU C 74 -11.37 -9.28 -24.52
N SER C 75 -11.93 -10.50 -24.46
CA SER C 75 -11.35 -11.60 -23.73
C SER C 75 -10.31 -12.26 -24.59
N SER C 76 -10.70 -12.53 -25.83
CA SER C 76 -9.87 -13.21 -26.82
C SER C 76 -8.87 -12.28 -27.49
N ASN C 77 -9.03 -10.98 -27.24
CA ASN C 77 -8.17 -9.93 -27.77
C ASN C 77 -8.17 -10.02 -29.28
N THR C 78 -9.35 -10.31 -29.80
CA THR C 78 -9.51 -10.49 -31.21
C THR C 78 -10.63 -9.65 -31.81
N ALA C 79 -10.33 -9.04 -32.94
CA ALA C 79 -11.34 -8.28 -33.67
C ALA C 79 -11.87 -9.18 -34.77
N TYR C 80 -13.16 -9.08 -35.07
CA TYR C 80 -13.74 -9.92 -36.10
C TYR C 80 -14.65 -9.17 -37.04
N MET C 81 -14.77 -9.65 -38.27
CA MET C 81 -15.82 -9.16 -39.14
C MET C 81 -16.39 -10.25 -40.00
N GLU C 82 -17.68 -10.15 -40.28
CA GLU C 82 -18.31 -11.08 -41.19
C GLU C 82 -18.96 -10.30 -42.30
N LEU C 83 -18.66 -10.70 -43.51
CA LEU C 83 -19.17 -10.01 -44.67
C LEU C 83 -20.30 -10.83 -45.23
N ASN C 84 -21.51 -10.32 -45.15
CA ASN C 84 -22.72 -11.05 -45.52
C ASN C 84 -23.18 -10.83 -46.93
N SER C 85 -24.00 -11.76 -47.42
CA SER C 85 -24.59 -11.64 -48.74
C SER C 85 -23.51 -11.39 -49.77
N LEU C 86 -22.52 -12.28 -49.76
CA LEU C 86 -21.39 -12.19 -50.64
C LEU C 86 -21.83 -12.19 -52.09
N LYS C 87 -21.31 -11.25 -52.87
CA LYS C 87 -21.61 -11.13 -54.30
C LYS C 87 -20.36 -11.42 -55.12
N SER C 88 -19.35 -11.94 -54.44
CA SER C 88 -18.04 -12.28 -54.98
C SER C 88 -17.39 -11.11 -55.69
N GLU C 89 -17.46 -9.95 -55.06
CA GLU C 89 -16.82 -8.75 -55.57
C GLU C 89 -15.36 -8.97 -55.32
N ASP C 90 -14.50 -8.30 -56.07
CA ASP C 90 -13.09 -8.51 -55.85
C ASP C 90 -12.82 -8.36 -54.37
N THR C 91 -12.15 -9.37 -53.82
CA THR C 91 -11.87 -9.47 -52.40
C THR C 91 -10.39 -9.38 -52.08
N ALA C 92 -9.65 -10.45 -52.29
CA ALA C 92 -8.23 -10.51 -52.02
C ALA C 92 -7.86 -10.25 -50.55
N VAL C 93 -7.33 -9.08 -50.20
CA VAL C 93 -6.85 -8.95 -48.83
C VAL C 93 -7.53 -7.97 -47.91
N TYR C 94 -7.76 -8.43 -46.69
CA TYR C 94 -8.31 -7.57 -45.67
C TYR C 94 -7.22 -7.33 -44.65
N TYR C 95 -7.21 -6.17 -44.06
CA TYR C 95 -6.20 -5.87 -43.08
C TYR C 95 -6.75 -5.35 -41.76
N CYS C 96 -6.12 -5.77 -40.67
CA CYS C 96 -6.31 -5.34 -39.29
C CYS C 96 -5.26 -4.28 -38.98
N ALA C 97 -5.71 -3.10 -38.55
CA ALA C 97 -4.75 -2.03 -38.22
C ALA C 97 -5.10 -1.39 -36.89
N LYS C 98 -4.06 -1.05 -36.13
CA LYS C 98 -4.22 -0.40 -34.83
C LYS C 98 -3.79 1.04 -34.92
N GLU C 99 -4.66 1.92 -34.43
CA GLU C 99 -4.33 3.32 -34.45
C GLU C 99 -3.32 3.66 -33.34
N GLY C 100 -2.88 4.90 -33.29
CA GLY C 100 -1.88 5.36 -32.33
C GLY C 100 -2.44 5.72 -30.96
N ARG C 101 -2.92 6.95 -30.81
CA ARG C 101 -3.44 7.33 -29.49
C ARG C 101 -4.61 6.48 -29.03
N ALA C 102 -5.46 6.06 -29.96
CA ALA C 102 -6.61 5.22 -29.61
C ALA C 102 -7.42 5.84 -28.49
N LEU C 103 -7.84 7.07 -28.70
CA LEU C 103 -8.60 7.78 -27.67
C LEU C 103 -9.95 7.15 -27.53
N LEU C 104 -10.49 7.16 -26.32
CA LEU C 104 -11.75 6.50 -26.08
C LEU C 104 -12.83 7.16 -26.87
N ARG C 105 -13.60 6.36 -27.58
CA ARG C 105 -14.65 6.89 -28.39
C ARG C 105 -15.94 7.05 -27.67
N TYR C 106 -16.43 8.27 -27.70
CA TYR C 106 -17.73 8.63 -27.18
C TYR C 106 -18.31 9.49 -28.26
N PHE C 107 -17.38 10.14 -28.94
CA PHE C 107 -17.61 11.10 -30.03
C PHE C 107 -16.96 10.55 -31.29
N ASP C 108 -17.71 10.29 -32.35
CA ASP C 108 -17.10 9.68 -33.53
C ASP C 108 -16.33 10.64 -34.40
N TRP C 109 -16.44 11.91 -34.13
CA TRP C 109 -15.74 12.88 -34.93
C TRP C 109 -14.38 13.21 -34.32
N LEU C 110 -14.06 12.46 -33.27
CA LEU C 110 -12.79 12.51 -32.61
C LEU C 110 -11.84 11.97 -33.69
N PRO C 111 -10.66 12.54 -33.93
CA PRO C 111 -9.71 12.07 -34.93
C PRO C 111 -9.38 10.61 -34.77
N LEU C 112 -9.13 9.95 -35.90
CA LEU C 112 -8.88 8.52 -35.99
C LEU C 112 -7.38 8.21 -35.90
N ASP C 113 -6.60 9.27 -35.78
CA ASP C 113 -5.15 9.25 -35.59
C ASP C 113 -4.34 8.46 -36.65
N ALA C 114 -3.17 7.89 -36.25
CA ALA C 114 -2.27 7.20 -37.18
C ALA C 114 -2.35 5.71 -37.04
N PHE C 115 -2.08 4.94 -38.10
CA PHE C 115 -2.03 3.49 -37.92
C PHE C 115 -0.60 3.05 -37.73
N ASP C 116 -0.25 2.76 -36.48
CA ASP C 116 1.12 2.42 -36.15
C ASP C 116 1.41 0.98 -36.48
N ILE C 117 0.42 0.14 -36.23
CA ILE C 117 0.61 -1.29 -36.46
C ILE C 117 -0.34 -1.70 -37.53
N TRP C 118 0.17 -2.33 -38.56
CA TRP C 118 -0.71 -2.73 -39.63
C TRP C 118 -0.31 -4.13 -39.99
N GLY C 119 -1.20 -5.08 -39.78
CA GLY C 119 -0.88 -6.47 -39.96
C GLY C 119 -1.00 -6.92 -41.40
N GLN C 120 -0.72 -8.19 -41.65
CA GLN C 120 -0.79 -8.79 -42.96
C GLN C 120 -1.28 -10.20 -42.81
N GLY C 121 -1.99 -10.66 -43.82
CA GLY C 121 -2.55 -11.98 -43.82
C GLY C 121 -3.92 -11.85 -44.42
N THR C 122 -4.84 -12.67 -43.98
CA THR C 122 -6.21 -12.63 -44.52
C THR C 122 -6.34 -12.54 -46.03
N MET C 123 -5.77 -13.51 -46.73
CA MET C 123 -6.03 -13.57 -48.15
C MET C 123 -7.25 -14.46 -48.36
N VAL C 124 -8.29 -13.88 -48.94
CA VAL C 124 -9.56 -14.54 -49.17
C VAL C 124 -9.95 -14.58 -50.63
N THR C 125 -10.26 -15.78 -51.08
CA THR C 125 -10.70 -15.98 -52.45
C THR C 125 -12.21 -16.22 -52.52
N VAL C 126 -12.83 -15.70 -53.57
CA VAL C 126 -14.26 -15.83 -53.76
C VAL C 126 -14.55 -16.38 -55.17
N SER C 127 -15.75 -17.00 -55.38
CA SER C 127 -16.15 -17.56 -56.68
C SER C 127 -16.71 -16.46 -57.60
N ASP D 1 -16.51 10.59 -50.08
CA ASP D 1 -16.49 12.03 -49.79
C ASP D 1 -15.11 12.52 -49.32
N ILE D 2 -14.39 11.70 -48.52
CA ILE D 2 -13.10 12.09 -47.93
C ILE D 2 -12.03 11.67 -48.94
N VAL D 3 -11.75 12.60 -49.85
CA VAL D 3 -10.86 12.36 -50.97
C VAL D 3 -9.69 13.34 -51.09
N LEU D 4 -8.50 12.75 -51.16
CA LEU D 4 -7.18 13.36 -51.32
C LEU D 4 -6.50 12.47 -52.34
N THR D 5 -6.48 12.96 -53.57
CA THR D 5 -6.04 12.23 -54.76
C THR D 5 -4.58 12.37 -55.04
N GLN D 6 -3.95 11.24 -55.36
CA GLN D 6 -2.53 11.19 -55.65
C GLN D 6 -2.29 11.55 -57.09
N THR D 7 -1.31 12.40 -57.34
CA THR D 7 -0.98 12.71 -58.72
C THR D 7 -0.17 11.52 -59.22
N PRO D 8 -0.57 10.84 -60.30
CA PRO D 8 0.18 9.72 -60.82
C PRO D 8 1.40 10.33 -61.43
N LEU D 9 2.53 9.66 -61.35
CA LEU D 9 3.71 10.25 -61.98
C LEU D 9 4.49 9.22 -62.75
N SER D 10 4.78 9.54 -64.00
CA SER D 10 5.63 8.68 -64.83
C SER D 10 7.06 9.08 -64.53
N LEU D 11 7.47 8.81 -63.29
CA LEU D 11 8.75 9.26 -62.77
C LEU D 11 9.66 8.23 -62.15
N PRO D 12 10.35 7.40 -62.94
CA PRO D 12 11.36 6.51 -62.44
C PRO D 12 12.44 7.42 -61.89
N VAL D 13 13.07 7.02 -60.82
CA VAL D 13 14.18 7.81 -60.26
C VAL D 13 15.41 6.95 -60.07
N SER D 14 16.59 7.52 -60.13
CA SER D 14 17.78 6.72 -59.90
C SER D 14 18.14 6.77 -58.44
N LEU D 15 19.03 5.91 -58.01
CA LEU D 15 19.39 5.99 -56.63
C LEU D 15 20.30 7.20 -56.50
N GLY D 16 20.08 7.99 -55.46
CA GLY D 16 20.82 9.20 -55.23
C GLY D 16 20.02 10.44 -55.63
N ASP D 17 18.95 10.25 -56.41
CA ASP D 17 18.07 11.33 -56.84
C ASP D 17 17.18 11.77 -55.71
N GLN D 18 16.68 12.98 -55.78
CA GLN D 18 15.69 13.41 -54.80
C GLN D 18 14.34 13.14 -55.42
N ALA D 19 13.32 12.95 -54.60
CA ALA D 19 11.99 12.72 -55.17
C ALA D 19 10.89 13.23 -54.26
N SER D 20 9.76 13.54 -54.86
CA SER D 20 8.60 13.91 -54.07
C SER D 20 7.35 13.56 -54.82
N ILE D 21 6.30 13.34 -54.05
CA ILE D 21 4.99 13.07 -54.59
C ILE D 21 3.98 13.98 -53.89
N SER D 22 2.80 14.18 -54.48
CA SER D 22 1.83 15.04 -53.81
C SER D 22 0.39 14.61 -54.05
N CYS D 23 -0.53 15.09 -53.16
CA CYS D 23 -1.97 14.85 -53.18
C CYS D 23 -2.77 16.15 -53.12
N ARG D 24 -3.97 16.11 -53.74
CA ARG D 24 -4.92 17.24 -53.71
C ARG D 24 -6.30 16.82 -53.17
N SER D 25 -6.73 17.48 -52.08
CA SER D 25 -8.02 17.20 -51.43
C SER D 25 -9.17 18.11 -51.79
N SER D 26 -10.37 17.53 -51.68
CA SER D 26 -11.64 18.24 -51.88
C SER D 26 -12.04 19.11 -50.68
N GLN D 27 -11.42 18.85 -49.53
CA GLN D 27 -11.68 19.56 -48.29
C GLN D 27 -10.46 19.58 -47.36
N SER D 28 -10.38 20.59 -46.52
CA SER D 28 -9.24 20.71 -45.62
C SER D 28 -9.05 19.55 -44.66
N LEU D 29 -7.78 19.24 -44.42
CA LEU D 29 -7.34 18.19 -43.49
C LEU D 29 -7.08 18.74 -42.11
N VAL D 30 -7.37 20.03 -41.94
CA VAL D 30 -7.16 20.65 -40.66
C VAL D 30 -8.41 20.44 -39.83
N HIS D 31 -8.21 19.82 -38.71
CA HIS D 31 -9.24 19.46 -37.76
C HIS D 31 -9.44 20.60 -36.78
N SER D 32 -10.60 20.68 -36.12
CA SER D 32 -10.88 21.74 -35.15
C SER D 32 -9.89 21.74 -33.97
N ASP D 33 -9.16 20.63 -33.79
CA ASP D 33 -8.11 20.48 -32.78
C ASP D 33 -6.95 21.43 -33.04
N GLY D 34 -6.81 21.86 -34.30
CA GLY D 34 -5.72 22.69 -34.77
C GLY D 34 -4.66 21.85 -35.49
N ASN D 35 -4.78 20.54 -35.39
CA ASN D 35 -3.84 19.63 -36.01
C ASN D 35 -4.28 19.23 -37.41
N THR D 36 -3.31 18.88 -38.24
CA THR D 36 -3.61 18.37 -39.58
C THR D 36 -3.38 16.88 -39.55
N TYR D 37 -4.41 16.11 -39.83
CA TYR D 37 -4.24 14.67 -39.71
C TYR D 37 -3.92 13.98 -40.99
N LEU D 38 -2.71 14.24 -41.46
CA LEU D 38 -2.18 13.65 -42.69
C LEU D 38 -1.16 12.59 -42.38
N HIS D 39 -1.32 11.45 -43.01
CA HIS D 39 -0.37 10.39 -42.84
C HIS D 39 0.05 9.87 -44.20
N TRP D 40 1.28 9.36 -44.28
CA TRP D 40 1.73 8.71 -45.52
C TRP D 40 2.12 7.28 -45.24
N TYR D 41 1.72 6.40 -46.14
CA TYR D 41 2.02 4.97 -46.02
C TYR D 41 2.66 4.42 -47.28
N LEU D 42 3.58 3.48 -47.13
CA LEU D 42 4.20 2.83 -48.30
C LEU D 42 3.99 1.35 -48.36
N GLN D 43 3.41 0.93 -49.46
CA GLN D 43 3.12 -0.47 -49.67
C GLN D 43 3.97 -1.08 -50.77
N LYS D 44 4.62 -2.18 -50.44
CA LYS D 44 5.40 -2.93 -51.39
C LYS D 44 4.58 -4.18 -51.68
N PRO D 45 4.70 -4.83 -52.83
CA PRO D 45 3.94 -6.02 -53.14
C PRO D 45 4.12 -7.06 -52.05
N GLY D 46 3.01 -7.61 -51.58
CA GLY D 46 2.99 -8.64 -50.55
C GLY D 46 3.06 -8.08 -49.12
N GLN D 47 3.21 -6.77 -48.99
CA GLN D 47 3.35 -6.14 -47.69
C GLN D 47 2.16 -5.30 -47.27
N SER D 48 2.07 -5.06 -45.96
CA SER D 48 1.07 -4.17 -45.43
C SER D 48 1.56 -2.75 -45.78
N PRO D 49 0.68 -1.76 -45.86
CA PRO D 49 1.00 -0.37 -46.13
C PRO D 49 1.59 0.33 -44.91
N LYS D 50 2.85 0.04 -44.62
CA LYS D 50 3.58 0.54 -43.46
C LYS D 50 3.62 2.07 -43.35
N LEU D 51 3.38 2.57 -42.14
CA LEU D 51 3.40 4.00 -41.86
C LEU D 51 4.78 4.60 -41.93
N LEU D 52 4.92 5.67 -42.71
CA LEU D 52 6.19 6.35 -42.80
C LEU D 52 6.11 7.71 -42.15
N ILE D 53 5.04 8.44 -42.43
CA ILE D 53 4.87 9.79 -41.90
C ILE D 53 3.63 9.83 -41.04
N TYR D 54 3.74 10.30 -39.78
CA TYR D 54 2.55 10.25 -38.93
C TYR D 54 1.87 11.62 -38.73
N LYS D 55 2.58 12.69 -39.06
CA LYS D 55 2.01 14.04 -39.01
C LYS D 55 2.46 14.68 -40.30
N VAL D 56 1.87 15.76 -40.74
CA VAL D 56 2.29 16.31 -42.03
C VAL D 56 3.81 16.50 -42.09
N SER D 57 4.40 17.04 -41.02
CA SER D 57 5.82 17.32 -40.96
C SER D 57 6.64 16.34 -40.10
N ASN D 58 6.06 15.24 -39.66
CA ASN D 58 6.79 14.33 -38.77
C ASN D 58 6.85 12.89 -39.20
N ARG D 59 8.08 12.48 -39.50
CA ARG D 59 8.39 11.13 -39.93
C ARG D 59 8.30 10.23 -38.71
N PHE D 60 7.79 9.02 -38.90
CA PHE D 60 7.59 8.09 -37.81
C PHE D 60 8.85 7.34 -37.37
N SER D 61 8.71 6.51 -36.33
CA SER D 61 9.84 5.77 -35.76
C SER D 61 10.29 4.60 -36.61
N GLY D 62 9.46 4.21 -37.55
CA GLY D 62 9.72 3.08 -38.40
C GLY D 62 10.41 3.44 -39.72
N VAL D 63 10.76 4.72 -39.92
CA VAL D 63 11.36 5.09 -41.20
C VAL D 63 12.64 5.91 -40.97
N PRO D 64 13.67 5.78 -41.82
CA PRO D 64 14.86 6.62 -41.86
C PRO D 64 14.54 8.08 -42.15
N ASP D 65 15.45 8.94 -41.70
CA ASP D 65 15.39 10.41 -41.80
C ASP D 65 15.32 10.95 -43.22
N ARG D 66 15.55 10.11 -44.21
CA ARG D 66 15.46 10.55 -45.59
C ARG D 66 14.00 10.94 -45.93
N PHE D 67 13.03 10.43 -45.17
CA PHE D 67 11.63 10.76 -45.43
C PHE D 67 11.09 11.86 -44.50
N SER D 68 10.40 12.82 -45.11
CA SER D 68 9.74 13.91 -44.38
C SER D 68 8.56 14.41 -45.18
N GLY D 69 8.02 15.58 -44.84
CA GLY D 69 6.87 16.08 -45.58
C GLY D 69 6.43 17.49 -45.19
N SER D 70 5.45 18.00 -45.93
CA SER D 70 4.92 19.34 -45.71
C SER D 70 3.54 19.52 -46.34
N GLY D 71 2.91 20.65 -46.05
CA GLY D 71 1.63 20.97 -46.67
C GLY D 71 0.65 21.68 -45.74
N SER D 72 -0.47 22.10 -46.31
CA SER D 72 -1.51 22.83 -45.60
C SER D 72 -2.86 22.80 -46.30
N GLY D 73 -3.94 22.75 -45.52
CA GLY D 73 -5.25 22.83 -46.14
C GLY D 73 -5.56 21.57 -46.93
N THR D 74 -5.58 21.70 -48.25
CA THR D 74 -5.86 20.63 -49.18
C THR D 74 -4.63 20.19 -50.00
N ASP D 75 -3.51 20.90 -49.82
CA ASP D 75 -2.32 20.67 -50.63
C ASP D 75 -1.15 20.02 -49.86
N PHE D 76 -0.85 18.74 -50.15
CA PHE D 76 0.19 18.07 -49.37
C PHE D 76 1.24 17.33 -50.18
N THR D 77 2.45 17.24 -49.61
CA THR D 77 3.55 16.52 -50.25
C THR D 77 4.42 15.68 -49.31
N LEU D 78 4.97 14.62 -49.91
CA LEU D 78 5.94 13.73 -49.29
C LEU D 78 7.28 13.99 -49.90
N LYS D 79 8.29 14.21 -49.07
CA LYS D 79 9.61 14.47 -49.63
C LYS D 79 10.64 13.43 -49.23
N ILE D 80 11.42 13.01 -50.22
CA ILE D 80 12.49 12.05 -50.02
C ILE D 80 13.81 12.76 -50.36
N SER D 81 14.69 12.92 -49.37
CA SER D 81 15.93 13.67 -49.56
C SER D 81 16.97 12.94 -50.40
N ARG D 82 16.79 11.64 -50.53
CA ARG D 82 17.65 10.76 -51.30
C ARG D 82 16.97 9.45 -51.54
N VAL D 83 16.82 9.05 -52.78
CA VAL D 83 16.20 7.78 -53.06
C VAL D 83 17.24 6.69 -52.93
N GLU D 84 16.94 5.69 -52.11
CA GLU D 84 17.83 4.57 -51.87
C GLU D 84 17.14 3.29 -52.31
N ALA D 85 17.84 2.17 -52.25
CA ALA D 85 17.31 0.88 -52.70
C ALA D 85 16.04 0.47 -51.96
N GLU D 86 15.87 0.96 -50.74
CA GLU D 86 14.74 0.66 -49.88
C GLU D 86 13.45 1.32 -50.37
N ASP D 87 13.57 2.33 -51.23
CA ASP D 87 12.48 3.12 -51.78
C ASP D 87 11.99 2.60 -53.14
N LEU D 88 10.90 1.85 -53.13
CA LEU D 88 10.30 1.26 -54.31
C LEU D 88 8.89 0.86 -53.92
N GLY D 89 7.85 1.29 -54.64
CA GLY D 89 6.51 0.88 -54.22
C GLY D 89 5.46 1.98 -54.36
N VAL D 90 4.29 1.76 -53.76
CA VAL D 90 3.18 2.69 -53.88
C VAL D 90 2.89 3.45 -52.61
N TYR D 91 2.89 4.76 -52.73
CA TYR D 91 2.61 5.63 -51.60
C TYR D 91 1.16 6.07 -51.56
N PHE D 92 0.58 6.08 -50.37
CA PHE D 92 -0.80 6.51 -50.20
C PHE D 92 -0.92 7.66 -49.21
N CYS D 93 -1.98 8.50 -49.36
CA CYS D 93 -2.31 9.60 -48.44
C CYS D 93 -3.42 9.13 -47.54
N SER D 94 -3.44 9.63 -46.31
CA SER D 94 -4.54 9.34 -45.43
C SER D 94 -4.93 10.50 -44.54
N GLN D 95 -6.23 10.74 -44.48
CA GLN D 95 -6.90 11.76 -43.67
C GLN D 95 -7.68 11.08 -42.57
N SER D 96 -7.43 11.50 -41.34
CA SER D 96 -8.09 10.94 -40.15
C SER D 96 -8.97 11.93 -39.40
N THR D 97 -9.49 12.93 -40.11
CA THR D 97 -10.33 13.98 -39.54
C THR D 97 -11.83 13.68 -39.60
N HIS D 98 -12.18 12.56 -40.21
CA HIS D 98 -13.57 12.18 -40.40
C HIS D 98 -13.82 10.73 -40.08
N VAL D 99 -15.08 10.42 -39.77
CA VAL D 99 -15.45 9.04 -39.50
C VAL D 99 -15.07 8.15 -40.65
N PRO D 100 -15.60 8.29 -41.87
CA PRO D 100 -15.03 7.58 -42.95
C PRO D 100 -13.69 8.23 -43.08
N PRO D 101 -12.59 7.50 -43.12
CA PRO D 101 -11.27 8.00 -43.28
C PRO D 101 -11.14 8.25 -44.73
N LEU D 102 -10.06 8.85 -45.10
CA LEU D 102 -9.80 9.09 -46.48
C LEU D 102 -9.71 7.78 -47.24
N THR D 103 -10.27 7.76 -48.43
CA THR D 103 -9.98 6.61 -49.27
C THR D 103 -8.49 6.77 -49.47
N PHE D 104 -7.70 5.73 -49.45
CA PHE D 104 -6.25 5.98 -49.57
C PHE D 104 -5.89 6.51 -50.96
N GLY D 105 -6.78 6.23 -51.90
CA GLY D 105 -6.66 6.65 -53.27
C GLY D 105 -5.89 5.66 -54.10
N ALA D 106 -5.63 6.03 -55.35
CA ALA D 106 -4.94 5.14 -56.27
C ALA D 106 -3.53 4.83 -55.78
N GLY D 107 -2.89 5.81 -55.19
CA GLY D 107 -1.53 5.66 -54.73
C GLY D 107 -0.56 6.17 -55.79
N THR D 108 0.63 6.60 -55.38
CA THR D 108 1.61 7.07 -56.37
C THR D 108 2.69 6.03 -56.46
N LYS D 109 2.91 5.52 -57.66
CA LYS D 109 3.91 4.49 -57.82
C LYS D 109 5.28 5.05 -58.15
N LEU D 110 6.25 4.70 -57.32
CA LEU D 110 7.63 5.10 -57.55
C LEU D 110 8.37 3.88 -58.09
N GLU D 111 9.04 4.11 -59.19
CA GLU D 111 9.86 3.14 -59.90
C GLU D 111 11.30 3.58 -59.86
N LEU D 112 12.21 2.65 -60.04
CA LEU D 112 13.60 3.04 -60.11
C LEU D 112 14.03 3.00 -61.58
N LYS D 113 14.89 3.96 -61.99
CA LYS D 113 15.46 4.25 -63.32
C LYS D 113 15.02 3.29 -64.43
N THR E 19 -23.76 45.98 5.07
CA THR E 19 -22.70 45.45 5.92
C THR E 19 -22.98 44.00 6.40
N ILE E 20 -22.88 43.04 5.45
CA ILE E 20 -22.99 41.59 5.71
C ILE E 20 -21.64 40.98 5.42
N CYS E 21 -21.15 40.18 6.33
CA CYS E 21 -19.86 39.58 6.16
C CYS E 21 -19.96 38.09 6.09
N ILE E 22 -19.04 37.49 5.36
CA ILE E 22 -18.96 36.06 5.22
C ILE E 22 -17.73 35.50 5.85
N GLY E 23 -17.93 34.45 6.61
CA GLY E 23 -16.82 33.86 7.28
C GLY E 23 -17.16 32.53 7.86
N TYR E 24 -16.29 32.10 8.73
CA TYR E 24 -16.38 30.82 9.36
C TYR E 24 -16.08 31.03 10.82
N HIS E 25 -16.55 30.16 11.68
CA HIS E 25 -16.25 30.43 13.09
C HIS E 25 -14.84 30.03 13.47
N ALA E 26 -14.33 30.70 14.48
CA ALA E 26 -13.07 30.45 15.13
C ALA E 26 -13.41 29.82 16.48
N ASN E 27 -12.44 29.20 17.11
CA ASN E 27 -12.69 28.49 18.35
C ASN E 27 -11.58 28.68 19.37
N ASN E 28 -11.76 28.04 20.52
CA ASN E 28 -10.77 28.06 21.60
C ASN E 28 -9.92 26.80 21.55
N SER E 29 -10.03 26.06 20.46
CA SER E 29 -9.31 24.82 20.24
C SER E 29 -7.81 25.02 20.11
N THR E 30 -7.06 24.10 20.70
CA THR E 30 -5.61 24.09 20.63
C THR E 30 -5.12 22.85 19.91
N ASP E 31 -6.04 22.13 19.29
CA ASP E 31 -5.71 20.89 18.58
C ASP E 31 -5.12 21.17 17.22
N THR E 32 -3.95 20.60 16.92
CA THR E 32 -3.33 20.86 15.62
C THR E 32 -3.18 19.62 14.79
N VAL E 33 -3.10 19.86 13.49
CA VAL E 33 -2.87 18.82 12.50
C VAL E 33 -1.77 19.17 11.54
N ASP E 34 -1.25 18.18 10.85
CA ASP E 34 -0.32 18.40 9.77
C ASP E 34 -1.00 18.18 8.42
N THR E 35 -0.49 18.83 7.39
CA THR E 35 -0.99 18.69 6.03
C THR E 35 0.23 18.52 5.14
N VAL E 36 0.05 18.39 3.84
CA VAL E 36 1.25 18.22 3.02
C VAL E 36 2.08 19.52 2.91
N LEU E 37 1.42 20.68 2.95
CA LEU E 37 2.10 21.98 2.88
C LEU E 37 2.44 22.61 4.23
N GLU E 38 1.67 22.29 5.27
CA GLU E 38 1.83 22.92 6.58
C GLU E 38 2.18 21.88 7.64
N LYS E 39 2.90 22.29 8.69
CA LYS E 39 3.26 21.29 9.72
C LYS E 39 2.43 21.28 11.03
N ASN E 40 1.94 22.44 11.50
CA ASN E 40 1.21 22.61 12.75
C ASN E 40 0.07 23.63 12.53
N VAL E 41 -1.12 23.14 12.15
CA VAL E 41 -2.29 23.96 11.83
C VAL E 41 -3.33 23.74 12.89
N THR E 42 -3.71 24.80 13.60
CA THR E 42 -4.70 24.61 14.64
C THR E 42 -6.03 24.57 13.96
N VAL E 43 -6.89 23.63 14.33
CA VAL E 43 -8.21 23.54 13.72
C VAL E 43 -9.30 23.58 14.78
N THR E 44 -10.51 24.00 14.37
CA THR E 44 -11.60 24.16 15.31
C THR E 44 -12.15 22.86 15.83
N HIS E 45 -12.11 21.83 15.00
CA HIS E 45 -12.60 20.51 15.35
C HIS E 45 -11.75 19.44 14.72
N SER E 46 -11.58 18.35 15.42
CA SER E 46 -10.83 17.27 14.86
C SER E 46 -11.18 15.94 15.44
N VAL E 47 -10.78 14.92 14.72
CA VAL E 47 -10.94 13.56 15.13
C VAL E 47 -9.62 12.90 15.35
N ASN E 48 -9.45 12.40 16.53
CA ASN E 48 -8.25 11.71 16.82
C ASN E 48 -8.40 10.33 16.30
N LEU E 49 -7.68 9.96 15.27
CA LEU E 49 -7.87 8.65 14.72
C LEU E 49 -6.91 7.67 15.36
N LEU E 50 -6.00 8.18 16.19
CA LEU E 50 -4.98 7.33 16.77
C LEU E 50 -5.02 7.28 18.27
N GLU E 51 -5.12 6.07 18.81
CA GLU E 51 -5.14 5.88 20.24
C GLU E 51 -3.73 5.72 20.75
N ASP E 52 -3.28 6.64 21.59
CA ASP E 52 -1.94 6.66 22.13
C ASP E 52 -1.86 6.44 23.62
N SER E 53 -2.86 5.80 24.19
CA SER E 53 -2.84 5.57 25.62
C SER E 53 -3.38 4.22 25.95
N HIS E 54 -3.17 3.83 27.18
CA HIS E 54 -3.64 2.57 27.71
C HIS E 54 -3.79 2.75 29.20
N ASN E 55 -4.43 1.81 29.88
CA ASN E 55 -4.55 2.00 31.32
C ASN E 55 -3.49 1.32 32.18
N GLY E 56 -2.47 0.69 31.59
CA GLY E 56 -1.43 0.04 32.36
C GLY E 56 -1.87 -1.24 33.05
N LYS E 57 -3.07 -1.74 32.73
CA LYS E 57 -3.61 -2.91 33.40
C LYS E 57 -4.16 -3.95 32.45
N LEU E 58 -4.22 -5.18 32.92
CA LEU E 58 -4.87 -6.22 32.15
C LEU E 58 -6.34 -6.18 32.58
N CYS E 59 -7.24 -6.21 31.59
CA CYS E 59 -8.70 -6.15 31.75
C CYS E 59 -9.37 -7.39 31.21
N LEU E 60 -10.67 -7.45 31.37
CA LEU E 60 -11.48 -8.52 30.84
C LEU E 60 -11.70 -8.21 29.35
N LEU E 61 -11.89 -9.22 28.49
CA LEU E 61 -12.30 -8.91 27.11
C LEU E 61 -13.75 -9.26 26.98
N LYS E 62 -14.55 -8.23 26.75
CA LYS E 62 -16.00 -8.40 26.65
C LYS E 62 -16.55 -9.14 27.88
N GLY E 63 -16.06 -8.77 29.06
CA GLY E 63 -16.48 -9.37 30.31
C GLY E 63 -15.80 -10.70 30.69
N ILE E 64 -14.91 -11.23 29.87
CA ILE E 64 -14.26 -12.50 30.17
C ILE E 64 -12.83 -12.33 30.65
N ALA E 65 -12.51 -12.94 31.78
CA ALA E 65 -11.17 -12.81 32.33
C ALA E 65 -10.14 -13.55 31.48
N PRO E 66 -8.90 -13.05 31.42
CA PRO E 66 -7.75 -13.67 30.83
C PRO E 66 -7.22 -14.76 31.67
N LEU E 67 -6.38 -15.55 31.08
CA LEU E 67 -5.64 -16.50 31.82
C LEU E 67 -4.32 -15.88 32.14
N GLN E 68 -4.11 -15.49 33.38
CA GLN E 68 -2.86 -14.85 33.70
C GLN E 68 -1.94 -15.89 34.27
N LEU E 69 -0.86 -16.16 33.57
CA LEU E 69 0.06 -17.20 33.96
C LEU E 69 1.11 -16.59 34.87
N GLY E 70 1.36 -15.30 34.69
CA GLY E 70 2.35 -14.62 35.53
C GLY E 70 3.74 -15.23 35.30
N ASN E 71 4.36 -15.76 36.37
CA ASN E 71 5.69 -16.37 36.37
C ASN E 71 5.80 -17.66 35.53
N CYS E 72 4.63 -18.26 35.18
CA CYS E 72 4.45 -19.51 34.46
C CYS E 72 4.37 -19.30 32.94
N SER E 73 5.20 -20.02 32.20
CA SER E 73 5.24 -19.89 30.73
C SER E 73 4.15 -20.73 30.11
N VAL E 74 3.86 -20.58 28.81
CA VAL E 74 2.89 -21.50 28.24
C VAL E 74 3.32 -22.93 28.40
N ALA E 75 4.59 -23.28 28.15
CA ALA E 75 4.96 -24.67 28.37
C ALA E 75 4.70 -25.05 29.83
N GLY E 76 4.95 -24.15 30.75
CA GLY E 76 4.72 -24.43 32.16
C GLY E 76 3.25 -24.73 32.41
N TRP E 77 2.39 -23.91 31.86
CA TRP E 77 0.97 -24.04 32.01
C TRP E 77 0.39 -25.33 31.52
N ILE E 78 0.73 -25.69 30.29
CA ILE E 78 0.18 -26.88 29.68
C ILE E 78 0.84 -28.15 30.14
N LEU E 79 2.11 -28.09 30.51
CA LEU E 79 2.76 -29.27 31.03
C LEU E 79 2.34 -29.45 32.48
N GLY E 80 2.06 -28.35 33.17
CA GLY E 80 1.67 -28.44 34.55
C GLY E 80 2.81 -28.24 35.54
N ASN E 81 3.68 -27.28 35.29
CA ASN E 81 4.75 -26.98 36.22
C ASN E 81 4.05 -26.77 37.55
N PRO E 82 4.34 -27.53 38.59
CA PRO E 82 3.62 -27.52 39.84
C PRO E 82 3.61 -26.17 40.51
N GLU E 83 4.58 -25.30 40.22
CA GLU E 83 4.54 -24.00 40.87
C GLU E 83 3.34 -23.13 40.45
N CYS E 84 2.71 -23.43 39.29
CA CYS E 84 1.58 -22.73 38.72
C CYS E 84 0.39 -23.68 38.60
N GLU E 85 0.29 -24.61 39.55
CA GLU E 85 -0.82 -25.56 39.59
C GLU E 85 -2.18 -24.88 39.75
N LEU E 86 -2.19 -23.62 40.17
CA LEU E 86 -3.43 -22.89 40.37
C LEU E 86 -4.15 -22.64 39.07
N LEU E 87 -3.42 -22.73 37.97
CA LEU E 87 -3.97 -22.49 36.65
C LEU E 87 -4.79 -23.66 36.18
N ILE E 88 -4.70 -24.80 36.86
CA ILE E 88 -5.41 -26.00 36.47
C ILE E 88 -6.92 -25.80 36.64
N SER E 89 -7.30 -24.77 37.41
CA SER E 89 -8.69 -24.48 37.66
C SER E 89 -9.28 -23.51 36.63
N LYS E 90 -8.47 -23.01 35.70
CA LYS E 90 -8.97 -22.07 34.73
C LYS E 90 -9.29 -22.79 33.44
N GLU E 91 -10.59 -22.93 33.17
CA GLU E 91 -11.05 -23.65 31.99
C GLU E 91 -11.34 -22.74 30.80
N SER E 92 -11.56 -21.46 31.05
CA SER E 92 -11.87 -20.58 29.94
C SER E 92 -11.22 -19.25 30.15
N TRP E 93 -10.96 -18.57 29.04
CA TRP E 93 -10.32 -17.29 29.11
C TRP E 93 -10.55 -16.43 27.88
N SER E 94 -10.29 -15.17 28.02
CA SER E 94 -10.32 -14.26 26.91
C SER E 94 -9.02 -14.14 26.11
N TYR E 95 -7.89 -14.30 26.78
CA TYR E 95 -6.55 -14.23 26.21
C TYR E 95 -5.57 -14.87 27.16
N ILE E 96 -4.34 -15.12 26.71
CA ILE E 96 -3.32 -15.72 27.58
C ILE E 96 -2.19 -14.75 27.85
N VAL E 97 -1.86 -14.56 29.13
CA VAL E 97 -0.77 -13.65 29.47
C VAL E 97 0.39 -14.32 30.17
N GLU E 98 1.56 -14.14 29.59
CA GLU E 98 2.80 -14.70 30.10
C GLU E 98 3.76 -13.56 30.53
N THR E 99 4.47 -13.66 31.65
CA THR E 99 5.42 -12.59 31.95
C THR E 99 6.49 -12.61 30.84
N PRO E 100 7.08 -11.48 30.40
CA PRO E 100 8.13 -11.41 29.40
C PRO E 100 9.31 -12.33 29.66
N ASN E 101 9.63 -12.59 30.92
CA ASN E 101 10.73 -13.48 31.24
C ASN E 101 10.30 -14.53 32.25
N PRO E 102 9.58 -15.58 31.83
CA PRO E 102 9.03 -16.59 32.69
C PRO E 102 10.12 -17.32 33.39
N GLU E 103 9.81 -17.74 34.59
CA GLU E 103 10.72 -18.53 35.38
C GLU E 103 10.32 -20.01 35.46
N ASN E 104 8.99 -20.30 35.48
CA ASN E 104 8.40 -21.62 35.66
C ASN E 104 7.79 -22.12 34.34
N GLY E 105 8.60 -22.84 33.56
CA GLY E 105 8.30 -23.36 32.24
C GLY E 105 8.62 -24.80 32.30
N THR E 106 9.39 -25.27 31.36
CA THR E 106 9.76 -26.64 31.44
C THR E 106 10.60 -26.80 32.72
N CYS E 107 10.28 -27.81 33.58
CA CYS E 107 10.98 -28.11 34.82
C CYS E 107 12.27 -28.84 34.52
N TYR E 108 12.06 -29.91 33.77
CA TYR E 108 13.08 -30.84 33.44
C TYR E 108 13.32 -30.53 31.99
N PRO E 109 14.40 -29.82 31.67
CA PRO E 109 14.63 -29.15 30.42
C PRO E 109 14.73 -30.12 29.30
N GLY E 110 14.42 -29.65 28.12
CA GLY E 110 14.54 -30.44 26.91
C GLY E 110 13.86 -29.69 25.81
N TYR E 111 13.83 -30.27 24.64
CA TYR E 111 13.24 -29.58 23.53
C TYR E 111 11.75 -29.79 23.47
N PHE E 112 11.00 -28.72 23.41
CA PHE E 112 9.57 -28.84 23.30
C PHE E 112 9.28 -28.74 21.80
N ALA E 113 8.99 -29.87 21.21
CA ALA E 113 8.83 -29.97 19.78
C ALA E 113 7.67 -29.18 19.31
N ASP E 114 7.90 -28.47 18.25
CA ASP E 114 6.88 -27.68 17.65
C ASP E 114 6.22 -26.83 18.71
N TYR E 115 7.01 -26.27 19.63
CA TYR E 115 6.47 -25.43 20.68
C TYR E 115 5.85 -24.21 20.12
N GLU E 116 6.51 -23.61 19.16
CA GLU E 116 6.02 -22.39 18.57
C GLU E 116 4.70 -22.67 17.87
N GLU E 117 4.57 -23.86 17.27
CA GLU E 117 3.33 -24.25 16.59
C GLU E 117 2.24 -24.49 17.62
N LEU E 118 2.59 -25.04 18.77
CA LEU E 118 1.58 -25.25 19.80
C LEU E 118 1.11 -23.95 20.36
N ARG E 119 2.02 -23.00 20.56
CA ARG E 119 1.61 -21.71 21.06
C ARG E 119 0.61 -21.14 20.09
N GLU E 120 0.83 -21.35 18.78
CA GLU E 120 -0.13 -20.86 17.81
C GLU E 120 -1.44 -21.65 17.90
N GLN E 121 -1.41 -22.97 18.10
CA GLN E 121 -2.68 -23.68 18.17
C GLN E 121 -3.50 -23.26 19.38
N LEU E 122 -2.84 -22.96 20.49
CA LEU E 122 -3.52 -22.58 21.70
C LEU E 122 -3.94 -21.14 21.67
N SER E 123 -3.53 -20.41 20.66
CA SER E 123 -3.87 -19.02 20.61
C SER E 123 -5.31 -18.87 20.25
N SER E 124 -5.91 -19.87 19.59
CA SER E 124 -7.30 -19.74 19.20
C SER E 124 -8.21 -20.55 20.11
N VAL E 125 -7.68 -21.07 21.21
CA VAL E 125 -8.52 -21.82 22.10
C VAL E 125 -9.16 -20.86 23.07
N SER E 126 -10.48 -20.89 23.15
CA SER E 126 -11.19 -20.00 24.05
C SER E 126 -11.40 -20.70 25.37
N SER E 127 -11.47 -22.01 25.29
CA SER E 127 -11.65 -22.80 26.50
C SER E 127 -11.27 -24.23 26.30
N PHE E 128 -11.10 -24.93 27.40
CA PHE E 128 -10.91 -26.34 27.29
C PHE E 128 -11.31 -27.16 28.48
N GLU E 129 -11.48 -28.44 28.21
CA GLU E 129 -11.82 -29.39 29.24
C GLU E 129 -10.70 -30.35 29.53
N ARG E 130 -10.16 -30.28 30.73
CA ARG E 130 -9.08 -31.18 31.08
C ARG E 130 -9.64 -32.53 31.39
N PHE E 131 -9.10 -33.55 30.77
CA PHE E 131 -9.64 -34.86 31.05
C PHE E 131 -8.65 -35.75 31.65
N GLU E 132 -9.13 -36.56 32.49
CA GLU E 132 -8.26 -37.59 32.89
C GLU E 132 -8.27 -38.54 31.71
N ILE E 133 -7.11 -38.97 31.22
CA ILE E 133 -7.10 -39.90 30.10
C ILE E 133 -6.68 -41.22 30.66
N PHE E 134 -5.52 -41.22 31.31
CA PHE E 134 -5.04 -42.41 31.95
C PHE E 134 -4.59 -41.96 33.37
N PRO E 135 -5.49 -41.50 34.25
CA PRO E 135 -5.18 -40.82 35.52
C PRO E 135 -4.72 -41.58 36.75
N LYS E 136 -4.96 -42.86 36.79
CA LYS E 136 -4.80 -43.59 38.04
C LYS E 136 -4.02 -44.85 37.88
N GLU E 137 -3.75 -45.50 39.01
CA GLU E 137 -3.11 -46.79 39.07
C GLU E 137 -3.94 -47.83 38.32
N SER E 138 -5.25 -47.58 38.20
CA SER E 138 -6.14 -48.45 37.46
C SER E 138 -5.93 -48.34 35.94
N SER E 139 -5.36 -47.22 35.47
CA SER E 139 -5.06 -47.04 34.06
C SER E 139 -3.69 -47.61 33.81
N TRP E 140 -2.86 -47.55 34.85
CA TRP E 140 -1.51 -48.04 34.78
C TRP E 140 -1.16 -49.06 35.88
N PRO E 141 -1.84 -50.22 36.02
CA PRO E 141 -1.57 -51.21 37.06
C PRO E 141 -0.15 -51.76 37.17
N ASN E 142 0.63 -51.79 36.06
CA ASN E 142 2.00 -52.31 36.02
C ASN E 142 3.08 -51.23 35.84
N HIS E 143 2.73 -49.92 35.93
CA HIS E 143 3.69 -48.81 35.77
C HIS E 143 3.48 -47.87 36.94
N THR E 144 4.48 -47.12 37.30
CA THR E 144 4.26 -46.20 38.40
C THR E 144 4.75 -44.84 38.06
N VAL E 145 4.45 -43.88 38.90
CA VAL E 145 4.95 -42.54 38.63
C VAL E 145 6.06 -42.17 39.60
N THR E 146 7.25 -42.08 39.04
CA THR E 146 8.46 -41.79 39.78
C THR E 146 9.54 -41.35 38.80
N GLY E 147 10.77 -41.30 39.24
CA GLY E 147 11.84 -40.80 38.39
C GLY E 147 12.33 -39.52 39.00
N VAL E 148 13.10 -38.73 38.27
CA VAL E 148 13.66 -37.55 38.90
C VAL E 148 12.61 -36.47 39.04
N SER E 149 12.41 -36.08 40.28
CA SER E 149 11.45 -35.09 40.68
C SER E 149 12.13 -33.87 41.32
N ALA E 150 13.42 -33.99 41.59
CA ALA E 150 14.14 -32.98 42.36
C ALA E 150 14.11 -31.60 41.75
N SER E 151 14.15 -31.52 40.43
CA SER E 151 14.17 -30.23 39.77
C SER E 151 12.82 -29.60 39.41
N CYS E 152 11.68 -30.29 39.72
CA CYS E 152 10.33 -29.82 39.38
C CYS E 152 9.61 -29.84 40.72
N SER E 153 10.24 -29.21 41.72
CA SER E 153 9.72 -29.20 43.07
C SER E 153 8.55 -28.27 43.22
N HIS E 154 7.80 -28.47 44.29
CA HIS E 154 6.64 -27.66 44.60
C HIS E 154 6.71 -27.23 46.05
N ASN E 155 6.89 -25.94 46.29
CA ASN E 155 7.01 -25.44 47.64
C ASN E 155 8.10 -26.17 48.42
N GLY E 156 9.20 -26.50 47.75
CA GLY E 156 10.32 -27.17 48.38
C GLY E 156 10.29 -28.70 48.35
N LYS E 157 9.18 -29.29 47.91
CA LYS E 157 9.10 -30.76 47.88
C LYS E 157 9.35 -31.27 46.47
N SER E 158 10.11 -32.34 46.31
CA SER E 158 10.37 -32.84 44.96
C SER E 158 9.04 -33.24 44.33
N SER E 159 8.86 -33.01 43.02
CA SER E 159 7.58 -33.33 42.39
C SER E 159 7.62 -33.53 40.86
N PHE E 160 6.46 -33.68 40.25
CA PHE E 160 6.29 -33.92 38.82
C PHE E 160 5.21 -33.02 38.23
N TYR E 161 5.25 -32.87 36.92
CA TYR E 161 4.26 -32.09 36.18
C TYR E 161 2.82 -32.56 36.40
N ARG E 162 1.91 -31.62 36.60
CA ARG E 162 0.51 -31.91 36.82
C ARG E 162 -0.20 -32.57 35.66
N ASN E 163 0.18 -32.30 34.41
CA ASN E 163 -0.53 -32.89 33.28
C ASN E 163 0.25 -34.04 32.61
N LEU E 164 1.29 -34.54 33.27
CA LEU E 164 2.09 -35.61 32.68
C LEU E 164 2.55 -36.63 33.68
N LEU E 165 2.50 -37.88 33.30
CA LEU E 165 2.91 -38.95 34.16
C LEU E 165 4.21 -39.59 33.73
N TRP E 166 5.25 -39.34 34.49
CA TRP E 166 6.54 -39.90 34.17
C TRP E 166 6.53 -41.31 34.65
N LEU E 167 6.43 -42.24 33.72
CA LEU E 167 6.29 -43.60 34.11
C LEU E 167 7.61 -44.29 34.15
N THR E 168 7.75 -45.13 35.12
CA THR E 168 8.90 -45.98 35.25
C THR E 168 8.36 -47.33 35.49
N GLY E 169 9.23 -48.29 35.46
CA GLY E 169 8.75 -49.61 35.73
C GLY E 169 8.42 -49.78 37.18
N LYS E 170 7.69 -50.84 37.46
CA LYS E 170 7.25 -51.20 38.79
C LYS E 170 7.79 -52.58 39.09
N ASN E 171 8.38 -52.75 40.27
CA ASN E 171 8.94 -54.03 40.69
C ASN E 171 9.96 -54.57 39.70
N GLY E 172 10.75 -53.67 39.13
CA GLY E 172 11.81 -54.04 38.19
C GLY E 172 11.40 -54.08 36.72
N LEU E 173 10.11 -53.97 36.41
CA LEU E 173 9.72 -54.08 35.01
C LEU E 173 8.97 -52.89 34.43
N TYR E 174 9.23 -52.64 33.17
CA TYR E 174 8.48 -51.66 32.39
C TYR E 174 7.86 -52.39 31.21
N PRO E 175 6.67 -52.97 31.36
CA PRO E 175 6.03 -53.77 30.34
C PRO E 175 5.80 -52.95 29.12
N ASN E 176 5.78 -53.61 27.96
CA ASN E 176 5.49 -52.87 26.75
C ASN E 176 4.21 -52.17 27.05
N LEU E 177 4.21 -50.90 26.83
CA LEU E 177 3.07 -50.11 27.12
C LEU E 177 2.27 -50.00 25.90
N SER E 178 0.97 -50.19 26.04
CA SER E 178 0.05 -50.02 24.93
C SER E 178 -1.28 -49.52 25.44
N LYS E 179 -1.62 -48.32 25.08
CA LYS E 179 -2.85 -47.68 25.49
C LYS E 179 -3.46 -46.96 24.34
N SER E 180 -4.75 -46.71 24.40
CA SER E 180 -5.32 -45.91 23.35
C SER E 180 -6.44 -45.06 23.86
N TYR E 181 -6.68 -44.00 23.15
CA TYR E 181 -7.77 -43.10 23.47
C TYR E 181 -8.60 -42.79 22.27
N VAL E 182 -9.90 -42.97 22.42
CA VAL E 182 -10.81 -42.69 21.33
C VAL E 182 -11.49 -41.39 21.62
N ASN E 183 -11.42 -40.47 20.69
CA ASN E 183 -11.97 -39.18 20.94
C ASN E 183 -13.45 -39.13 20.71
N ASN E 184 -14.18 -39.70 21.66
CA ASN E 184 -15.64 -39.74 21.61
C ASN E 184 -16.22 -38.47 22.22
N LYS E 185 -15.90 -37.37 21.58
CA LYS E 185 -16.27 -36.00 21.94
C LYS E 185 -16.42 -35.21 20.66
N GLU E 186 -17.15 -34.11 20.71
CA GLU E 186 -17.32 -33.27 19.52
C GLU E 186 -16.14 -32.33 19.30
N LYS E 187 -15.25 -32.28 20.28
CA LYS E 187 -14.11 -31.40 20.30
C LYS E 187 -12.80 -32.11 19.95
N GLU E 188 -11.83 -31.33 19.49
CA GLU E 188 -10.48 -31.80 19.22
C GLU E 188 -9.77 -32.00 20.53
N VAL E 189 -8.94 -33.01 20.65
CA VAL E 189 -8.22 -33.16 21.91
C VAL E 189 -6.71 -33.02 21.79
N LEU E 190 -6.15 -32.11 22.56
CA LEU E 190 -4.72 -31.89 22.56
C LEU E 190 -4.08 -32.83 23.50
N VAL E 191 -3.17 -33.60 22.97
CA VAL E 191 -2.51 -34.58 23.76
C VAL E 191 -1.04 -34.27 23.83
N LEU E 192 -0.51 -34.18 25.05
CA LEU E 192 0.91 -33.91 25.21
C LEU E 192 1.59 -35.14 25.73
N TRP E 193 2.81 -35.39 25.31
CA TRP E 193 3.59 -36.52 25.81
C TRP E 193 5.00 -36.07 25.99
N GLY E 194 5.75 -36.78 26.79
CA GLY E 194 7.17 -36.50 26.78
C GLY E 194 7.96 -37.76 26.49
N VAL E 195 9.20 -37.59 26.07
CA VAL E 195 10.11 -38.71 25.90
C VAL E 195 11.33 -38.40 26.72
N HIS E 196 11.69 -39.32 27.56
CA HIS E 196 12.84 -39.12 28.41
C HIS E 196 14.14 -39.48 27.68
N HIS E 197 15.13 -38.63 27.83
CA HIS E 197 16.46 -38.75 27.28
C HIS E 197 17.51 -38.65 28.39
N PRO E 198 17.83 -39.75 29.07
CA PRO E 198 18.71 -39.83 30.21
C PRO E 198 20.11 -39.30 29.86
N PRO E 199 20.88 -38.83 30.86
CA PRO E 199 22.27 -38.38 30.76
C PRO E 199 23.26 -39.51 30.58
N ASN E 200 22.81 -40.70 30.92
CA ASN E 200 23.68 -41.84 30.95
C ASN E 200 22.89 -43.10 30.73
N ILE E 201 23.53 -44.13 30.20
CA ILE E 201 22.83 -45.38 29.99
C ILE E 201 22.37 -46.00 31.32
N GLY E 202 23.13 -45.77 32.39
CA GLY E 202 22.78 -46.33 33.67
C GLY E 202 21.51 -45.73 34.23
N ASN E 203 21.13 -44.54 33.77
CA ASN E 203 19.95 -43.91 34.31
C ASN E 203 18.72 -44.37 33.56
N GLN E 204 18.91 -45.09 32.47
CA GLN E 204 17.78 -45.56 31.72
C GLN E 204 17.45 -46.89 32.32
N ARG E 205 18.50 -47.65 32.59
CA ARG E 205 18.37 -48.96 33.17
C ARG E 205 17.74 -48.86 34.54
N ALA E 206 18.07 -47.80 35.27
CA ALA E 206 17.57 -47.51 36.58
C ALA E 206 16.06 -47.31 36.64
N LEU E 207 15.45 -46.92 35.52
CA LEU E 207 14.02 -46.67 35.50
C LEU E 207 13.30 -47.87 34.89
N TYR E 208 14.09 -48.92 34.61
CA TYR E 208 13.71 -50.18 33.98
C TYR E 208 13.29 -49.97 32.54
N HIS E 209 13.76 -48.89 31.96
CA HIS E 209 13.53 -48.59 30.59
C HIS E 209 14.62 -49.37 29.89
N THR E 210 14.43 -49.81 28.65
CA THR E 210 15.57 -50.49 28.01
C THR E 210 16.40 -49.67 27.07
N GLU E 211 17.54 -50.22 26.71
CA GLU E 211 18.51 -49.63 25.82
C GLU E 211 17.91 -49.38 24.46
N ASN E 212 16.91 -50.19 24.13
CA ASN E 212 16.21 -50.17 22.87
C ASN E 212 14.83 -49.56 23.02
N ALA E 213 14.68 -48.72 24.03
CA ALA E 213 13.44 -48.04 24.30
C ALA E 213 13.07 -47.17 23.13
N TYR E 214 11.79 -47.03 22.92
CA TYR E 214 11.26 -46.19 21.89
C TYR E 214 9.87 -45.80 22.29
N VAL E 215 9.38 -44.77 21.67
CA VAL E 215 8.02 -44.34 21.85
C VAL E 215 7.38 -44.26 20.48
N SER E 216 6.18 -44.78 20.35
CA SER E 216 5.50 -44.77 19.07
C SER E 216 4.09 -44.25 19.22
N VAL E 217 3.81 -43.14 18.55
CA VAL E 217 2.51 -42.56 18.70
C VAL E 217 1.85 -42.51 17.34
N VAL E 218 0.67 -43.12 17.25
CA VAL E 218 -0.04 -43.20 15.98
C VAL E 218 -1.49 -42.76 16.02
N SER E 219 -1.96 -42.01 15.04
CA SER E 219 -3.38 -41.68 14.99
C SER E 219 -3.78 -41.94 13.56
N SER E 220 -5.04 -41.79 13.19
CA SER E 220 -5.39 -42.11 11.81
C SER E 220 -4.72 -41.19 10.80
N HIS E 221 -4.21 -40.05 11.25
CA HIS E 221 -3.56 -39.12 10.35
C HIS E 221 -2.07 -38.95 10.55
N TYR E 222 -1.43 -39.66 11.48
CA TYR E 222 0.01 -39.44 11.58
C TYR E 222 0.68 -40.58 12.29
N SER E 223 1.97 -40.64 12.15
CA SER E 223 2.73 -41.58 12.93
C SER E 223 4.06 -40.98 13.19
N ARG E 224 4.53 -41.12 14.40
CA ARG E 224 5.84 -40.63 14.73
C ARG E 224 6.51 -41.62 15.65
N ARG E 225 7.78 -41.89 15.43
CA ARG E 225 8.49 -42.81 16.29
C ARG E 225 9.68 -42.07 16.86
N PHE E 226 9.92 -42.27 18.14
CA PHE E 226 10.98 -41.58 18.82
C PHE E 226 11.88 -42.60 19.49
N THR E 227 13.15 -42.29 19.61
CA THR E 227 14.06 -43.15 20.35
C THR E 227 14.79 -42.24 21.31
N PRO E 228 15.37 -42.71 22.41
CA PRO E 228 16.18 -41.94 23.30
C PRO E 228 17.50 -41.60 22.67
N GLU E 229 18.01 -40.44 23.02
CA GLU E 229 19.32 -39.98 22.64
C GLU E 229 20.09 -39.66 23.91
N ILE E 230 20.73 -40.66 24.46
CA ILE E 230 21.43 -40.49 25.72
C ILE E 230 22.74 -39.78 25.51
N ALA E 231 22.93 -38.72 26.27
CA ALA E 231 24.14 -37.93 26.16
C ALA E 231 24.37 -37.09 27.38
N LYS E 232 25.63 -36.78 27.67
CA LYS E 232 25.86 -35.86 28.75
C LYS E 232 25.58 -34.46 28.28
N ARG E 233 24.78 -33.73 29.03
CA ARG E 233 24.47 -32.37 28.67
C ARG E 233 25.16 -31.47 29.66
N PRO E 234 25.37 -30.19 29.34
CA PRO E 234 25.77 -29.19 30.29
C PRO E 234 24.68 -29.24 31.32
N LYS E 235 25.01 -29.05 32.58
CA LYS E 235 23.98 -29.12 33.57
C LYS E 235 23.08 -27.88 33.59
N VAL E 236 21.78 -28.10 33.44
CA VAL E 236 20.77 -27.05 33.43
C VAL E 236 19.73 -27.32 34.49
N ARG E 237 19.52 -26.39 35.41
CA ARG E 237 18.57 -26.61 36.50
C ARG E 237 18.90 -27.90 37.22
N ASP E 238 20.18 -28.12 37.43
CA ASP E 238 20.77 -29.29 38.09
C ASP E 238 20.63 -30.63 37.34
N GLN E 239 20.13 -30.63 36.10
CA GLN E 239 20.03 -31.88 35.37
C GLN E 239 20.96 -32.01 34.18
N GLU E 240 21.55 -33.21 34.04
CA GLU E 240 22.43 -33.55 32.91
C GLU E 240 21.71 -34.26 31.78
N GLY E 241 20.43 -34.53 31.97
CA GLY E 241 19.61 -35.21 30.97
C GLY E 241 18.54 -34.26 30.47
N ARG E 242 17.61 -34.78 29.70
CA ARG E 242 16.54 -33.92 29.20
C ARG E 242 15.28 -34.70 28.88
N ILE E 243 14.17 -34.00 28.82
CA ILE E 243 12.91 -34.55 28.36
C ILE E 243 12.37 -33.77 27.22
N ASN E 244 12.10 -34.42 26.13
CA ASN E 244 11.56 -33.68 25.03
C ASN E 244 10.07 -33.76 25.10
N TYR E 245 9.39 -32.73 24.66
CA TYR E 245 7.95 -32.76 24.74
C TYR E 245 7.37 -32.73 23.36
N TYR E 246 6.34 -33.52 23.16
CA TYR E 246 5.72 -33.69 21.86
C TYR E 246 4.21 -33.59 21.98
N TRP E 247 3.52 -33.27 20.90
CA TRP E 247 2.06 -33.17 20.99
C TRP E 247 1.32 -33.38 19.68
N THR E 248 0.02 -33.64 19.78
CA THR E 248 -0.85 -33.71 18.61
C THR E 248 -2.26 -33.25 18.89
N LEU E 249 -2.97 -32.84 17.85
CA LEU E 249 -4.39 -32.54 18.00
C LEU E 249 -5.19 -33.65 17.37
N LEU E 250 -5.96 -34.33 18.20
CA LEU E 250 -6.72 -35.46 17.79
C LEU E 250 -8.12 -35.05 17.34
N GLU E 251 -8.49 -35.36 16.12
CA GLU E 251 -9.78 -34.95 15.59
C GLU E 251 -10.92 -35.77 16.20
N PRO E 252 -12.16 -35.27 16.27
CA PRO E 252 -13.29 -36.02 16.77
C PRO E 252 -13.42 -37.32 16.02
N GLY E 253 -13.61 -38.40 16.75
CA GLY E 253 -13.76 -39.73 16.19
C GLY E 253 -12.43 -40.42 15.92
N ASP E 254 -11.34 -39.69 16.07
CA ASP E 254 -10.01 -40.21 15.82
C ASP E 254 -9.54 -40.97 17.04
N THR E 255 -8.57 -41.84 16.85
CA THR E 255 -8.01 -42.63 17.94
C THR E 255 -6.50 -42.57 18.00
N ILE E 256 -5.93 -42.41 19.18
CA ILE E 256 -4.47 -42.49 19.28
C ILE E 256 -4.07 -43.79 19.88
N ILE E 257 -3.19 -44.49 19.20
CA ILE E 257 -2.62 -45.71 19.69
C ILE E 257 -1.25 -45.31 20.16
N PHE E 258 -1.04 -45.51 21.42
CA PHE E 258 0.12 -45.03 22.11
C PHE E 258 0.96 -46.17 22.70
N GLU E 259 2.19 -46.31 22.23
CA GLU E 259 3.02 -47.42 22.70
C GLU E 259 4.42 -47.02 23.15
N ALA E 260 5.00 -47.78 24.07
CA ALA E 260 6.37 -47.49 24.47
C ALA E 260 7.14 -48.69 25.06
N ASN E 261 8.46 -48.64 24.89
CA ASN E 261 9.39 -49.63 25.43
C ASN E 261 10.34 -49.00 26.44
N GLY E 262 9.90 -47.88 26.98
CA GLY E 262 10.63 -47.10 27.94
C GLY E 262 10.64 -45.64 27.55
N ASN E 263 11.06 -44.81 28.48
CA ASN E 263 11.15 -43.38 28.35
C ASN E 263 9.87 -42.70 28.03
N LEU E 264 8.75 -43.20 28.54
CA LEU E 264 7.52 -42.51 28.26
C LEU E 264 6.96 -41.73 29.41
N ILE E 265 6.63 -40.49 29.10
CA ILE E 265 5.93 -39.62 29.99
C ILE E 265 4.52 -39.48 29.41
N ALA E 266 3.57 -40.18 30.02
CA ALA E 266 2.21 -40.37 29.53
C ALA E 266 1.32 -39.15 29.77
N PRO E 267 0.29 -38.89 28.97
CA PRO E 267 -0.62 -37.78 29.14
C PRO E 267 -1.57 -37.96 30.32
N TRP E 268 -2.01 -36.82 30.86
CA TRP E 268 -3.00 -36.72 31.90
C TRP E 268 -3.54 -35.32 31.76
N TYR E 269 -4.85 -35.11 31.81
CA TYR E 269 -5.37 -33.76 31.62
C TYR E 269 -5.07 -33.24 30.24
N ALA E 270 -5.26 -34.13 29.29
CA ALA E 270 -5.20 -33.80 27.90
C ALA E 270 -6.41 -32.98 27.74
N PHE E 271 -6.55 -32.19 26.71
CA PHE E 271 -7.80 -31.45 26.75
C PHE E 271 -8.53 -31.14 25.49
N ALA E 272 -9.85 -31.06 25.65
CA ALA E 272 -10.71 -30.73 24.54
C ALA E 272 -10.61 -29.28 24.24
N LEU E 273 -10.50 -28.95 22.98
CA LEU E 273 -10.38 -27.56 22.60
C LEU E 273 -11.63 -26.99 22.00
N SER E 274 -12.03 -25.86 22.54
CA SER E 274 -13.13 -25.09 22.00
C SER E 274 -12.46 -23.91 21.34
N ARG E 275 -12.67 -23.79 20.05
CA ARG E 275 -12.02 -22.76 19.25
C ARG E 275 -12.82 -21.46 19.17
N GLY E 276 -12.12 -20.35 18.95
CA GLY E 276 -12.72 -19.04 18.76
C GLY E 276 -11.71 -18.12 18.10
N PHE E 277 -11.95 -16.81 18.10
CA PHE E 277 -10.99 -15.94 17.45
C PHE E 277 -10.86 -14.58 18.12
N GLY E 278 -9.75 -13.91 17.85
CA GLY E 278 -9.42 -12.59 18.38
C GLY E 278 -8.50 -12.78 19.59
N SER E 279 -8.44 -14.00 20.08
CA SER E 279 -7.63 -14.38 21.19
C SER E 279 -6.21 -14.67 20.75
N GLY E 280 -5.31 -14.73 21.72
CA GLY E 280 -3.93 -15.09 21.49
C GLY E 280 -3.10 -14.92 22.74
N ILE E 281 -1.79 -15.06 22.57
CA ILE E 281 -0.86 -15.01 23.67
C ILE E 281 -0.04 -13.74 23.62
N ILE E 282 -0.01 -13.00 24.72
CA ILE E 282 0.79 -11.79 24.81
C ILE E 282 1.68 -11.90 26.02
N THR E 283 2.76 -11.13 26.06
CA THR E 283 3.57 -11.14 27.26
C THR E 283 3.43 -9.81 27.96
N SER E 284 3.25 -9.83 29.26
CA SER E 284 3.06 -8.59 29.99
C SER E 284 3.31 -8.65 31.49
N ASN E 285 3.84 -7.56 32.04
CA ASN E 285 3.98 -7.43 33.49
C ASN E 285 2.90 -6.57 34.10
N ALA E 286 1.89 -6.24 33.32
CA ALA E 286 0.80 -5.44 33.82
C ALA E 286 0.03 -6.31 34.84
N PRO E 287 -0.50 -5.74 35.93
CA PRO E 287 -1.33 -6.40 36.91
C PRO E 287 -2.70 -6.62 36.35
N MET E 288 -3.43 -7.59 36.86
CA MET E 288 -4.83 -7.78 36.48
C MET E 288 -5.72 -7.00 37.42
N ASP E 289 -6.74 -6.34 36.88
CA ASP E 289 -7.68 -5.64 37.75
C ASP E 289 -9.12 -5.70 37.25
N GLU E 290 -10.02 -5.10 38.02
CA GLU E 290 -11.42 -5.10 37.70
C GLU E 290 -11.80 -4.00 36.72
N CYS E 291 -11.55 -4.27 35.43
CA CYS E 291 -11.77 -3.36 34.30
C CYS E 291 -12.17 -4.19 33.10
N ASP E 292 -12.69 -3.53 32.08
CA ASP E 292 -13.22 -4.21 30.90
C ASP E 292 -12.88 -3.44 29.64
N ALA E 293 -12.38 -4.14 28.64
CA ALA E 293 -11.95 -3.56 27.39
C ALA E 293 -12.26 -4.49 26.23
N LYS E 294 -12.29 -3.94 25.02
CA LYS E 294 -12.45 -4.82 23.86
C LYS E 294 -11.13 -5.30 23.21
N CYS E 295 -10.00 -4.56 23.41
CA CYS E 295 -8.66 -4.78 22.88
C CYS E 295 -7.62 -4.48 23.93
N GLN E 296 -6.63 -5.34 24.02
CA GLN E 296 -5.55 -5.08 24.93
C GLN E 296 -4.20 -5.29 24.31
N THR E 297 -3.21 -4.57 24.81
CA THR E 297 -1.88 -4.73 24.29
C THR E 297 -1.04 -5.16 25.51
N PRO E 298 0.21 -5.60 25.35
CA PRO E 298 1.15 -5.89 26.40
C PRO E 298 1.39 -4.76 27.39
N GLN E 299 1.12 -3.53 27.02
CA GLN E 299 1.37 -2.45 27.95
C GLN E 299 0.17 -2.15 28.82
N GLY E 300 -0.97 -2.75 28.49
CA GLY E 300 -2.22 -2.47 29.16
C GLY E 300 -3.37 -2.35 28.17
N ALA E 301 -4.57 -2.44 28.70
CA ALA E 301 -5.79 -2.36 27.93
C ALA E 301 -6.03 -1.04 27.27
N ILE E 302 -6.65 -1.06 26.08
CA ILE E 302 -6.98 0.18 25.40
C ILE E 302 -8.47 0.16 25.02
N ASN E 303 -9.08 1.34 24.78
CA ASN E 303 -10.44 1.45 24.27
C ASN E 303 -10.40 1.61 22.75
N SER E 304 -10.71 0.52 22.00
CA SER E 304 -10.59 0.43 20.52
C SER E 304 -11.71 1.10 19.75
N SER E 305 -11.88 2.38 20.01
CA SER E 305 -12.88 3.18 19.34
C SER E 305 -12.28 3.91 18.15
N LEU E 306 -10.96 4.06 18.13
CA LEU E 306 -10.31 4.79 17.06
C LEU E 306 -9.71 3.77 16.10
N PRO E 307 -9.70 4.01 14.77
CA PRO E 307 -9.11 3.15 13.73
C PRO E 307 -7.66 2.69 13.88
N PHE E 308 -6.80 3.51 14.50
CA PHE E 308 -5.39 3.20 14.65
C PHE E 308 -4.92 3.31 16.10
N GLN E 309 -3.83 2.64 16.41
CA GLN E 309 -3.18 2.81 17.72
C GLN E 309 -1.68 2.84 17.54
N ASN E 310 -0.98 3.52 18.45
CA ASN E 310 0.48 3.52 18.40
C ASN E 310 1.05 3.08 19.72
N VAL E 311 0.32 2.22 20.39
CA VAL E 311 0.71 1.72 21.68
C VAL E 311 1.62 0.52 21.51
N HIS E 312 1.23 -0.45 20.70
CA HIS E 312 2.08 -1.63 20.58
C HIS E 312 1.71 -2.45 19.33
N PRO E 313 2.67 -3.06 18.61
CA PRO E 313 2.39 -3.95 17.49
C PRO E 313 1.68 -5.27 17.81
N VAL E 314 1.71 -5.75 19.04
CA VAL E 314 1.06 -7.03 19.35
C VAL E 314 -0.20 -6.83 20.13
N THR E 315 -1.34 -7.18 19.56
CA THR E 315 -2.57 -6.94 20.27
C THR E 315 -3.52 -8.11 20.21
N ILE E 316 -4.45 -8.14 21.17
CA ILE E 316 -5.52 -9.13 21.29
C ILE E 316 -6.91 -8.53 21.38
N GLY E 317 -7.87 -9.20 20.78
CA GLY E 317 -9.25 -8.74 20.82
C GLY E 317 -9.63 -7.90 19.61
N GLU E 318 -10.67 -7.11 19.78
CA GLU E 318 -11.23 -6.35 18.67
C GLU E 318 -10.45 -5.04 18.58
N CYS E 319 -9.29 -5.12 17.87
CA CYS E 319 -8.24 -4.10 17.83
C CYS E 319 -8.12 -3.21 16.58
N PRO E 320 -7.65 -1.96 16.77
CA PRO E 320 -7.31 -0.99 15.75
C PRO E 320 -5.96 -1.34 15.15
N LYS E 321 -5.62 -0.72 14.03
CA LYS E 321 -4.35 -1.02 13.38
C LYS E 321 -3.14 -0.30 13.96
N TYR E 322 -2.08 -1.05 14.25
CA TYR E 322 -0.86 -0.43 14.75
C TYR E 322 -0.12 0.33 13.69
N VAL E 323 0.27 1.55 14.00
CA VAL E 323 1.07 2.38 13.13
C VAL E 323 2.26 2.93 13.89
N ARG E 324 3.28 3.37 13.17
CA ARG E 324 4.44 3.97 13.83
C ARG E 324 4.24 5.45 14.04
N SER E 325 3.16 5.98 13.48
CA SER E 325 2.88 7.41 13.54
C SER E 325 2.70 7.87 14.94
N ALA E 326 3.24 9.04 15.27
CA ALA E 326 3.04 9.59 16.60
C ALA E 326 1.62 10.11 16.79
N LYS E 327 1.10 10.76 15.74
CA LYS E 327 -0.23 11.37 15.75
C LYS E 327 -0.93 11.23 14.40
N LEU E 328 -2.21 10.92 14.43
CA LEU E 328 -3.06 10.89 13.23
C LEU E 328 -4.31 11.65 13.51
N ARG E 329 -4.22 12.95 13.53
CA ARG E 329 -5.38 13.74 13.82
C ARG E 329 -5.92 14.29 12.52
N MET E 330 -7.20 14.03 12.31
CA MET E 330 -7.89 14.44 11.12
C MET E 330 -8.74 15.66 11.33
N VAL E 331 -8.70 16.54 10.38
CA VAL E 331 -9.44 17.76 10.43
C VAL E 331 -10.87 17.53 10.10
N THR E 332 -11.79 18.06 10.90
CA THR E 332 -13.16 17.97 10.48
C THR E 332 -13.58 19.39 10.37
N GLY E 333 -12.87 20.21 11.12
CA GLY E 333 -13.18 21.63 11.22
C GLY E 333 -12.39 22.57 10.34
N LEU E 334 -12.45 23.82 10.71
CA LEU E 334 -11.92 24.99 10.04
C LEU E 334 -10.54 25.36 10.55
N ARG E 335 -9.73 26.13 9.82
CA ARG E 335 -8.48 26.52 10.48
C ARG E 335 -8.85 27.47 11.60
N ASN E 336 -8.29 27.26 12.78
CA ASN E 336 -8.64 28.07 13.94
C ASN E 336 -7.81 29.34 14.01
N ILE E 337 -8.07 30.21 13.09
CA ILE E 337 -7.41 31.48 12.95
C ILE E 337 -8.42 32.60 13.00
N PRO E 338 -8.63 33.30 14.13
CA PRO E 338 -9.56 34.41 14.30
C PRO E 338 -9.14 35.60 13.41
N SER E 339 -10.12 36.39 12.89
CA SER E 339 -9.93 37.61 12.07
C SER E 339 -8.91 38.57 12.73
N ILE F 10 -14.93 44.43 11.13
CA ILE F 10 -15.90 43.35 10.96
C ILE F 10 -15.47 42.37 9.82
N ALA F 11 -14.14 42.12 9.67
CA ALA F 11 -13.54 41.26 8.63
C ALA F 11 -13.96 39.80 8.73
N GLY F 12 -14.12 39.18 7.55
CA GLY F 12 -14.51 37.80 7.37
C GLY F 12 -13.33 36.87 7.11
N PHE F 13 -13.60 35.78 6.34
CA PHE F 13 -12.66 34.68 6.04
C PHE F 13 -11.37 35.10 5.38
N ILE F 14 -11.37 36.28 4.80
CA ILE F 14 -10.20 36.83 4.15
C ILE F 14 -9.10 36.99 5.21
N GLU F 15 -9.46 37.42 6.43
CA GLU F 15 -8.48 37.62 7.48
C GLU F 15 -8.51 36.48 8.52
N GLY F 16 -9.67 35.84 8.70
CA GLY F 16 -9.81 34.78 9.69
C GLY F 16 -11.27 34.51 10.06
N GLY F 17 -11.48 33.68 11.08
CA GLY F 17 -12.81 33.34 11.50
C GLY F 17 -13.36 34.23 12.62
N TRP F 18 -14.55 33.91 13.04
CA TRP F 18 -15.22 34.67 14.07
C TRP F 18 -15.39 33.90 15.35
N THR F 19 -15.10 34.52 16.47
CA THR F 19 -15.27 33.84 17.75
C THR F 19 -16.65 34.15 18.31
N GLY F 20 -17.38 35.02 17.61
CA GLY F 20 -18.71 35.41 18.02
C GLY F 20 -19.78 34.53 17.39
N MET F 21 -19.38 33.60 16.54
CA MET F 21 -20.32 32.74 15.86
C MET F 21 -20.15 31.38 16.49
N VAL F 22 -21.21 30.79 17.02
CA VAL F 22 -20.98 29.52 17.78
C VAL F 22 -21.79 28.39 17.14
N ASP F 23 -22.94 28.71 16.55
CA ASP F 23 -23.80 27.70 15.89
C ASP F 23 -23.31 27.54 14.47
N GLY F 24 -22.13 28.06 14.17
CA GLY F 24 -21.62 28.07 12.78
C GLY F 24 -20.43 27.19 12.52
N TRP F 25 -20.12 27.00 11.23
CA TRP F 25 -18.93 26.36 10.65
C TRP F 25 -18.90 27.34 9.51
N TYR F 26 -20.09 27.62 8.93
CA TYR F 26 -20.10 28.76 8.07
C TYR F 26 -21.30 29.59 8.32
N GLY F 27 -21.11 30.88 8.14
CA GLY F 27 -22.19 31.78 8.38
C GLY F 27 -21.86 33.21 8.10
N TYR F 28 -22.74 34.06 8.59
CA TYR F 28 -22.66 35.47 8.35
C TYR F 28 -22.61 36.28 9.61
N HIS F 29 -22.02 37.44 9.47
CA HIS F 29 -22.01 38.43 10.51
C HIS F 29 -22.66 39.65 9.97
N HIS F 30 -23.48 40.30 10.77
CA HIS F 30 -24.09 41.48 10.24
C HIS F 30 -24.25 42.61 11.21
N GLN F 31 -24.36 43.79 10.61
CA GLN F 31 -24.76 44.98 11.32
C GLN F 31 -25.77 45.68 10.42
N ASN F 32 -26.89 46.12 10.97
CA ASN F 32 -27.88 46.82 10.16
C ASN F 32 -28.67 47.79 11.05
N GLU F 33 -29.60 48.53 10.47
CA GLU F 33 -30.35 49.52 11.25
C GLU F 33 -31.20 48.91 12.36
N GLN F 34 -31.57 47.65 12.20
CA GLN F 34 -32.41 46.93 13.13
C GLN F 34 -31.69 45.82 13.91
N GLY F 35 -30.35 45.76 13.87
CA GLY F 35 -29.71 44.65 14.60
C GLY F 35 -28.22 44.41 14.36
N SER F 36 -27.69 43.42 15.09
CA SER F 36 -26.29 43.01 15.00
C SER F 36 -26.13 41.58 15.50
N GLY F 37 -25.24 40.81 14.87
CA GLY F 37 -24.97 39.46 15.36
C GLY F 37 -24.43 38.47 14.34
N TYR F 38 -24.34 37.20 14.75
CA TYR F 38 -23.80 36.15 13.89
C TYR F 38 -24.78 35.00 13.73
N ALA F 39 -24.76 34.34 12.57
CA ALA F 39 -25.57 33.14 12.37
C ALA F 39 -25.05 32.21 11.28
N ALA F 40 -25.22 30.91 11.49
CA ALA F 40 -24.88 29.88 10.50
C ALA F 40 -25.94 29.75 9.43
N ASP F 41 -25.57 29.17 8.30
CA ASP F 41 -26.58 28.94 7.25
C ASP F 41 -26.54 27.54 6.64
N GLN F 42 -27.24 27.42 5.50
CA GLN F 42 -27.44 26.22 4.70
C GLN F 42 -26.17 25.62 4.09
N LYS F 43 -25.04 26.35 4.06
CA LYS F 43 -23.84 25.74 3.49
C LYS F 43 -23.08 24.97 4.55
N SER F 44 -23.51 25.10 5.79
CA SER F 44 -22.91 24.35 6.86
C SER F 44 -23.83 23.17 7.06
N THR F 45 -25.08 23.49 7.33
CA THR F 45 -26.01 22.46 7.68
C THR F 45 -26.23 21.58 6.45
N GLN F 46 -25.96 20.31 6.60
CA GLN F 46 -26.07 19.27 5.56
C GLN F 46 -25.21 19.45 4.34
N ASN F 47 -24.25 20.35 4.38
CA ASN F 47 -23.38 20.51 3.25
C ASN F 47 -22.00 20.32 3.78
N ALA F 48 -21.38 21.32 4.37
CA ALA F 48 -20.08 21.04 4.89
C ALA F 48 -20.17 19.94 5.95
N ILE F 49 -21.22 19.96 6.77
CA ILE F 49 -21.39 18.95 7.78
C ILE F 49 -21.53 17.57 7.19
N ASN F 50 -22.28 17.45 6.10
CA ASN F 50 -22.55 16.14 5.50
C ASN F 50 -21.36 15.63 4.74
N GLY F 51 -20.65 16.51 4.05
CA GLY F 51 -19.48 16.14 3.31
C GLY F 51 -18.47 15.58 4.28
N ILE F 52 -18.27 16.31 5.37
CA ILE F 52 -17.33 15.87 6.37
C ILE F 52 -17.83 14.61 7.03
N THR F 53 -19.11 14.50 7.37
CA THR F 53 -19.54 13.27 8.00
C THR F 53 -19.21 12.08 7.13
N ASN F 54 -19.48 12.17 5.83
CA ASN F 54 -19.20 11.04 4.99
C ASN F 54 -17.72 10.74 4.97
N LYS F 55 -16.88 11.78 4.94
CA LYS F 55 -15.43 11.58 4.95
C LYS F 55 -14.92 10.93 6.23
N VAL F 56 -15.49 11.34 7.36
CA VAL F 56 -15.06 10.81 8.64
C VAL F 56 -15.46 9.35 8.71
N ASN F 57 -16.69 9.06 8.31
CA ASN F 57 -17.12 7.69 8.34
C ASN F 57 -16.36 6.86 7.35
N SER F 58 -15.97 7.42 6.21
CA SER F 58 -15.23 6.67 5.23
C SER F 58 -13.90 6.25 5.79
N VAL F 59 -13.20 7.18 6.43
CA VAL F 59 -11.89 6.86 6.97
C VAL F 59 -11.97 5.78 8.01
N ILE F 60 -12.99 5.85 8.87
CA ILE F 60 -13.19 4.87 9.90
C ILE F 60 -13.57 3.49 9.32
N GLU F 61 -14.51 3.48 8.37
CA GLU F 61 -15.02 2.28 7.72
C GLU F 61 -13.95 1.54 6.93
N LYS F 62 -13.01 2.28 6.36
CA LYS F 62 -11.94 1.69 5.58
C LYS F 62 -11.01 0.79 6.37
N MET F 63 -10.92 0.92 7.69
CA MET F 63 -10.01 0.02 8.36
C MET F 63 -10.66 -1.28 8.76
N ASN F 64 -9.94 -2.36 8.52
CA ASN F 64 -10.34 -3.71 8.87
C ASN F 64 -9.92 -4.06 10.29
N THR F 65 -10.87 -4.32 11.16
CA THR F 65 -10.58 -4.61 12.55
C THR F 65 -9.60 -5.76 12.57
N GLN F 66 -8.56 -5.64 13.39
CA GLN F 66 -7.47 -6.59 13.39
C GLN F 66 -7.68 -7.90 14.09
N PHE F 67 -8.59 -8.70 13.54
CA PHE F 67 -8.81 -10.05 14.02
C PHE F 67 -7.85 -10.94 13.26
N THR F 68 -6.59 -10.75 13.57
CA THR F 68 -5.48 -11.39 12.90
C THR F 68 -4.53 -12.00 13.90
N ALA F 69 -3.41 -12.50 13.41
CA ALA F 69 -2.43 -13.14 14.27
C ALA F 69 -1.95 -12.14 15.28
N VAL F 70 -1.80 -12.58 16.50
CA VAL F 70 -1.32 -11.72 17.56
C VAL F 70 0.19 -11.53 17.45
N GLY F 71 0.90 -12.63 17.25
CA GLY F 71 2.32 -12.62 17.09
C GLY F 71 2.77 -14.07 17.03
N LYS F 72 4.00 -14.31 16.62
CA LYS F 72 4.49 -15.68 16.52
C LYS F 72 5.89 -15.77 17.07
N GLU F 73 6.21 -16.92 17.62
CA GLU F 73 7.56 -17.19 18.09
C GLU F 73 8.26 -18.02 17.06
N PHE F 74 9.59 -17.92 17.02
CA PHE F 74 10.39 -18.70 16.09
C PHE F 74 11.55 -19.38 16.79
N ASN F 75 12.03 -20.47 16.21
CA ASN F 75 13.12 -21.24 16.78
C ASN F 75 14.49 -20.64 16.40
N LYS F 76 15.55 -21.26 16.92
CA LYS F 76 16.92 -20.84 16.65
C LYS F 76 17.32 -21.06 15.21
N LEU F 77 16.76 -22.10 14.61
CA LEU F 77 17.06 -22.47 13.24
C LEU F 77 15.98 -22.04 12.29
N GLU F 78 15.16 -21.10 12.73
CA GLU F 78 14.12 -20.57 11.89
C GLU F 78 14.33 -19.10 11.69
N ARG F 79 15.57 -18.66 11.66
CA ARG F 79 15.86 -17.24 11.52
C ARG F 79 15.33 -16.69 10.22
N ARG F 80 15.39 -17.45 9.13
CA ARG F 80 14.85 -16.92 7.87
C ARG F 80 13.34 -16.74 7.96
N MET F 81 12.67 -17.61 8.73
CA MET F 81 11.22 -17.56 8.90
C MET F 81 10.88 -16.40 9.80
N GLU F 82 11.73 -16.15 10.79
CA GLU F 82 11.54 -15.04 11.69
C GLU F 82 11.68 -13.78 10.92
N ASN F 83 12.71 -13.72 10.08
CA ASN F 83 12.96 -12.54 9.30
C ASN F 83 11.93 -12.37 8.24
N LEU F 84 11.35 -13.46 7.73
CA LEU F 84 10.30 -13.29 6.75
C LEU F 84 9.11 -12.72 7.46
N ASN F 85 8.79 -13.23 8.64
CA ASN F 85 7.66 -12.71 9.37
C ASN F 85 7.89 -11.28 9.74
N LYS F 86 9.12 -10.94 10.14
CA LYS F 86 9.44 -9.60 10.52
C LYS F 86 9.34 -8.71 9.32
N LYS F 87 9.85 -9.14 8.18
CA LYS F 87 9.77 -8.35 6.98
C LYS F 87 8.34 -8.09 6.62
N VAL F 88 7.49 -9.10 6.78
CA VAL F 88 6.10 -8.94 6.48
C VAL F 88 5.47 -7.93 7.43
N ASP F 89 5.78 -8.01 8.73
CA ASP F 89 5.23 -7.05 9.68
C ASP F 89 5.75 -5.65 9.47
N ASP F 90 7.04 -5.51 9.14
CA ASP F 90 7.64 -4.20 8.94
C ASP F 90 7.15 -3.64 7.65
N GLY F 91 6.98 -4.49 6.66
CA GLY F 91 6.51 -4.08 5.37
C GLY F 91 5.11 -3.56 5.52
N PHE F 92 4.23 -4.35 6.13
CA PHE F 92 2.86 -3.93 6.30
C PHE F 92 2.78 -2.76 7.22
N LEU F 93 3.65 -2.68 8.22
CA LEU F 93 3.62 -1.56 9.11
C LEU F 93 4.05 -0.30 8.40
N ASP F 94 5.09 -0.34 7.57
CA ASP F 94 5.50 0.86 6.87
C ASP F 94 4.48 1.24 5.84
N ILE F 95 3.85 0.25 5.21
CA ILE F 95 2.82 0.54 4.22
C ILE F 95 1.63 1.16 4.87
N TRP F 96 1.18 0.63 6.01
CA TRP F 96 0.04 1.19 6.67
C TRP F 96 0.36 2.48 7.38
N THR F 97 1.58 2.67 7.85
CA THR F 97 1.92 3.94 8.48
C THR F 97 1.90 4.96 7.37
N TYR F 98 2.49 4.60 6.23
CA TYR F 98 2.52 5.46 5.07
C TYR F 98 1.12 5.77 4.63
N ASN F 99 0.28 4.77 4.48
CA ASN F 99 -1.08 5.01 4.03
C ASN F 99 -1.88 5.78 5.04
N ALA F 100 -1.71 5.50 6.33
CA ALA F 100 -2.47 6.17 7.36
C ALA F 100 -2.09 7.61 7.46
N GLU F 101 -0.80 7.90 7.39
CA GLU F 101 -0.36 9.26 7.51
C GLU F 101 -0.64 9.99 6.24
N LEU F 102 -0.50 9.33 5.10
CA LEU F 102 -0.73 9.99 3.85
C LEU F 102 -2.19 10.26 3.69
N LEU F 103 -3.04 9.32 4.12
CA LEU F 103 -4.46 9.52 4.02
C LEU F 103 -4.80 10.70 4.87
N VAL F 104 -4.27 10.76 6.08
CA VAL F 104 -4.59 11.89 6.92
C VAL F 104 -4.05 13.20 6.35
N LEU F 105 -2.82 13.24 5.84
CA LEU F 105 -2.29 14.49 5.32
C LEU F 105 -3.04 14.96 4.10
N LEU F 106 -3.41 14.04 3.22
CA LEU F 106 -4.12 14.42 2.02
C LEU F 106 -5.53 14.76 2.35
N GLU F 107 -6.14 14.04 3.27
CA GLU F 107 -7.49 14.33 3.60
C GLU F 107 -7.54 15.61 4.37
N ASN F 108 -6.53 15.93 5.18
CA ASN F 108 -6.52 17.17 5.91
C ASN F 108 -6.32 18.33 4.97
N GLU F 109 -5.50 18.15 3.94
CA GLU F 109 -5.31 19.24 3.01
C GLU F 109 -6.57 19.42 2.20
N ARG F 110 -7.21 18.31 1.82
CA ARG F 110 -8.44 18.37 1.05
C ARG F 110 -9.57 18.93 1.87
N THR F 111 -9.62 18.59 3.16
CA THR F 111 -10.64 19.10 4.07
C THR F 111 -10.49 20.58 4.26
N LEU F 112 -9.28 21.04 4.48
CA LEU F 112 -9.12 22.46 4.66
C LEU F 112 -9.40 23.18 3.36
N ASP F 113 -9.04 22.58 2.22
CA ASP F 113 -9.31 23.20 0.93
C ASP F 113 -10.82 23.20 0.68
N PHE F 114 -11.52 22.14 1.10
CA PHE F 114 -12.96 22.00 1.00
C PHE F 114 -13.60 23.12 1.75
N HIS F 115 -13.15 23.35 2.96
CA HIS F 115 -13.69 24.40 3.79
C HIS F 115 -13.40 25.78 3.22
N ASP F 116 -12.21 25.99 2.66
CA ASP F 116 -11.93 27.29 2.08
C ASP F 116 -12.82 27.48 0.87
N SER F 117 -13.05 26.41 0.12
CA SER F 117 -13.90 26.47 -1.04
C SER F 117 -15.32 26.81 -0.62
N ASN F 118 -15.80 26.19 0.45
CA ASN F 118 -17.16 26.42 0.91
C ASN F 118 -17.39 27.85 1.38
N VAL F 119 -16.42 28.46 2.04
CA VAL F 119 -16.66 29.84 2.46
C VAL F 119 -16.57 30.73 1.23
N LYS F 120 -15.70 30.40 0.28
CA LYS F 120 -15.63 31.15 -0.94
C LYS F 120 -16.94 31.00 -1.72
N ASN F 121 -17.56 29.81 -1.68
CA ASN F 121 -18.79 29.60 -2.40
C ASN F 121 -19.86 30.52 -1.85
N LEU F 122 -19.86 30.75 -0.54
CA LEU F 122 -20.81 31.69 0.02
C LEU F 122 -20.52 33.08 -0.48
N TYR F 123 -19.26 33.40 -0.59
CA TYR F 123 -18.84 34.70 -1.03
C TYR F 123 -19.31 34.93 -2.47
N GLU F 124 -19.17 33.91 -3.31
CA GLU F 124 -19.59 34.00 -4.69
C GLU F 124 -21.11 34.06 -4.79
N LYS F 125 -21.81 33.34 -3.89
CA LYS F 125 -23.26 33.37 -3.87
C LYS F 125 -23.77 34.75 -3.57
N VAL F 126 -23.21 35.36 -2.54
CA VAL F 126 -23.65 36.67 -2.17
C VAL F 126 -23.23 37.66 -3.21
N LYS F 127 -22.00 37.60 -3.70
CA LYS F 127 -21.55 38.49 -4.75
C LYS F 127 -22.49 38.42 -5.96
N SER F 128 -22.93 37.23 -6.32
CA SER F 128 -23.82 37.12 -7.46
C SER F 128 -25.10 37.94 -7.28
N GLN F 129 -25.61 38.04 -6.05
CA GLN F 129 -26.81 38.84 -5.86
C GLN F 129 -26.52 40.32 -5.52
N LEU F 130 -25.40 40.60 -4.84
CA LEU F 130 -25.14 41.97 -4.42
C LEU F 130 -24.26 42.80 -5.32
N LYS F 131 -23.43 42.21 -6.17
CA LYS F 131 -22.49 43.03 -6.94
C LYS F 131 -23.20 44.08 -7.78
N ASN F 132 -24.42 43.79 -8.19
CA ASN F 132 -25.22 44.65 -9.02
C ASN F 132 -25.54 45.97 -8.31
N ASN F 133 -25.55 45.93 -6.98
CA ASN F 133 -25.82 47.09 -6.17
C ASN F 133 -24.92 47.15 -4.93
N ALA F 134 -23.71 46.55 -5.02
CA ALA F 134 -22.78 46.57 -3.90
C ALA F 134 -21.84 47.73 -4.04
N LYS F 135 -21.51 48.30 -2.91
CA LYS F 135 -20.61 49.43 -2.85
C LYS F 135 -19.17 49.00 -2.84
N GLU F 136 -18.90 47.94 -2.13
CA GLU F 136 -17.57 47.42 -2.01
C GLU F 136 -17.64 45.97 -1.69
N ILE F 137 -16.81 45.20 -2.36
CA ILE F 137 -16.71 43.81 -2.04
C ILE F 137 -15.25 43.48 -1.74
N GLY F 138 -15.00 43.00 -0.53
CA GLY F 138 -13.64 42.63 -0.12
C GLY F 138 -13.49 42.54 1.38
N ASN F 139 -12.43 41.86 1.81
CA ASN F 139 -12.12 41.63 3.22
C ASN F 139 -13.22 40.82 3.92
N GLY F 140 -13.99 40.09 3.12
CA GLY F 140 -15.08 39.23 3.55
C GLY F 140 -16.39 40.00 3.68
N CYS F 141 -16.37 41.31 3.42
CA CYS F 141 -17.56 42.12 3.61
C CYS F 141 -18.20 42.66 2.34
N PHE F 142 -19.51 42.69 2.38
CA PHE F 142 -20.31 43.30 1.35
C PHE F 142 -21.00 44.54 1.86
N GLU F 143 -20.64 45.66 1.23
CA GLU F 143 -21.20 46.96 1.51
C GLU F 143 -22.32 47.18 0.49
N PHE F 144 -23.31 47.98 0.83
CA PHE F 144 -24.46 48.23 -0.05
C PHE F 144 -24.56 49.71 -0.43
N TYR F 145 -25.25 49.99 -1.55
CA TYR F 145 -25.50 51.40 -1.93
C TYR F 145 -26.85 51.89 -1.44
N HIS F 146 -27.45 51.13 -0.50
CA HIS F 146 -28.72 51.41 0.19
C HIS F 146 -28.53 50.96 1.63
N LYS F 147 -29.34 51.47 2.55
CA LYS F 147 -29.26 50.99 3.92
C LYS F 147 -30.11 49.73 4.09
N CYS F 148 -29.62 48.78 4.91
CA CYS F 148 -30.25 47.51 5.25
C CYS F 148 -30.86 47.49 6.64
N ASN F 149 -31.90 46.69 6.71
CA ASN F 149 -32.70 46.30 7.84
C ASN F 149 -32.53 44.80 8.05
N ASN F 150 -33.28 44.21 8.98
CA ASN F 150 -33.11 42.78 9.17
C ASN F 150 -33.64 41.96 7.99
N GLU F 151 -34.63 42.47 7.26
CA GLU F 151 -35.19 41.74 6.11
C GLU F 151 -34.16 41.55 4.97
N CYS F 152 -33.32 42.60 4.71
CA CYS F 152 -32.20 42.62 3.75
C CYS F 152 -31.24 41.50 4.11
N MET F 153 -30.86 41.45 5.38
CA MET F 153 -29.94 40.40 5.79
C MET F 153 -30.52 39.01 5.64
N GLU F 154 -31.81 38.83 5.95
CA GLU F 154 -32.34 37.47 5.83
C GLU F 154 -32.37 37.03 4.39
N SER F 155 -32.69 37.95 3.47
CA SER F 155 -32.74 37.58 2.08
C SER F 155 -31.36 37.22 1.55
N VAL F 156 -30.33 37.96 1.97
CA VAL F 156 -29.01 37.64 1.46
C VAL F 156 -28.57 36.29 1.97
N LYS F 157 -28.81 36.01 3.25
CA LYS F 157 -28.39 34.74 3.82
C LYS F 157 -29.05 33.53 3.16
N ASN F 158 -30.35 33.62 2.85
CA ASN F 158 -31.04 32.51 2.21
C ASN F 158 -30.73 32.40 0.73
N GLY F 159 -30.46 33.54 0.09
CA GLY F 159 -30.20 33.57 -1.35
C GLY F 159 -31.43 34.03 -2.10
N THR F 160 -32.25 34.83 -1.44
CA THR F 160 -33.47 35.36 -1.98
C THR F 160 -33.33 36.85 -2.13
N TYR F 161 -32.10 37.36 -2.21
CA TYR F 161 -31.95 38.79 -2.33
C TYR F 161 -32.23 39.09 -3.77
N ASP F 162 -33.48 39.41 -4.00
CA ASP F 162 -33.95 39.64 -5.33
C ASP F 162 -33.54 41.06 -5.66
N TYR F 163 -32.27 41.20 -6.02
CA TYR F 163 -31.65 42.51 -6.22
C TYR F 163 -32.46 43.53 -7.02
N PRO F 164 -33.27 43.25 -8.05
CA PRO F 164 -33.97 44.29 -8.79
C PRO F 164 -34.93 45.11 -7.91
N LYS F 165 -35.30 44.56 -6.73
CA LYS F 165 -36.21 45.24 -5.82
C LYS F 165 -35.46 46.15 -4.88
N TYR F 166 -34.13 46.05 -4.92
CA TYR F 166 -33.25 46.81 -4.07
C TYR F 166 -32.36 47.76 -4.88
N SER F 167 -31.91 47.33 -6.07
CA SER F 167 -30.93 48.03 -6.92
C SER F 167 -31.42 49.33 -7.46
N GLU F 168 -32.73 49.52 -7.44
CA GLU F 168 -33.31 50.77 -7.87
C GLU F 168 -33.03 51.87 -6.85
N GLU F 169 -33.00 51.51 -5.57
CA GLU F 169 -32.74 52.51 -4.55
C GLU F 169 -31.25 52.49 -4.24
N SER F 170 -30.68 51.31 -4.37
CA SER F 170 -29.29 51.09 -4.06
C SER F 170 -28.42 51.45 -5.23
N LYS F 171 -28.36 52.73 -5.48
CA LYS F 171 -27.63 53.22 -6.62
C LYS F 171 -26.84 54.49 -6.35
N LEU F 172 -26.31 54.69 -5.14
CA LEU F 172 -25.58 55.93 -4.90
C LEU F 172 -24.40 56.19 -5.85
N ASN F 173 -23.68 55.17 -6.28
CA ASN F 173 -22.54 55.42 -7.17
C ASN F 173 -22.98 55.77 -8.57
N ARG F 174 -24.23 55.50 -8.90
CA ARG F 174 -24.70 55.81 -10.22
C ARG F 174 -25.13 57.28 -10.18
N GLU F 175 -25.75 57.67 -9.05
CA GLU F 175 -26.24 59.03 -8.86
C GLU F 175 -25.10 60.03 -8.87
N LYS F 176 -23.97 59.61 -8.33
CA LYS F 176 -22.79 60.46 -8.22
C LYS F 176 -21.86 60.52 -9.47
N ILE F 177 -22.16 59.75 -10.55
CA ILE F 177 -21.35 59.69 -11.78
C ILE F 177 -22.30 59.97 -12.94
N GLN G 1 -26.20 -1.05 15.57
CA GLN G 1 -26.12 -0.84 14.12
C GLN G 1 -27.43 -1.30 13.45
N VAL G 2 -27.89 -2.53 13.79
CA VAL G 2 -29.08 -3.18 13.25
C VAL G 2 -29.91 -3.60 14.43
N GLN G 3 -29.27 -3.51 15.57
CA GLN G 3 -29.88 -3.97 16.81
C GLN G 3 -29.38 -3.25 18.05
N LEU G 4 -30.33 -2.86 18.89
CA LEU G 4 -30.09 -2.22 20.16
C LEU G 4 -30.73 -3.09 21.25
N VAL G 5 -29.95 -3.50 22.24
CA VAL G 5 -30.42 -4.39 23.31
C VAL G 5 -30.41 -3.73 24.67
N GLN G 6 -31.55 -3.73 25.37
CA GLN G 6 -31.62 -3.01 26.66
C GLN G 6 -32.33 -3.77 27.81
N SER G 7 -31.86 -3.56 29.06
CA SER G 7 -32.41 -4.27 30.25
C SER G 7 -33.24 -3.42 31.21
N GLY G 8 -34.17 -4.06 31.95
CA GLY G 8 -35.07 -3.37 32.90
C GLY G 8 -34.62 -3.38 34.34
N ALA G 9 -35.56 -3.11 35.24
CA ALA G 9 -35.23 -3.00 36.66
C ALA G 9 -36.40 -3.28 37.60
N GLU G 10 -36.00 -3.63 38.82
CA GLU G 10 -36.86 -3.90 39.96
C GLU G 10 -37.40 -2.60 40.49
N VAL G 11 -38.21 -2.67 41.53
CA VAL G 11 -38.83 -1.44 42.01
C VAL G 11 -37.86 -0.46 42.59
N LYS G 12 -37.93 0.75 42.06
CA LYS G 12 -37.10 1.83 42.55
C LYS G 12 -37.94 2.82 43.35
N LYS G 13 -37.48 3.07 44.56
CA LYS G 13 -38.18 3.94 45.48
C LYS G 13 -37.89 5.41 45.21
N PRO G 14 -38.82 6.31 45.52
CA PRO G 14 -38.66 7.72 45.32
C PRO G 14 -37.50 8.18 46.16
N GLY G 15 -36.73 9.11 45.63
CA GLY G 15 -35.55 9.64 46.26
C GLY G 15 -34.30 8.93 45.75
N SER G 16 -34.50 7.83 45.01
CA SER G 16 -33.41 7.05 44.44
C SER G 16 -33.29 7.35 42.95
N SER G 17 -32.76 6.38 42.19
CA SER G 17 -32.55 6.59 40.77
C SER G 17 -32.76 5.33 39.96
N VAL G 18 -32.95 5.55 38.66
CA VAL G 18 -33.12 4.47 37.70
C VAL G 18 -32.01 4.48 36.68
N LYS G 19 -31.33 3.35 36.49
CA LYS G 19 -30.28 3.30 35.49
C LYS G 19 -30.74 2.46 34.31
N VAL G 20 -30.63 3.03 33.13
CA VAL G 20 -31.02 2.44 31.86
C VAL G 20 -29.86 2.41 30.87
N SER G 21 -29.67 1.29 30.19
CA SER G 21 -28.59 1.26 29.21
C SER G 21 -28.94 0.36 28.04
N CYS G 22 -28.28 0.58 26.87
CA CYS G 22 -28.42 -0.27 25.69
C CYS G 22 -27.09 -0.50 24.98
N LYS G 23 -26.91 -1.73 24.52
CA LYS G 23 -25.72 -2.07 23.77
C LYS G 23 -26.05 -2.13 22.30
N ALA G 24 -25.20 -1.54 21.48
CA ALA G 24 -25.41 -1.61 20.05
C ALA G 24 -24.55 -2.68 19.41
N SER G 25 -25.15 -3.46 18.52
CA SER G 25 -24.40 -4.48 17.80
C SER G 25 -23.70 -3.85 16.61
N GLY G 26 -22.76 -4.57 16.00
CA GLY G 26 -22.12 -4.07 14.78
C GLY G 26 -21.01 -3.06 15.05
N GLY G 27 -20.65 -2.30 14.02
CA GLY G 27 -19.52 -1.36 14.08
C GLY G 27 -19.94 0.10 14.14
N THR G 28 -18.93 0.98 13.99
CA THR G 28 -19.01 2.45 14.03
C THR G 28 -20.00 3.01 15.06
N PHE G 29 -20.01 2.44 16.28
CA PHE G 29 -20.86 2.95 17.37
C PHE G 29 -20.61 4.39 17.64
N ARG G 30 -19.35 4.73 17.60
CA ARG G 30 -18.88 6.05 17.89
C ARG G 30 -19.54 7.19 17.12
N THR G 31 -20.05 6.95 15.91
CA THR G 31 -20.69 8.00 15.15
C THR G 31 -22.20 7.81 15.04
N PHE G 32 -22.75 6.86 15.81
CA PHE G 32 -24.19 6.62 15.80
C PHE G 32 -24.89 7.66 16.59
N GLY G 33 -26.06 8.04 16.15
CA GLY G 33 -26.85 8.93 16.97
C GLY G 33 -27.83 8.13 17.79
N ILE G 34 -27.59 8.06 19.09
CA ILE G 34 -28.45 7.28 19.96
C ILE G 34 -29.26 8.19 20.82
N SER G 35 -30.56 7.97 20.79
CA SER G 35 -31.45 8.77 21.58
C SER G 35 -32.27 7.91 22.48
N TRP G 36 -32.75 8.52 23.53
CA TRP G 36 -33.62 7.84 24.44
C TRP G 36 -34.99 8.46 24.38
N VAL G 37 -35.99 7.59 24.39
CA VAL G 37 -37.43 7.90 24.37
C VAL G 37 -38.17 7.11 25.47
N ARG G 38 -39.16 7.69 26.13
CA ARG G 38 -39.89 6.93 27.16
C ARG G 38 -41.38 6.89 26.90
N GLN G 39 -42.04 5.86 27.46
CA GLN G 39 -43.48 5.74 27.38
C GLN G 39 -44.14 5.15 28.63
N ALA G 40 -44.95 5.99 29.26
CA ALA G 40 -45.72 5.61 30.45
C ALA G 40 -46.87 4.75 29.95
N PRO G 41 -47.46 3.84 30.73
CA PRO G 41 -48.54 3.01 30.27
C PRO G 41 -49.69 3.87 29.80
N GLY G 42 -50.23 3.58 28.64
CA GLY G 42 -51.38 4.31 28.11
C GLY G 42 -51.02 5.65 27.46
N GLN G 43 -49.75 6.00 27.47
CA GLN G 43 -49.29 7.27 26.93
C GLN G 43 -48.51 7.09 25.65
N GLY G 44 -48.13 8.22 25.05
CA GLY G 44 -47.34 8.20 23.83
C GLY G 44 -45.87 8.26 24.21
N LEU G 45 -45.05 8.49 23.21
CA LEU G 45 -43.61 8.52 23.34
C LEU G 45 -43.06 9.95 23.50
N GLU G 46 -42.06 10.12 24.37
CA GLU G 46 -41.41 11.44 24.52
C GLU G 46 -39.90 11.33 24.67
N TRP G 47 -39.21 12.39 24.28
CA TRP G 47 -37.74 12.46 24.29
C TRP G 47 -37.12 12.59 25.67
N MET G 48 -36.02 11.86 25.88
CA MET G 48 -35.19 11.97 27.06
C MET G 48 -33.92 12.74 26.71
N GLY G 49 -33.30 12.36 25.58
CA GLY G 49 -32.04 12.99 25.13
C GLY G 49 -31.39 12.36 23.89
N TRP G 50 -30.30 12.98 23.43
CA TRP G 50 -29.54 12.64 22.19
C TRP G 50 -28.00 12.73 22.28
N ILE G 51 -27.31 11.61 21.98
CA ILE G 51 -25.84 11.49 21.97
C ILE G 51 -25.19 11.00 20.68
N ILE G 52 -24.07 11.64 20.31
CA ILE G 52 -23.25 11.18 19.19
C ILE G 52 -21.93 10.84 19.95
N PRO G 53 -21.71 9.58 20.37
CA PRO G 53 -20.76 9.12 21.39
C PRO G 53 -19.33 9.56 21.40
N ILE G 54 -18.71 9.77 20.25
CA ILE G 54 -17.31 10.18 20.32
C ILE G 54 -17.13 11.58 19.76
N ILE G 55 -18.23 12.22 19.43
CA ILE G 55 -18.20 13.51 18.80
C ILE G 55 -18.45 14.62 19.79
N GLY G 56 -19.41 14.46 20.68
CA GLY G 56 -19.66 15.58 21.57
C GLY G 56 -20.54 15.28 22.78
N THR G 57 -20.97 16.35 23.41
CA THR G 57 -21.76 16.27 24.61
C THR G 57 -23.18 15.95 24.20
N PRO G 58 -24.01 15.44 25.12
CA PRO G 58 -25.42 15.18 24.95
C PRO G 58 -26.26 16.42 24.93
N ASN G 59 -27.42 16.29 24.33
CA ASN G 59 -28.45 17.32 24.39
C ASN G 59 -29.67 16.70 25.08
N TYR G 60 -30.05 17.23 26.25
CA TYR G 60 -31.14 16.66 27.05
C TYR G 60 -32.48 17.32 26.80
N ALA G 61 -33.55 16.54 26.91
CA ALA G 61 -34.90 17.05 26.79
C ALA G 61 -35.14 18.05 27.88
N GLN G 62 -35.84 19.14 27.57
CA GLN G 62 -35.99 20.23 28.53
C GLN G 62 -36.59 19.85 29.87
N LYS G 63 -37.57 18.96 29.89
CA LYS G 63 -38.20 18.61 31.16
C LYS G 63 -37.24 17.82 32.05
N PHE G 64 -36.18 17.29 31.45
CA PHE G 64 -35.20 16.50 32.15
C PHE G 64 -33.83 17.19 32.31
N GLN G 65 -33.70 18.48 31.96
CA GLN G 65 -32.36 19.07 32.05
C GLN G 65 -31.81 19.12 33.47
N GLY G 66 -32.67 19.25 34.46
CA GLY G 66 -32.24 19.26 35.85
C GLY G 66 -32.45 17.89 36.53
N ARG G 67 -32.84 16.87 35.75
CA ARG G 67 -33.18 15.56 36.29
C ARG G 67 -32.35 14.37 35.83
N VAL G 68 -31.79 14.42 34.62
CA VAL G 68 -31.15 13.21 34.14
C VAL G 68 -29.73 13.43 33.71
N ILE G 69 -29.01 12.33 33.68
CA ILE G 69 -27.69 12.31 33.10
C ILE G 69 -27.71 11.29 32.00
N ILE G 70 -27.37 11.71 30.80
CA ILE G 70 -27.34 10.77 29.69
C ILE G 70 -25.92 10.85 29.23
N THR G 71 -25.29 9.69 29.11
CA THR G 71 -23.89 9.52 28.73
C THR G 71 -23.69 8.33 27.83
N ALA G 72 -22.45 8.07 27.45
CA ALA G 72 -22.12 6.92 26.59
C ALA G 72 -20.69 6.49 26.77
N ASP G 73 -20.46 5.22 26.46
CA ASP G 73 -19.14 4.63 26.48
C ASP G 73 -18.81 4.01 25.13
N GLU G 74 -17.92 4.69 24.39
CA GLU G 74 -17.56 4.36 23.03
C GLU G 74 -16.78 3.04 22.93
N SER G 75 -16.27 2.59 24.06
CA SER G 75 -15.50 1.36 24.17
C SER G 75 -16.48 0.21 24.28
N SER G 76 -17.43 0.37 25.20
CA SER G 76 -18.44 -0.63 25.52
C SER G 76 -19.58 -0.65 24.53
N ASN G 77 -19.61 0.35 23.65
CA ASN G 77 -20.62 0.52 22.61
C ASN G 77 -21.98 0.55 23.25
N THR G 78 -22.02 1.21 24.39
CA THR G 78 -23.22 1.28 25.18
C THR G 78 -23.63 2.70 25.55
N ALA G 79 -24.91 2.99 25.38
CA ALA G 79 -25.44 4.28 25.79
C ALA G 79 -26.07 4.09 27.15
N TYR G 80 -25.98 5.09 28.01
CA TYR G 80 -26.54 4.98 29.36
C TYR G 80 -27.30 6.21 29.78
N MET G 81 -28.27 6.03 30.66
CA MET G 81 -28.85 7.18 31.33
C MET G 81 -29.22 6.88 32.76
N GLU G 82 -29.10 7.88 33.61
CA GLU G 82 -29.52 7.73 34.98
C GLU G 82 -30.51 8.81 35.30
N LEU G 83 -31.62 8.38 35.85
CA LEU G 83 -32.70 9.30 36.15
C LEU G 83 -32.67 9.55 37.65
N ASN G 84 -32.34 10.77 38.03
CA ASN G 84 -32.12 11.14 39.42
C ASN G 84 -33.32 11.71 40.11
N SER G 85 -33.30 11.67 41.45
CA SER G 85 -34.36 12.25 42.25
C SER G 85 -35.70 11.71 41.81
N LEU G 86 -35.79 10.40 41.77
CA LEU G 86 -36.98 9.71 41.34
C LEU G 86 -38.17 10.11 42.19
N LYS G 87 -39.27 10.44 41.52
CA LYS G 87 -40.52 10.81 42.19
C LYS G 87 -41.61 9.78 41.90
N SER G 88 -41.17 8.66 41.37
CA SER G 88 -42.00 7.53 40.98
C SER G 88 -43.13 7.93 40.05
N GLU G 89 -42.81 8.75 39.07
CA GLU G 89 -43.75 9.16 38.07
C GLU G 89 -43.93 7.95 37.20
N ASP G 90 -45.04 7.86 36.49
CA ASP G 90 -45.24 6.69 35.66
C ASP G 90 -43.99 6.52 34.81
N THR G 91 -43.45 5.31 34.86
CA THR G 91 -42.22 4.95 34.20
C THR G 91 -42.42 3.94 33.08
N ALA G 92 -42.57 2.68 33.43
CA ALA G 92 -42.75 1.62 32.45
C ALA G 92 -41.59 1.45 31.48
N VAL G 93 -41.71 1.86 30.22
CA VAL G 93 -40.63 1.53 29.30
C VAL G 93 -39.81 2.66 28.71
N TYR G 94 -38.51 2.42 28.69
CA TYR G 94 -37.59 3.35 28.05
C TYR G 94 -37.07 2.68 26.81
N TYR G 95 -36.78 3.45 25.79
CA TYR G 95 -36.28 2.89 24.58
C TYR G 95 -35.01 3.57 24.07
N CYS G 96 -34.11 2.75 23.53
CA CYS G 96 -32.88 3.12 22.82
C CYS G 96 -33.19 3.09 21.32
N ALA G 97 -32.93 4.21 20.64
CA ALA G 97 -33.17 4.26 19.21
C ALA G 97 -31.99 4.86 18.47
N LYS G 98 -31.71 4.33 17.29
CA LYS G 98 -30.62 4.83 16.47
C LYS G 98 -31.17 5.53 15.26
N GLU G 99 -30.65 6.73 15.01
CA GLU G 99 -31.12 7.48 13.88
C GLU G 99 -30.49 6.93 12.58
N GLY G 100 -30.88 7.49 11.45
CA GLY G 100 -30.41 7.04 10.14
C GLY G 100 -29.07 7.61 9.72
N ARG G 101 -29.07 8.81 9.13
CA ARG G 101 -27.79 9.36 8.69
C ARG G 101 -26.79 9.57 9.83
N ALA G 102 -27.28 9.93 11.00
CA ALA G 102 -26.40 10.13 12.15
C ALA G 102 -25.28 11.08 11.82
N LEU G 103 -25.62 12.26 11.34
CA LEU G 103 -24.60 13.23 10.94
C LEU G 103 -23.91 13.75 12.16
N LEU G 104 -22.63 14.07 12.01
CA LEU G 104 -21.86 14.47 13.16
C LEU G 104 -22.40 15.75 13.71
N ARG G 105 -22.63 15.78 15.01
CA ARG G 105 -23.17 16.95 15.63
C ARG G 105 -22.13 17.94 16.05
N TYR G 106 -22.30 19.15 15.56
CA TYR G 106 -21.50 20.28 15.93
C TYR G 106 -22.53 21.37 16.14
N PHE G 107 -23.60 21.21 15.39
CA PHE G 107 -24.74 22.10 15.29
C PHE G 107 -25.98 21.33 15.75
N ASP G 108 -26.65 21.75 16.81
CA ASP G 108 -27.79 20.96 17.30
C ASP G 108 -29.06 21.13 16.51
N TRP G 109 -29.07 22.08 15.61
CA TRP G 109 -30.27 22.32 14.83
C TRP G 109 -30.21 21.55 13.51
N LEU G 110 -29.17 20.74 13.40
CA LEU G 110 -28.96 19.82 12.31
C LEU G 110 -30.12 18.83 12.50
N PRO G 111 -30.85 18.40 11.47
CA PRO G 111 -31.96 17.47 11.58
C PRO G 111 -31.56 16.19 12.28
N LEU G 112 -32.53 15.63 13.02
CA LEU G 112 -32.34 14.45 13.85
C LEU G 112 -32.66 13.17 13.07
N ASP G 113 -33.05 13.35 11.82
CA ASP G 113 -33.32 12.29 10.85
C ASP G 113 -34.36 11.22 11.29
N ALA G 114 -34.22 9.98 10.77
CA ALA G 114 -35.19 8.90 11.03
C ALA G 114 -34.68 7.90 12.03
N PHE G 115 -35.57 7.24 12.79
CA PHE G 115 -35.07 6.17 13.66
C PHE G 115 -35.23 4.84 12.97
N ASP G 116 -34.12 4.32 12.47
CA ASP G 116 -34.17 3.08 11.70
C ASP G 116 -34.22 1.88 12.62
N ILE G 117 -33.48 1.98 13.71
CA ILE G 117 -33.41 0.86 14.64
C ILE G 117 -34.00 1.31 15.94
N TRP G 118 -34.96 0.57 16.43
CA TRP G 118 -35.57 0.98 17.66
C TRP G 118 -35.69 -0.26 18.50
N GLY G 119 -34.99 -0.30 19.62
CA GLY G 119 -34.93 -1.51 20.43
C GLY G 119 -36.12 -1.65 21.36
N GLN G 120 -36.12 -2.72 22.13
CA GLN G 120 -37.17 -3.02 23.09
C GLN G 120 -36.55 -3.66 24.29
N GLY G 121 -37.13 -3.42 25.43
CA GLY G 121 -36.64 -3.95 26.67
C GLY G 121 -36.81 -2.85 27.69
N THR G 122 -35.93 -2.79 28.64
CA THR G 122 -35.99 -1.77 29.69
C THR G 122 -37.36 -1.52 30.30
N MET G 123 -37.95 -2.55 30.87
CA MET G 123 -39.17 -2.33 31.61
C MET G 123 -38.76 -2.07 33.07
N VAL G 124 -39.11 -0.89 33.56
CA VAL G 124 -38.77 -0.45 34.90
C VAL G 124 -39.97 -0.10 35.74
N THR G 125 -40.01 -0.70 36.91
CA THR G 125 -41.08 -0.44 37.85
C THR G 125 -40.62 0.48 39.00
N VAL G 126 -41.52 1.34 39.44
CA VAL G 126 -41.21 2.27 40.52
C VAL G 126 -42.29 2.18 41.60
N SER G 127 -41.96 2.60 42.85
CA SER G 127 -42.89 2.59 43.99
C SER G 127 -43.82 3.80 43.96
N ASP H 1 -43.41 22.17 22.74
CA ASP H 1 -43.49 23.15 21.64
C ASP H 1 -43.60 22.49 20.26
N ILE H 2 -42.90 21.35 20.04
CA ILE H 2 -42.86 20.68 18.75
C ILE H 2 -44.02 19.68 18.75
N VAL H 3 -45.16 20.19 18.29
CA VAL H 3 -46.42 19.45 18.33
C VAL H 3 -47.13 19.31 16.98
N LEU H 4 -47.42 18.06 16.66
CA LEU H 4 -48.13 17.56 15.47
C LEU H 4 -49.07 16.51 16.04
N THR H 5 -50.33 16.91 16.17
CA THR H 5 -51.38 16.17 16.86
C THR H 5 -52.12 15.24 15.96
N GLN H 6 -52.34 14.03 16.43
CA GLN H 6 -53.05 13.00 15.68
C GLN H 6 -54.53 13.17 15.85
N THR H 7 -55.27 13.08 14.76
CA THR H 7 -56.71 13.15 14.88
C THR H 7 -57.15 11.77 15.36
N PRO H 8 -57.85 11.63 16.50
CA PRO H 8 -58.30 10.35 16.98
C PRO H 8 -59.38 9.94 16.02
N LEU H 9 -59.51 8.68 15.74
CA LEU H 9 -60.58 8.28 14.84
C LEU H 9 -61.30 7.06 15.34
N SER H 10 -62.62 7.14 15.42
CA SER H 10 -63.44 6.00 15.79
C SER H 10 -63.70 5.23 14.50
N LEU H 11 -62.64 4.68 13.94
CA LEU H 11 -62.66 4.06 12.64
C LEU H 11 -62.13 2.65 12.52
N PRO H 12 -62.88 1.62 12.94
CA PRO H 12 -62.52 0.25 12.71
C PRO H 12 -62.56 0.09 11.20
N VAL H 13 -61.68 -0.70 10.65
CA VAL H 13 -61.71 -0.96 9.21
C VAL H 13 -61.71 -2.46 8.94
N SER H 14 -62.27 -2.89 7.83
CA SER H 14 -62.25 -4.32 7.54
C SER H 14 -61.02 -4.62 6.71
N LEU H 15 -60.70 -5.89 6.57
CA LEU H 15 -59.56 -6.16 5.74
C LEU H 15 -60.02 -5.98 4.31
N GLY H 16 -59.17 -5.33 3.52
CA GLY H 16 -59.49 -5.02 2.13
C GLY H 16 -59.91 -3.56 1.96
N ASP H 17 -60.24 -2.88 3.07
CA ASP H 17 -60.61 -1.47 3.06
C ASP H 17 -59.40 -0.60 2.89
N GLN H 18 -59.61 0.62 2.42
CA GLN H 18 -58.49 1.55 2.39
C GLN H 18 -58.57 2.37 3.65
N ALA H 19 -57.45 2.90 4.10
CA ALA H 19 -57.51 3.71 5.32
C ALA H 19 -56.44 4.80 5.32
N SER H 20 -56.72 5.86 6.04
CA SER H 20 -55.72 6.89 6.23
C SER H 20 -55.94 7.59 7.54
N ILE H 21 -54.85 8.13 8.05
CA ILE H 21 -54.87 8.92 9.27
C ILE H 21 -54.13 10.22 9.03
N SER H 22 -54.35 11.24 9.86
CA SER H 22 -53.64 12.49 9.64
C SER H 22 -53.30 13.22 10.93
N CYS H 23 -52.31 14.16 10.84
CA CYS H 23 -51.81 15.01 11.92
C CYS H 23 -51.82 16.49 11.53
N ARG H 24 -52.00 17.35 12.54
CA ARG H 24 -51.95 18.82 12.37
C ARG H 24 -50.93 19.48 13.30
N SER H 25 -49.94 20.17 12.72
CA SER H 25 -48.87 20.85 13.47
C SER H 25 -49.05 22.34 13.72
N SER H 26 -48.46 22.78 14.82
CA SER H 26 -48.41 24.18 15.23
C SER H 26 -47.38 25.01 14.42
N GLN H 27 -46.47 24.31 13.76
CA GLN H 27 -45.40 24.93 12.96
C GLN H 27 -44.95 24.01 11.82
N SER H 28 -44.43 24.61 10.77
CA SER H 28 -43.99 23.84 9.62
C SER H 28 -42.89 22.83 9.91
N LEU H 29 -42.99 21.69 9.22
CA LEU H 29 -42.03 20.58 9.28
C LEU H 29 -40.97 20.71 8.21
N VAL H 30 -41.03 21.80 7.47
CA VAL H 30 -40.06 22.02 6.42
C VAL H 30 -38.86 22.71 7.02
N HIS H 31 -37.74 22.06 6.89
CA HIS H 31 -36.47 22.48 7.41
C HIS H 31 -35.77 23.36 6.38
N SER H 32 -34.83 24.20 6.81
CA SER H 32 -34.09 25.09 5.89
C SER H 32 -33.32 24.31 4.81
N ASP H 33 -33.12 23.01 5.02
CA ASP H 33 -32.47 22.10 4.07
C ASP H 33 -33.31 21.95 2.80
N GLY H 34 -34.61 22.23 2.91
CA GLY H 34 -35.59 22.07 1.86
C GLY H 34 -36.38 20.77 2.02
N ASN H 35 -35.94 19.93 2.95
CA ASN H 35 -36.59 18.65 3.22
C ASN H 35 -37.64 18.78 4.29
N THR H 36 -38.63 17.89 4.25
CA THR H 36 -39.63 17.83 5.30
C THR H 36 -39.34 16.62 6.13
N TYR H 37 -39.09 16.83 7.41
CA TYR H 37 -38.68 15.70 8.24
C TYR H 37 -39.80 15.05 8.99
N LEU H 38 -40.67 14.40 8.23
CA LEU H 38 -41.82 13.69 8.77
C LEU H 38 -41.61 12.20 8.73
N HIS H 39 -41.87 11.56 9.84
CA HIS H 39 -41.74 10.12 9.88
C HIS H 39 -43.01 9.54 10.50
N TRP H 40 -43.35 8.32 10.10
CA TRP H 40 -44.47 7.61 10.73
C TRP H 40 -43.99 6.32 11.33
N TYR H 41 -44.49 6.03 12.54
CA TYR H 41 -44.12 4.82 13.25
C TYR H 41 -45.36 4.06 13.72
N LEU H 42 -45.29 2.73 13.72
CA LEU H 42 -46.40 1.90 14.21
C LEU H 42 -46.05 1.02 15.36
N GLN H 43 -46.76 1.20 16.44
CA GLN H 43 -46.54 0.44 17.63
C GLN H 43 -47.66 -0.52 17.94
N LYS H 44 -47.31 -1.77 18.15
CA LYS H 44 -48.24 -2.80 18.53
C LYS H 44 -47.96 -3.07 19.99
N PRO H 45 -48.90 -3.54 20.80
CA PRO H 45 -48.66 -3.81 22.20
C PRO H 45 -47.46 -4.74 22.36
N GLY H 46 -46.56 -4.37 23.25
CA GLY H 46 -45.36 -5.14 23.55
C GLY H 46 -44.20 -4.88 22.58
N GLN H 47 -44.44 -4.08 21.55
CA GLN H 47 -43.45 -3.81 20.53
C GLN H 47 -42.88 -2.41 20.55
N SER H 48 -41.71 -2.25 19.94
CA SER H 48 -41.12 -0.94 19.77
C SER H 48 -41.94 -0.28 18.65
N PRO H 49 -41.96 1.05 18.55
CA PRO H 49 -42.64 1.81 17.53
C PRO H 49 -41.87 1.80 16.22
N LYS H 50 -41.93 0.69 15.51
CA LYS H 50 -41.21 0.45 14.26
C LYS H 50 -41.49 1.49 13.16
N LEU H 51 -40.42 1.93 12.51
CA LEU H 51 -40.51 2.92 11.42
C LEU H 51 -41.15 2.35 10.17
N LEU H 52 -42.16 3.06 9.68
CA LEU H 52 -42.80 2.64 8.45
C LEU H 52 -42.50 3.61 7.34
N ILE H 53 -42.60 4.89 7.64
CA ILE H 53 -42.38 5.93 6.62
C ILE H 53 -41.20 6.78 7.04
N TYR H 54 -40.20 6.96 6.18
CA TYR H 54 -39.02 7.72 6.62
C TYR H 54 -38.97 9.14 6.05
N LYS H 55 -39.74 9.42 5.01
CA LYS H 55 -39.84 10.77 4.43
C LYS H 55 -41.32 10.96 4.23
N VAL H 56 -41.79 12.18 4.05
CA VAL H 56 -43.24 12.34 3.91
C VAL H 56 -43.82 11.39 2.85
N SER H 57 -43.15 11.30 1.71
CA SER H 57 -43.61 10.47 0.59
C SER H 57 -42.84 9.15 0.39
N ASN H 58 -41.99 8.77 1.34
CA ASN H 58 -41.18 7.56 1.14
C ASN H 58 -41.26 6.54 2.24
N ARG H 59 -41.82 5.39 1.86
CA ARG H 59 -41.98 4.24 2.74
C ARG H 59 -40.62 3.61 2.94
N PHE H 60 -40.35 3.13 4.14
CA PHE H 60 -39.06 2.56 4.46
C PHE H 60 -38.88 1.11 4.01
N SER H 61 -37.68 0.57 4.24
CA SER H 61 -37.33 -0.79 3.81
C SER H 61 -37.97 -1.88 4.64
N GLY H 62 -38.49 -1.51 5.79
CA GLY H 62 -39.09 -2.44 6.72
C GLY H 62 -40.60 -2.59 6.55
N VAL H 63 -41.20 -1.93 5.55
CA VAL H 63 -42.64 -2.02 5.41
C VAL H 63 -43.02 -2.37 3.96
N PRO H 64 -44.11 -3.14 3.74
CA PRO H 64 -44.72 -3.40 2.44
C PRO H 64 -45.23 -2.13 1.77
N ASP H 65 -45.31 -2.19 0.45
CA ASP H 65 -45.73 -1.13 -0.47
C ASP H 65 -47.13 -0.60 -0.23
N ARG H 66 -47.92 -1.30 0.58
CA ARG H 66 -49.27 -0.84 0.87
C ARG H 66 -49.22 0.49 1.65
N PHE H 67 -48.08 0.77 2.32
CA PHE H 67 -47.96 2.01 3.08
C PHE H 67 -47.22 3.11 2.32
N SER H 68 -47.78 4.31 2.34
CA SER H 68 -47.17 5.50 1.74
C SER H 68 -47.65 6.75 2.46
N GLY H 69 -47.45 7.92 1.88
CA GLY H 69 -47.90 9.14 2.56
C GLY H 69 -47.72 10.41 1.74
N SER H 70 -48.22 11.51 2.30
CA SER H 70 -48.17 12.82 1.65
C SER H 70 -48.37 13.96 2.64
N GLY H 71 -48.16 15.19 2.17
CA GLY H 71 -48.42 16.36 2.99
C GLY H 71 -47.42 17.49 2.77
N SER H 72 -47.70 18.61 3.42
CA SER H 72 -46.89 19.82 3.31
C SER H 72 -47.11 20.81 4.46
N GLY H 73 -46.04 21.50 4.86
CA GLY H 73 -46.22 22.51 5.89
C GLY H 73 -46.55 21.90 7.23
N THR H 74 -47.79 22.09 7.66
CA THR H 74 -48.30 21.58 8.92
C THR H 74 -49.32 20.47 8.77
N ASP H 75 -49.69 20.15 7.52
CA ASP H 75 -50.75 19.18 7.23
C ASP H 75 -50.25 17.87 6.63
N PHE H 76 -50.31 16.77 7.41
CA PHE H 76 -49.76 15.51 6.91
C PHE H 76 -50.65 14.29 7.06
N THR H 77 -50.49 13.34 6.13
CA THR H 77 -51.25 12.09 6.16
C THR H 77 -50.47 10.82 5.82
N LEU H 78 -50.93 9.73 6.42
CA LEU H 78 -50.45 8.37 6.17
C LEU H 78 -51.49 7.64 5.38
N LYS H 79 -51.10 7.03 4.28
CA LYS H 79 -52.09 6.31 3.49
C LYS H 79 -51.79 4.82 3.38
N ILE H 80 -52.84 4.03 3.56
CA ILE H 80 -52.77 2.58 3.45
C ILE H 80 -53.66 2.17 2.28
N SER H 81 -53.06 1.60 1.23
CA SER H 81 -53.81 1.25 0.01
C SER H 81 -54.72 0.04 0.17
N ARG H 82 -54.49 -0.73 1.22
CA ARG H 82 -55.26 -1.90 1.56
C ARG H 82 -54.95 -2.34 2.96
N VAL H 83 -55.94 -2.43 3.81
CA VAL H 83 -55.70 -2.86 5.16
C VAL H 83 -55.65 -4.38 5.19
N GLU H 84 -54.57 -4.90 5.74
CA GLU H 84 -54.37 -6.34 5.84
C GLU H 84 -54.24 -6.72 7.30
N ALA H 85 -54.14 -8.01 7.59
CA ALA H 85 -54.08 -8.51 8.97
C ALA H 85 -52.91 -7.94 9.77
N GLU H 86 -51.86 -7.56 9.06
CA GLU H 86 -50.64 -7.00 9.63
C GLU H 86 -50.84 -5.60 10.20
N ASP H 87 -51.90 -4.92 9.78
CA ASP H 87 -52.25 -3.56 10.15
C ASP H 87 -53.23 -3.50 11.33
N LEU H 88 -52.70 -3.25 12.51
CA LEU H 88 -53.46 -3.16 13.75
C LEU H 88 -52.56 -2.47 14.76
N GLY H 89 -53.01 -1.39 15.40
CA GLY H 89 -52.11 -0.74 16.36
C GLY H 89 -52.17 0.79 16.34
N VAL H 90 -51.20 1.42 17.00
CA VAL H 90 -51.18 2.88 17.11
C VAL H 90 -50.10 3.54 16.29
N TYR H 91 -50.52 4.47 15.46
CA TYR H 91 -49.61 5.19 14.62
C TYR H 91 -49.22 6.53 15.21
N PHE H 92 -47.95 6.88 15.11
CA PHE H 92 -47.46 8.16 15.62
C PHE H 92 -46.78 8.99 14.53
N CYS H 93 -46.78 10.34 14.71
CA CYS H 93 -46.10 11.28 13.80
C CYS H 93 -44.82 11.69 14.47
N SER H 94 -43.81 11.99 13.67
CA SER H 94 -42.58 12.51 14.23
C SER H 94 -41.92 13.55 13.34
N GLN H 95 -41.51 14.64 13.98
CA GLN H 95 -40.79 15.77 13.40
C GLN H 95 -39.37 15.80 13.92
N SER H 96 -38.42 15.83 13.00
CA SER H 96 -36.99 15.84 13.35
C SER H 96 -36.26 17.11 12.94
N THR H 97 -36.99 18.22 12.87
CA THR H 97 -36.46 19.52 12.47
C THR H 97 -35.98 20.38 13.64
N HIS H 98 -36.16 19.89 14.85
CA HIS H 98 -35.80 20.61 16.06
C HIS H 98 -35.08 19.76 17.07
N VAL H 99 -34.33 20.41 17.94
CA VAL H 99 -33.63 19.70 19.00
C VAL H 99 -34.60 18.87 19.82
N PRO H 100 -35.60 19.42 20.52
CA PRO H 100 -36.60 18.57 21.06
C PRO H 100 -37.30 18.09 19.82
N PRO H 101 -37.49 16.80 19.64
CA PRO H 101 -38.17 16.22 18.54
C PRO H 101 -39.62 16.40 18.85
N LEU H 102 -40.43 16.06 17.90
CA LEU H 102 -41.84 16.13 18.13
C LEU H 102 -42.25 15.20 19.23
N THR H 103 -43.16 15.66 20.06
CA THR H 103 -43.76 14.71 20.98
C THR H 103 -44.45 13.76 20.01
N PHE H 104 -44.43 12.46 20.20
CA PHE H 104 -45.05 11.62 19.17
C PHE H 104 -46.57 11.82 19.12
N GLY H 105 -47.09 12.31 20.24
CA GLY H 105 -48.48 12.61 20.42
C GLY H 105 -49.26 11.41 20.92
N ALA H 106 -50.57 11.56 20.99
CA ALA H 106 -51.41 10.50 21.51
C ALA H 106 -51.35 9.26 20.65
N GLY H 107 -51.23 9.45 19.35
CA GLY H 107 -51.19 8.35 18.42
C GLY H 107 -52.59 8.08 17.88
N THR H 108 -52.70 7.52 16.68
CA THR H 108 -54.01 7.21 16.13
C THR H 108 -54.20 5.71 16.17
N LYS H 109 -55.24 5.27 16.85
CA LYS H 109 -55.47 3.84 16.96
C LYS H 109 -56.33 3.29 15.86
N LEU H 110 -55.78 2.30 15.16
CA LEU H 110 -56.52 1.62 14.12
C LEU H 110 -56.95 0.28 14.67
N GLU H 111 -58.24 0.03 14.52
CA GLU H 111 -58.90 -1.20 14.94
C GLU H 111 -59.43 -1.92 13.72
N LEU H 112 -59.65 -3.20 13.84
CA LEU H 112 -60.25 -3.90 12.73
C LEU H 112 -61.73 -4.15 13.06
N LYS H 113 -62.60 -4.07 12.02
CA LYS H 113 -64.07 -4.19 11.98
C LYS H 113 -64.73 -4.48 13.35
N THR I 19 1.16 48.80 -17.90
CA THR I 19 1.73 47.64 -18.54
C THR I 19 2.60 46.79 -17.58
N ILE I 20 1.92 46.10 -16.62
CA ILE I 20 2.54 45.15 -15.69
C ILE I 20 2.00 43.78 -16.02
N CYS I 21 2.88 42.81 -16.13
CA CYS I 21 2.46 41.49 -16.48
C CYS I 21 2.78 40.52 -15.39
N ILE I 22 1.96 39.49 -15.27
CA ILE I 22 2.14 38.44 -14.30
C ILE I 22 2.47 37.13 -14.95
N GLY I 23 3.49 36.50 -14.42
CA GLY I 23 3.90 35.25 -14.98
C GLY I 23 4.86 34.52 -14.10
N TYR I 24 5.48 33.56 -14.70
CA TYR I 24 6.39 32.68 -14.02
C TYR I 24 7.59 32.52 -14.91
N HIS I 25 8.75 32.20 -14.38
CA HIS I 25 9.88 32.09 -15.29
C HIS I 25 9.88 30.79 -16.06
N ALA I 26 10.49 30.83 -17.23
CA ALA I 26 10.75 29.71 -18.11
C ALA I 26 12.25 29.43 -18.00
N ASN I 27 12.68 28.28 -18.44
CA ASN I 27 14.07 27.89 -18.28
C ASN I 27 14.61 27.17 -19.50
N ASN I 28 15.87 26.77 -19.42
CA ASN I 28 16.55 26.02 -20.46
C ASN I 28 16.55 24.53 -20.13
N SER I 29 15.75 24.16 -19.14
CA SER I 29 15.61 22.79 -18.68
C SER I 29 14.98 21.88 -19.71
N THR I 30 15.50 20.67 -19.78
CA THR I 30 15.00 19.64 -20.67
C THR I 30 14.47 18.46 -19.85
N ASP I 31 14.36 18.65 -18.55
CA ASP I 31 13.91 17.59 -17.66
C ASP I 31 12.39 17.44 -17.70
N THR I 32 11.89 16.23 -17.93
CA THR I 32 10.45 16.05 -17.98
C THR I 32 9.92 15.12 -16.94
N VAL I 33 8.65 15.31 -16.62
CA VAL I 33 7.91 14.48 -15.69
C VAL I 33 6.60 14.00 -16.26
N ASP I 34 6.05 12.97 -15.65
CA ASP I 34 4.71 12.54 -15.97
C ASP I 34 3.74 12.95 -14.86
N THR I 35 2.46 13.10 -15.23
CA THR I 35 1.40 13.44 -14.29
C THR I 35 0.25 12.51 -14.59
N VAL I 36 -0.86 12.62 -13.89
CA VAL I 36 -1.96 11.70 -14.20
C VAL I 36 -2.62 12.03 -15.56
N LEU I 37 -2.65 13.31 -15.94
CA LEU I 37 -3.25 13.74 -17.22
C LEU I 37 -2.25 13.87 -18.38
N GLU I 38 -0.98 14.13 -18.09
CA GLU I 38 0.03 14.37 -19.11
C GLU I 38 1.13 13.33 -19.06
N LYS I 39 1.78 13.03 -20.19
CA LYS I 39 2.86 12.03 -20.14
C LYS I 39 4.32 12.52 -20.12
N ASN I 40 4.62 13.67 -20.77
CA ASN I 40 5.97 14.24 -20.92
C ASN I 40 5.87 15.76 -20.79
N VAL I 41 6.02 16.29 -19.57
CA VAL I 41 5.89 17.71 -19.26
C VAL I 41 7.25 18.23 -18.87
N THR I 42 7.76 19.20 -19.61
CA THR I 42 9.08 19.71 -19.26
C THR I 42 8.87 20.67 -18.13
N VAL I 43 9.71 20.60 -17.10
CA VAL I 43 9.59 21.51 -15.97
C VAL I 43 10.89 22.25 -15.72
N THR I 44 10.79 23.43 -15.09
CA THR I 44 11.96 24.26 -14.87
C THR I 44 12.92 23.70 -13.85
N HIS I 45 12.38 23.01 -12.86
CA HIS I 45 13.17 22.41 -11.80
C HIS I 45 12.58 21.10 -11.38
N SER I 46 13.44 20.17 -11.04
CA SER I 46 12.94 18.91 -10.56
C SER I 46 13.90 18.19 -9.66
N VAL I 47 13.35 17.23 -8.95
CA VAL I 47 14.10 16.37 -8.10
C VAL I 47 14.05 14.96 -8.57
N ASN I 48 15.21 14.41 -8.79
CA ASN I 48 15.26 13.05 -9.21
C ASN I 48 15.16 12.24 -7.98
N LEU I 49 14.07 11.52 -7.79
CA LEU I 49 13.94 10.76 -6.57
C LEU I 49 14.46 9.37 -6.76
N LEU I 50 14.82 9.02 -8.00
CA LEU I 50 15.23 7.67 -8.30
C LEU I 50 16.65 7.57 -8.83
N GLU I 51 17.45 6.76 -8.15
CA GLU I 51 18.82 6.55 -8.57
C GLU I 51 18.89 5.40 -9.55
N ASP I 52 19.30 5.68 -10.78
CA ASP I 52 19.37 4.71 -11.85
C ASP I 52 20.77 4.42 -12.32
N SER I 53 21.76 4.64 -11.49
CA SER I 53 23.12 4.38 -11.90
C SER I 53 23.92 3.80 -10.78
N HIS I 54 25.08 3.29 -11.12
CA HIS I 54 26.01 2.72 -10.19
C HIS I 54 27.38 2.86 -10.80
N ASN I 55 28.43 2.61 -10.03
CA ASN I 55 29.75 2.74 -10.64
C ASN I 55 30.37 1.46 -11.18
N GLY I 56 29.65 0.34 -11.17
CA GLY I 56 30.20 -0.90 -11.69
C GLY I 56 31.28 -1.54 -10.82
N LYS I 57 31.46 -1.01 -9.61
CA LYS I 57 32.53 -1.49 -8.73
C LYS I 57 32.08 -1.76 -7.32
N LEU I 58 32.82 -2.61 -6.64
CA LEU I 58 32.56 -2.84 -5.23
C LEU I 58 33.41 -1.79 -4.50
N CYS I 59 32.80 -1.11 -3.53
CA CYS I 59 33.38 -0.04 -2.71
C CYS I 59 33.38 -0.41 -1.24
N LEU I 60 33.96 0.47 -0.45
CA LEU I 60 33.98 0.32 0.98
C LEU I 60 32.60 0.79 1.49
N LEU I 61 32.11 0.26 2.62
CA LEU I 61 30.90 0.86 3.22
C LEU I 61 31.31 1.66 4.41
N LYS I 62 31.11 2.96 4.33
CA LYS I 62 31.51 3.87 5.39
C LYS I 62 32.98 3.68 5.75
N GLY I 63 33.83 3.51 4.74
CA GLY I 63 35.25 3.32 4.93
C GLY I 63 35.71 1.88 5.24
N ILE I 64 34.80 0.93 5.36
CA ILE I 64 35.18 -0.45 5.69
C ILE I 64 35.13 -1.38 4.47
N ALA I 65 36.22 -2.10 4.24
CA ALA I 65 36.26 -2.99 3.10
C ALA I 65 35.34 -4.19 3.27
N PRO I 66 34.78 -4.72 2.18
CA PRO I 66 34.02 -5.94 2.10
C PRO I 66 34.90 -7.12 2.17
N LEU I 67 34.28 -8.24 2.40
CA LEU I 67 34.95 -9.47 2.30
C LEU I 67 34.68 -10.00 0.91
N GLN I 68 35.66 -9.95 0.04
CA GLN I 68 35.41 -10.41 -1.30
C GLN I 68 35.91 -11.83 -1.40
N LEU I 69 34.98 -12.74 -1.63
CA LEU I 69 35.30 -14.15 -1.66
C LEU I 69 35.67 -14.52 -3.09
N GLY I 70 35.12 -13.78 -4.05
CA GLY I 70 35.41 -14.07 -5.45
C GLY I 70 34.91 -15.46 -5.82
N ASN I 71 35.83 -16.34 -6.28
CA ASN I 71 35.56 -17.72 -6.71
C ASN I 71 35.05 -18.64 -5.58
N CYS I 72 35.25 -18.21 -4.30
CA CYS I 72 34.94 -18.91 -3.07
C CYS I 72 33.52 -18.62 -2.57
N SER I 73 32.74 -19.68 -2.33
CA SER I 73 31.35 -19.51 -1.86
C SER I 73 31.32 -19.30 -0.37
N VAL I 74 30.18 -18.91 0.21
CA VAL I 74 30.18 -18.82 1.67
C VAL I 74 30.53 -20.15 2.30
N ALA I 75 29.98 -21.27 1.83
CA ALA I 75 30.41 -22.53 2.44
C ALA I 75 31.91 -22.70 2.31
N GLY I 76 32.48 -22.30 1.17
CA GLY I 76 33.92 -22.42 0.96
C GLY I 76 34.67 -21.60 1.99
N TRP I 77 34.24 -20.38 2.19
CA TRP I 77 34.85 -19.46 3.12
C TRP I 77 34.89 -19.94 4.54
N ILE I 78 33.74 -20.35 5.04
CA ILE I 78 33.63 -20.75 6.43
C ILE I 78 34.16 -22.14 6.68
N LEU I 79 34.08 -23.03 5.71
CA LEU I 79 34.64 -24.35 5.89
C LEU I 79 36.14 -24.26 5.71
N GLY I 80 36.60 -23.33 4.88
CA GLY I 80 38.02 -23.20 4.65
C GLY I 80 38.52 -23.93 3.41
N ASN I 81 37.78 -23.87 2.32
CA ASN I 81 38.24 -24.47 1.08
C ASN I 81 39.63 -23.90 0.86
N PRO I 82 40.68 -24.71 0.78
CA PRO I 82 42.04 -24.26 0.75
C PRO I 82 42.34 -23.35 -0.42
N GLU I 83 41.58 -23.41 -1.49
CA GLU I 83 41.88 -22.51 -2.60
C GLU I 83 41.66 -21.02 -2.27
N CYS I 84 40.86 -20.71 -1.22
CA CYS I 84 40.52 -19.39 -0.75
C CYS I 84 41.01 -19.20 0.68
N GLU I 85 42.14 -19.84 1.00
CA GLU I 85 42.75 -19.71 2.32
C GLU I 85 43.15 -18.29 2.65
N LEU I 86 43.24 -17.43 1.67
CA LEU I 86 43.65 -16.04 1.87
C LEU I 86 42.61 -15.27 2.67
N LEU I 87 41.39 -15.79 2.70
CA LEU I 87 40.30 -15.15 3.38
C LEU I 87 40.39 -15.36 4.88
N ILE I 88 41.27 -16.27 5.32
CA ILE I 88 41.42 -16.58 6.73
C ILE I 88 42.00 -15.38 7.47
N SER I 89 42.58 -14.44 6.72
CA SER I 89 43.17 -13.25 7.31
C SER I 89 42.18 -12.09 7.44
N LYS I 90 40.96 -12.27 6.94
CA LYS I 90 39.99 -11.19 7.00
C LYS I 90 39.08 -11.39 8.20
N GLU I 91 39.26 -10.55 9.20
CA GLU I 91 38.50 -10.66 10.45
C GLU I 91 37.28 -9.74 10.47
N SER I 92 37.27 -8.70 9.66
CA SER I 92 36.15 -7.79 9.69
C SER I 92 35.81 -7.34 8.31
N TRP I 93 34.56 -6.98 8.12
CA TRP I 93 34.11 -6.54 6.83
C TRP I 93 32.85 -5.70 6.87
N SER I 94 32.60 -5.01 5.80
CA SER I 94 31.36 -4.29 5.64
C SER I 94 30.19 -5.08 5.06
N TYR I 95 30.50 -6.03 4.18
CA TYR I 95 29.53 -6.90 3.51
C TYR I 95 30.26 -8.11 2.96
N ILE I 96 29.53 -9.12 2.53
CA ILE I 96 30.14 -10.32 1.96
C ILE I 96 29.80 -10.46 0.49
N VAL I 97 30.83 -10.64 -0.35
CA VAL I 97 30.59 -10.79 -1.79
C VAL I 97 31.02 -12.12 -2.33
N GLU I 98 30.09 -12.80 -2.96
CA GLU I 98 30.31 -14.11 -3.57
C GLU I 98 30.13 -14.01 -5.11
N THR I 99 30.96 -14.66 -5.91
CA THR I 99 30.68 -14.60 -7.35
C THR I 99 29.34 -15.31 -7.59
N PRO I 100 28.47 -14.91 -8.55
CA PRO I 100 27.20 -15.55 -8.87
C PRO I 100 27.29 -17.05 -9.10
N ASN I 101 28.42 -17.53 -9.62
CA ASN I 101 28.58 -18.96 -9.83
C ASN I 101 29.89 -19.44 -9.24
N PRO I 102 29.99 -19.64 -7.93
CA PRO I 102 31.18 -20.03 -7.23
C PRO I 102 31.67 -21.34 -7.69
N GLU I 103 32.96 -21.49 -7.69
CA GLU I 103 33.59 -22.75 -8.04
C GLU I 103 34.14 -23.50 -6.82
N ASN I 104 34.64 -22.75 -5.80
CA ASN I 104 35.30 -23.27 -4.61
C ASN I 104 34.41 -23.11 -3.39
N GLY I 105 33.61 -24.14 -3.11
CA GLY I 105 32.61 -24.22 -2.04
C GLY I 105 32.91 -25.47 -1.30
N THR I 106 31.91 -26.28 -1.10
CA THR I 106 32.20 -27.51 -0.44
C THR I 106 33.14 -28.29 -1.37
N CYS I 107 34.27 -28.82 -0.82
CA CYS I 107 35.28 -29.60 -1.55
C CYS I 107 34.77 -31.01 -1.74
N TYR I 108 34.40 -31.58 -0.61
CA TYR I 108 34.00 -32.93 -0.49
C TYR I 108 32.51 -32.79 -0.30
N PRO I 109 31.72 -33.04 -1.33
CA PRO I 109 30.33 -32.66 -1.43
C PRO I 109 29.50 -33.35 -0.41
N GLY I 110 28.40 -32.73 -0.07
CA GLY I 110 27.45 -33.29 0.86
C GLY I 110 26.47 -32.22 1.21
N TYR I 111 25.53 -32.53 2.06
CA TYR I 111 24.54 -31.55 2.40
C TYR I 111 25.00 -30.65 3.51
N PHE I 112 24.91 -29.36 3.28
CA PHE I 112 25.29 -28.42 4.32
C PHE I 112 23.99 -28.06 5.00
N ALA I 113 23.79 -28.60 6.18
CA ALA I 113 22.56 -28.48 6.90
C ALA I 113 22.31 -27.08 7.28
N ASP I 114 21.08 -26.67 7.07
CA ASP I 114 20.68 -25.36 7.42
C ASP I 114 21.65 -24.35 6.84
N TYR I 115 22.12 -24.58 5.62
CA TYR I 115 23.04 -23.67 4.98
C TYR I 115 22.43 -22.35 4.77
N GLU I 116 21.20 -22.33 4.32
CA GLU I 116 20.52 -21.10 4.05
C GLU I 116 20.36 -20.31 5.34
N GLU I 117 20.13 -21.02 6.46
CA GLU I 117 19.99 -20.36 7.75
C GLU I 117 21.32 -19.82 8.21
N LEU I 118 22.41 -20.52 7.91
CA LEU I 118 23.71 -20.03 8.29
C LEU I 118 24.08 -18.80 7.49
N ARG I 119 23.75 -18.80 6.21
CA ARG I 119 24.03 -17.64 5.41
C ARG I 119 23.31 -16.47 6.03
N GLU I 120 22.10 -16.68 6.54
CA GLU I 120 21.38 -15.61 7.19
C GLU I 120 22.07 -15.23 8.52
N GLN I 121 22.55 -16.19 9.29
CA GLN I 121 23.18 -15.80 10.56
C GLN I 121 24.45 -14.98 10.32
N LEU I 122 25.18 -15.31 9.27
CA LEU I 122 26.43 -14.63 8.97
C LEU I 122 26.19 -13.33 8.28
N SER I 123 24.96 -13.04 7.93
CA SER I 123 24.68 -11.83 7.23
C SER I 123 24.78 -10.68 8.17
N SER I 124 24.59 -10.91 9.47
CA SER I 124 24.63 -9.82 10.43
C SER I 124 25.95 -9.78 11.18
N VAL I 125 26.92 -10.59 10.76
CA VAL I 125 28.19 -10.58 11.46
C VAL I 125 29.03 -9.51 10.84
N SER I 126 29.53 -8.59 11.66
CA SER I 126 30.37 -7.52 11.17
C SER I 126 31.82 -7.94 11.25
N SER I 127 32.08 -8.80 12.21
CA SER I 127 33.43 -9.30 12.38
C SER I 127 33.46 -10.56 13.18
N PHE I 128 34.59 -11.24 13.12
CA PHE I 128 34.77 -12.37 13.99
C PHE I 128 36.19 -12.72 14.33
N GLU I 129 36.30 -13.48 15.40
CA GLU I 129 37.58 -13.96 15.86
C GLU I 129 37.72 -15.44 15.68
N ARG I 130 38.64 -15.87 14.83
CA ARG I 130 38.84 -17.28 14.61
C ARG I 130 39.62 -17.84 15.76
N PHE I 131 39.13 -18.91 16.34
CA PHE I 131 39.86 -19.46 17.45
C PHE I 131 40.31 -20.81 17.20
N GLU I 132 41.42 -21.10 17.72
CA GLU I 132 41.77 -22.47 17.70
C GLU I 132 40.91 -23.05 18.81
N ILE I 133 40.21 -24.15 18.55
CA ILE I 133 39.40 -24.74 19.61
C ILE I 133 40.10 -25.99 20.01
N PHE I 134 40.32 -26.86 19.03
CA PHE I 134 41.05 -28.07 19.27
C PHE I 134 42.11 -28.17 18.14
N PRO I 135 43.08 -27.26 18.06
CA PRO I 135 43.99 -27.09 16.92
C PRO I 135 45.16 -28.01 16.66
N LYS I 136 45.58 -28.74 17.66
CA LYS I 136 46.85 -29.44 17.56
C LYS I 136 46.76 -30.87 17.97
N GLU I 137 47.87 -31.58 17.80
CA GLU I 137 48.03 -32.95 18.24
C GLU I 137 47.85 -33.03 19.76
N SER I 138 48.08 -31.93 20.46
CA SER I 138 47.90 -31.87 21.89
C SER I 138 46.41 -31.85 22.27
N SER I 139 45.52 -31.43 21.34
CA SER I 139 44.10 -31.43 21.58
C SER I 139 43.57 -32.80 21.20
N TRP I 140 44.26 -33.39 20.23
CA TRP I 140 43.89 -34.70 19.74
C TRP I 140 45.04 -35.73 19.78
N PRO I 141 45.64 -36.07 20.94
CA PRO I 141 46.76 -37.01 21.03
C PRO I 141 46.54 -38.42 20.46
N ASN I 142 45.28 -38.93 20.42
CA ASN I 142 44.94 -40.26 19.92
C ASN I 142 44.19 -40.27 18.58
N HIS I 143 44.07 -39.11 17.88
CA HIS I 143 43.36 -38.99 16.60
C HIS I 143 44.27 -38.26 15.65
N THR I 144 44.12 -38.47 14.37
CA THR I 144 44.97 -37.73 13.47
C THR I 144 44.18 -37.11 12.38
N VAL I 145 44.82 -36.26 11.59
CA VAL I 145 44.10 -35.67 10.48
C VAL I 145 44.56 -36.25 9.16
N THR I 146 43.65 -36.99 8.56
CA THR I 146 43.88 -37.71 7.32
C THR I 146 42.54 -38.10 6.72
N GLY I 147 42.55 -38.97 5.73
CA GLY I 147 41.31 -39.33 5.06
C GLY I 147 41.41 -38.82 3.65
N VAL I 148 40.30 -38.77 2.92
CA VAL I 148 40.43 -38.38 1.53
C VAL I 148 40.63 -36.89 1.41
N SER I 149 41.74 -36.55 0.79
CA SER I 149 42.16 -35.18 0.57
C SER I 149 42.27 -34.85 -0.92
N ALA I 150 42.14 -35.87 -1.75
CA ALA I 150 42.37 -35.73 -3.18
C ALA I 150 41.50 -34.69 -3.85
N SER I 151 40.25 -34.58 -3.43
CA SER I 151 39.33 -33.66 -4.06
C SER I 151 39.27 -32.24 -3.48
N CYS I 152 40.07 -31.93 -2.42
CA CYS I 152 40.07 -30.62 -1.76
C CYS I 152 41.55 -30.20 -1.81
N SER I 153 42.11 -30.26 -3.01
CA SER I 153 43.51 -29.97 -3.22
C SER I 153 43.79 -28.49 -3.17
N HIS I 154 45.06 -28.16 -2.97
CA HIS I 154 45.52 -26.79 -2.91
C HIS I 154 46.72 -26.63 -3.81
N ASN I 155 46.58 -25.87 -4.87
CA ASN I 155 47.68 -25.68 -5.82
C ASN I 155 48.22 -27.02 -6.31
N GLY I 156 47.34 -27.98 -6.53
CA GLY I 156 47.74 -29.30 -7.03
C GLY I 156 48.07 -30.34 -5.96
N LYS I 157 48.16 -29.95 -4.70
CA LYS I 157 48.50 -30.91 -3.66
C LYS I 157 47.25 -31.36 -2.91
N SER I 158 47.12 -32.64 -2.62
CA SER I 158 45.91 -33.10 -1.92
C SER I 158 45.85 -32.39 -0.57
N SER I 159 44.64 -32.02 -0.10
CA SER I 159 44.54 -31.30 1.17
C SER I 159 43.16 -31.38 1.86
N PHE I 160 43.01 -30.62 2.94
CA PHE I 160 41.80 -30.58 3.76
C PHE I 160 41.38 -29.15 4.07
N TYR I 161 40.12 -29.00 4.45
CA TYR I 161 39.57 -27.71 4.84
C TYR I 161 40.34 -27.02 5.98
N ARG I 162 40.58 -25.73 5.84
CA ARG I 162 41.29 -24.94 6.83
C ARG I 162 40.61 -24.85 8.18
N ASN I 163 39.27 -24.84 8.23
CA ASN I 163 38.60 -24.68 9.52
C ASN I 163 38.01 -26.00 10.06
N LEU I 164 38.41 -27.14 9.49
CA LEU I 164 37.87 -28.42 9.93
C LEU I 164 38.89 -29.53 9.93
N LEU I 165 38.85 -30.34 10.96
CA LEU I 165 39.76 -31.43 11.10
C LEU I 165 39.11 -32.78 10.86
N TRP I 166 39.43 -33.39 9.74
CA TRP I 166 38.87 -34.68 9.43
C TRP I 166 39.65 -35.69 10.20
N LEU I 167 39.04 -36.21 11.25
CA LEU I 167 39.77 -37.10 12.10
C LEU I 167 39.56 -38.51 11.72
N THR I 168 40.62 -39.27 11.82
CA THR I 168 40.58 -40.68 11.61
C THR I 168 41.29 -41.26 12.76
N GLY I 169 41.22 -42.56 12.89
CA GLY I 169 41.92 -43.15 13.97
C GLY I 169 43.40 -43.11 13.72
N LYS I 170 44.15 -43.36 14.78
CA LYS I 170 45.59 -43.38 14.79
C LYS I 170 46.03 -44.75 15.26
N ASN I 171 46.96 -45.35 14.54
CA ASN I 171 47.48 -46.67 14.88
C ASN I 171 46.38 -47.73 14.99
N GLY I 172 45.39 -47.63 14.11
CA GLY I 172 44.29 -48.57 14.06
C GLY I 172 43.07 -48.22 14.91
N LEU I 173 43.16 -47.22 15.77
CA LEU I 173 42.03 -46.92 16.63
C LEU I 173 41.44 -45.53 16.53
N TYR I 174 40.13 -45.46 16.70
CA TYR I 174 39.42 -44.19 16.79
C TYR I 174 38.71 -44.19 18.13
N PRO I 175 39.35 -43.77 19.23
CA PRO I 175 38.82 -43.80 20.57
C PRO I 175 37.56 -42.99 20.63
N ASN I 176 36.66 -43.38 21.53
CA ASN I 176 35.46 -42.57 21.69
C ASN I 176 35.97 -41.19 21.92
N LEU I 177 35.46 -40.29 21.14
CA LEU I 177 35.91 -38.95 21.22
C LEU I 177 35.01 -38.23 22.12
N SER I 178 35.59 -37.45 23.02
CA SER I 178 34.82 -36.60 23.91
C SER I 178 35.59 -35.34 24.21
N LYS I 179 35.06 -34.22 23.77
CA LYS I 179 35.68 -32.94 23.95
C LYS I 179 34.64 -31.93 24.30
N SER I 180 35.03 -30.84 24.92
CA SER I 180 34.06 -29.81 25.15
C SER I 180 34.68 -28.46 25.08
N TYR I 181 33.84 -27.49 24.80
CA TYR I 181 34.26 -26.11 24.76
C TYR I 181 33.35 -25.23 25.54
N VAL I 182 33.94 -24.44 26.42
CA VAL I 182 33.16 -23.53 27.23
C VAL I 182 33.32 -22.15 26.67
N ASN I 183 32.23 -21.50 26.37
CA ASN I 183 32.32 -20.23 25.75
C ASN I 183 32.57 -19.12 26.74
N ASN I 184 33.80 -19.05 27.22
CA ASN I 184 34.22 -18.05 28.19
C ASN I 184 34.66 -16.78 27.46
N LYS I 185 33.69 -16.19 26.76
CA LYS I 185 33.83 -15.01 25.93
C LYS I 185 32.52 -14.26 26.00
N GLU I 186 32.52 -12.97 25.70
CA GLU I 186 31.29 -12.19 25.70
C GLU I 186 30.49 -12.36 24.41
N LYS I 187 31.11 -13.01 23.44
CA LYS I 187 30.55 -13.20 22.12
C LYS I 187 29.99 -14.61 21.90
N GLU I 188 29.07 -14.73 20.94
CA GLU I 188 28.51 -16.01 20.52
C GLU I 188 29.54 -16.73 19.70
N VAL I 189 29.64 -18.03 19.80
CA VAL I 189 30.61 -18.72 18.96
C VAL I 189 29.99 -19.69 17.97
N LEU I 190 30.31 -19.50 16.70
CA LEU I 190 29.81 -20.37 15.65
C LEU I 190 30.70 -21.53 15.51
N VAL I 191 30.10 -22.68 15.67
CA VAL I 191 30.86 -23.88 15.61
C VAL I 191 30.39 -24.72 14.44
N LEU I 192 31.32 -25.11 13.58
CA LEU I 192 30.97 -25.93 12.43
C LEU I 192 31.53 -27.32 12.64
N TRP I 193 30.81 -28.34 12.18
CA TRP I 193 31.30 -29.70 12.27
C TRP I 193 30.92 -30.41 11.01
N GLY I 194 31.59 -31.48 10.69
CA GLY I 194 31.07 -32.30 9.62
C GLY I 194 30.86 -33.73 10.08
N VAL I 195 30.05 -34.46 9.34
CA VAL I 195 29.87 -35.87 9.60
C VAL I 195 30.16 -36.58 8.30
N HIS I 196 31.04 -37.53 8.36
CA HIS I 196 31.42 -38.26 7.17
C HIS I 196 30.43 -39.40 6.88
N HIS I 197 30.06 -39.51 5.62
CA HIS I 197 29.16 -40.51 5.08
C HIS I 197 29.83 -41.25 3.92
N PRO I 198 30.61 -42.29 4.20
CA PRO I 198 31.41 -43.03 3.26
C PRO I 198 30.52 -43.65 2.15
N PRO I 199 31.08 -43.92 0.95
CA PRO I 199 30.46 -44.58 -0.17
C PRO I 199 30.25 -46.07 0.02
N ASN I 200 30.98 -46.61 0.97
CA ASN I 200 31.01 -48.03 1.18
C ASN I 200 31.35 -48.33 2.61
N ILE I 201 30.91 -49.47 3.11
CA ILE I 201 31.24 -49.85 4.47
C ILE I 201 32.75 -50.03 4.67
N GLY I 202 33.44 -50.47 3.62
CA GLY I 202 34.86 -50.69 3.71
C GLY I 202 35.63 -49.41 3.89
N ASN I 203 35.04 -48.28 3.52
CA ASN I 203 35.76 -47.03 3.63
C ASN I 203 35.57 -46.43 4.99
N GLN I 204 34.67 -47.01 5.79
CA GLN I 204 34.45 -46.48 7.10
C GLN I 204 35.42 -47.21 7.97
N ARG I 205 35.52 -48.51 7.72
CA ARG I 205 36.40 -49.38 8.45
C ARG I 205 37.85 -48.94 8.25
N ALA I 206 38.15 -48.48 7.04
CA ALA I 206 39.46 -47.99 6.66
C ALA I 206 39.93 -46.79 7.46
N LEU I 207 39.00 -46.01 8.02
CA LEU I 207 39.36 -44.82 8.75
C LEU I 207 39.32 -45.11 10.25
N TYR I 208 39.06 -46.39 10.56
CA TYR I 208 38.90 -46.97 11.90
C TYR I 208 37.66 -46.44 12.59
N HIS I 209 36.72 -45.99 11.78
CA HIS I 209 35.46 -45.52 12.26
C HIS I 209 34.67 -46.81 12.38
N THR I 210 33.69 -46.90 13.26
CA THR I 210 32.91 -48.15 13.25
C THR I 210 31.58 -48.10 12.54
N GLU I 211 31.03 -49.28 12.33
CA GLU I 211 29.76 -49.51 11.67
C GLU I 211 28.63 -48.82 12.41
N ASN I 212 28.84 -48.66 13.70
CA ASN I 212 27.90 -48.07 14.63
C ASN I 212 28.33 -46.66 15.03
N ALA I 213 29.10 -46.03 14.17
CA ALA I 213 29.57 -44.69 14.39
C ALA I 213 28.40 -43.75 14.49
N TYR I 214 28.57 -42.73 15.29
CA TYR I 214 27.60 -41.69 15.46
C TYR I 214 28.31 -40.47 15.91
N VAL I 215 27.65 -39.35 15.77
CA VAL I 215 28.14 -38.10 16.27
C VAL I 215 27.06 -37.50 17.15
N SER I 216 27.44 -37.02 18.31
CA SER I 216 26.48 -36.44 19.23
C SER I 216 26.92 -35.08 19.70
N VAL I 217 26.13 -34.08 19.39
CA VAL I 217 26.54 -32.75 19.77
C VAL I 217 25.49 -32.16 20.69
N VAL I 218 25.90 -31.74 21.87
CA VAL I 218 24.99 -31.21 22.86
C VAL I 218 25.37 -29.88 23.47
N SER I 219 24.44 -28.96 23.63
CA SER I 219 24.76 -27.72 24.33
C SER I 219 23.63 -27.53 25.31
N SER I 220 23.65 -26.50 26.15
CA SER I 220 22.57 -26.40 27.12
C SER I 220 21.21 -26.18 26.47
N HIS I 221 21.19 -25.76 25.21
CA HIS I 221 19.94 -25.51 24.53
C HIS I 221 19.61 -26.47 23.39
N TYR I 222 20.43 -27.47 23.10
CA TYR I 222 20.02 -28.35 22.00
C TYR I 222 20.75 -29.68 22.08
N SER I 223 20.24 -30.62 21.36
CA SER I 223 20.94 -31.87 21.21
C SER I 223 20.61 -32.41 19.87
N ARG I 224 21.60 -32.91 19.20
CA ARG I 224 21.40 -33.52 17.92
C ARG I 224 22.27 -34.75 17.79
N ARG I 225 21.71 -35.82 17.27
CA ARG I 225 22.51 -37.02 17.10
C ARG I 225 22.48 -37.39 15.64
N PHE I 226 23.63 -37.77 15.12
CA PHE I 226 23.77 -38.10 13.72
C PHE I 226 24.34 -39.47 13.58
N THR I 227 23.98 -40.17 12.53
CA THR I 227 24.58 -41.47 12.24
C THR I 227 25.02 -41.41 10.80
N PRO I 228 25.97 -42.21 10.33
CA PRO I 228 26.35 -42.30 8.94
C PRO I 228 25.27 -42.96 8.13
N GLU I 229 25.16 -42.53 6.90
CA GLU I 229 24.30 -43.12 5.91
C GLU I 229 25.14 -43.52 4.71
N ILE I 230 25.69 -44.71 4.77
CA ILE I 230 26.57 -45.16 3.73
C ILE I 230 25.81 -45.58 2.51
N ALA I 231 26.20 -45.02 1.38
CA ALA I 231 25.53 -45.32 0.12
C ALA I 231 26.38 -44.97 -1.06
N LYS I 232 26.18 -45.66 -2.16
CA LYS I 232 26.88 -45.26 -3.36
C LYS I 232 26.20 -44.04 -3.94
N ARG I 233 26.97 -43.01 -4.21
CA ARG I 233 26.42 -41.82 -4.80
C ARG I 233 26.89 -41.72 -6.22
N PRO I 234 26.23 -40.96 -7.08
CA PRO I 234 26.74 -40.61 -8.37
C PRO I 234 28.04 -39.93 -8.07
N LYS I 235 29.04 -40.10 -8.89
CA LYS I 235 30.31 -39.47 -8.57
C LYS I 235 30.31 -37.97 -8.85
N VAL I 236 30.63 -37.20 -7.82
CA VAL I 236 30.69 -35.73 -7.90
C VAL I 236 32.05 -35.25 -7.46
N ARG I 237 32.73 -34.50 -8.31
CA ARG I 237 34.09 -34.05 -8.00
C ARG I 237 34.95 -35.22 -7.61
N ASP I 238 34.80 -36.32 -8.34
CA ASP I 238 35.49 -37.58 -8.19
C ASP I 238 35.17 -38.38 -6.92
N GLN I 239 34.19 -37.96 -6.12
CA GLN I 239 33.84 -38.71 -4.92
C GLN I 239 32.49 -39.40 -4.96
N GLU I 240 32.45 -40.64 -4.47
CA GLU I 240 31.23 -41.45 -4.37
C GLU I 240 30.59 -41.36 -2.99
N GLY I 241 31.23 -40.65 -2.07
CA GLY I 241 30.72 -40.48 -0.72
C GLY I 241 30.38 -39.03 -0.49
N ARG I 242 30.07 -38.68 0.75
CA ARG I 242 29.75 -37.30 1.04
C ARG I 242 30.04 -36.92 2.48
N ILE I 243 30.16 -35.63 2.73
CA ILE I 243 30.27 -35.10 4.08
C ILE I 243 29.21 -34.10 4.34
N ASN I 244 28.43 -34.30 5.37
CA ASN I 244 27.41 -33.33 5.64
C ASN I 244 27.97 -32.34 6.60
N TYR I 245 27.53 -31.10 6.50
CA TYR I 245 28.07 -30.10 7.40
C TYR I 245 26.97 -29.59 8.29
N TYR I 246 27.29 -29.40 9.55
CA TYR I 246 26.34 -29.00 10.55
C TYR I 246 26.89 -27.87 11.39
N TRP I 247 26.04 -27.08 12.04
CA TRP I 247 26.55 -25.99 12.85
C TRP I 247 25.63 -25.52 13.96
N THR I 248 26.19 -24.79 14.92
CA THR I 248 25.40 -24.14 15.97
C THR I 248 25.99 -22.84 16.44
N LEU I 249 25.16 -21.99 17.01
CA LEU I 249 25.67 -20.78 17.65
C LEU I 249 25.60 -20.95 19.15
N LEU I 250 26.76 -20.93 19.76
CA LEU I 250 26.90 -21.16 21.18
C LEU I 250 26.83 -19.84 21.94
N GLU I 251 25.89 -19.73 22.87
CA GLU I 251 25.72 -18.49 23.61
C GLU I 251 26.83 -18.30 24.64
N PRO I 252 27.16 -17.07 25.06
CA PRO I 252 28.16 -16.81 26.08
C PRO I 252 27.81 -17.58 27.33
N GLY I 253 28.80 -18.26 27.89
CA GLY I 253 28.64 -19.05 29.10
C GLY I 253 28.14 -20.46 28.83
N ASP I 254 27.76 -20.73 27.59
CA ASP I 254 27.25 -22.03 27.20
C ASP I 254 28.40 -22.97 26.93
N THR I 255 28.13 -24.25 26.98
CA THR I 255 29.15 -25.27 26.73
C THR I 255 28.71 -26.31 25.72
N ILE I 256 29.58 -26.68 24.80
CA ILE I 256 29.24 -27.77 23.90
C ILE I 256 29.98 -29.01 24.29
N ILE I 257 29.24 -30.08 24.46
CA ILE I 257 29.80 -31.37 24.74
C ILE I 257 29.72 -32.09 23.42
N PHE I 258 30.85 -32.47 22.93
CA PHE I 258 31.02 -33.00 21.61
C PHE I 258 31.56 -34.41 21.62
N GLU I 259 30.78 -35.37 21.12
CA GLU I 259 31.21 -36.76 21.17
C GLU I 259 31.09 -37.49 19.83
N ALA I 260 31.94 -38.50 19.63
CA ALA I 260 31.81 -39.30 18.40
C ALA I 260 32.39 -40.71 18.50
N ASN I 261 31.81 -41.61 17.71
CA ASN I 261 32.26 -42.99 17.57
C ASN I 261 32.75 -43.29 16.15
N GLY I 262 33.11 -42.22 15.47
CA GLY I 262 33.58 -42.25 14.12
C GLY I 262 32.85 -41.22 13.29
N ASN I 263 33.38 -40.99 12.10
CA ASN I 263 32.91 -40.05 11.12
C ASN I 263 32.85 -38.62 11.60
N LEU I 264 33.78 -38.22 12.45
CA LEU I 264 33.75 -36.84 12.86
C LEU I 264 34.79 -35.97 12.24
N ILE I 265 34.32 -34.84 11.75
CA ILE I 265 35.16 -33.80 11.26
C ILE I 265 35.03 -32.66 12.27
N ALA I 266 36.05 -32.51 13.10
CA ALA I 266 36.06 -31.65 14.27
C ALA I 266 36.28 -30.18 13.92
N PRO I 267 35.80 -29.22 14.72
CA PRO I 267 35.98 -27.80 14.48
C PRO I 267 37.40 -27.32 14.73
N TRP I 268 37.76 -26.25 14.04
CA TRP I 268 39.01 -25.52 14.19
C TRP I 268 38.72 -24.15 13.64
N TYR I 269 39.11 -23.09 14.30
CA TYR I 269 38.79 -21.76 13.80
C TYR I 269 37.30 -21.51 13.80
N ALA I 270 36.71 -21.95 14.88
CA ALA I 270 35.32 -21.69 15.18
C ALA I 270 35.36 -20.24 15.44
N PHE I 271 34.27 -19.52 15.39
CA PHE I 271 34.52 -18.13 15.67
C PHE I 271 33.52 -17.31 16.41
N ALA I 272 34.06 -16.32 17.12
CA ALA I 272 33.24 -15.41 17.88
C ALA I 272 32.57 -14.45 16.96
N LEU I 273 31.30 -14.22 17.15
CA LEU I 273 30.59 -13.31 16.29
C LEU I 273 30.29 -11.98 16.93
N SER I 274 30.64 -10.93 16.21
CA SER I 274 30.31 -9.58 16.59
C SER I 274 29.22 -9.19 15.64
N ARG I 275 28.05 -8.89 16.19
CA ARG I 275 26.87 -8.58 15.40
C ARG I 275 26.74 -7.09 15.07
N GLY I 276 26.06 -6.79 13.96
CA GLY I 276 25.76 -5.43 13.53
C GLY I 276 24.61 -5.48 12.54
N PHE I 277 24.38 -4.39 11.80
CA PHE I 277 23.27 -4.42 10.86
C PHE I 277 23.54 -3.59 9.62
N GLY I 278 22.78 -3.90 8.57
CA GLY I 278 22.85 -3.24 7.26
C GLY I 278 23.70 -4.10 6.34
N SER I 279 24.43 -5.03 6.94
CA SER I 279 25.29 -5.94 6.25
C SER I 279 24.52 -7.12 5.72
N GLY I 280 25.14 -7.85 4.82
CA GLY I 280 24.58 -9.07 4.27
C GLY I 280 25.43 -9.63 3.16
N ILE I 281 24.90 -10.64 2.50
CA ILE I 281 25.61 -11.34 1.43
C ILE I 281 25.00 -11.03 0.09
N ILE I 282 25.82 -10.60 -0.85
CA ILE I 282 25.36 -10.32 -2.21
C ILE I 282 26.24 -11.11 -3.16
N THR I 283 25.75 -11.34 -4.37
CA THR I 283 26.60 -11.98 -5.34
C THR I 283 26.97 -11.00 -6.42
N SER I 284 28.24 -10.96 -6.80
CA SER I 284 28.67 -10.00 -7.80
C SER I 284 29.97 -10.31 -8.50
N ASN I 285 30.06 -9.95 -9.78
CA ASN I 285 31.32 -10.05 -10.52
C ASN I 285 32.01 -8.71 -10.65
N ALA I 286 31.53 -7.72 -9.94
CA ALA I 286 32.14 -6.42 -9.97
C ALA I 286 33.52 -6.54 -9.31
N PRO I 287 34.56 -5.82 -9.78
CA PRO I 287 35.88 -5.76 -9.19
C PRO I 287 35.84 -4.91 -7.95
N MET I 288 36.78 -5.10 -7.04
CA MET I 288 36.91 -4.22 -5.90
C MET I 288 37.86 -3.09 -6.23
N ASP I 289 37.53 -1.87 -5.80
CA ASP I 289 38.45 -0.77 -6.03
C ASP I 289 38.47 0.24 -4.89
N GLU I 290 39.31 1.24 -5.02
CA GLU I 290 39.46 2.27 -4.00
C GLU I 290 38.40 3.37 -4.14
N CYS I 291 37.21 3.08 -3.60
CA CYS I 291 36.02 3.93 -3.64
C CYS I 291 35.24 3.72 -2.36
N ASP I 292 34.29 4.62 -2.09
CA ASP I 292 33.55 4.58 -0.83
C ASP I 292 32.10 4.95 -1.08
N ALA I 293 31.19 4.17 -0.53
CA ALA I 293 29.77 4.34 -0.71
C ALA I 293 29.01 3.98 0.56
N LYS I 294 27.78 4.46 0.69
CA LYS I 294 26.98 4.02 1.83
C LYS I 294 26.08 2.80 1.57
N CYS I 295 25.73 2.51 0.28
CA CYS I 295 24.88 1.43 -0.20
C CYS I 295 25.46 0.83 -1.47
N GLN I 296 25.43 -0.48 -1.56
CA GLN I 296 25.88 -1.12 -2.77
C GLN I 296 24.94 -2.19 -3.24
N THR I 297 24.90 -2.41 -4.54
CA THR I 297 24.06 -3.45 -5.07
C THR I 297 25.00 -4.42 -5.78
N PRO I 298 24.57 -5.60 -6.21
CA PRO I 298 25.32 -6.54 -7.02
C PRO I 298 25.89 -5.98 -8.31
N GLN I 299 25.33 -4.90 -8.83
CA GLN I 299 25.86 -4.37 -10.08
C GLN I 299 26.95 -3.36 -9.85
N GLY I 300 27.16 -2.95 -8.61
CA GLY I 300 28.10 -1.91 -8.26
C GLY I 300 27.52 -0.95 -7.23
N ALA I 301 28.40 -0.19 -6.62
CA ALA I 301 28.05 0.77 -5.60
C ALA I 301 27.22 1.93 -6.09
N ILE I 302 26.32 2.42 -5.23
CA ILE I 302 25.50 3.56 -5.58
C ILE I 302 25.61 4.61 -4.48
N ASN I 303 25.31 5.90 -4.80
CA ASN I 303 25.25 6.98 -3.81
C ASN I 303 23.79 7.15 -3.36
N SER I 304 23.45 6.66 -2.14
CA SER I 304 22.09 6.59 -1.58
C SER I 304 21.56 7.90 -1.03
N SER I 305 21.55 8.91 -1.89
CA SER I 305 21.06 10.21 -1.52
C SER I 305 19.59 10.38 -1.93
N LEU I 306 19.13 9.54 -2.86
CA LEU I 306 17.77 9.66 -3.34
C LEU I 306 16.94 8.58 -2.66
N PRO I 307 15.65 8.81 -2.32
CA PRO I 307 14.73 7.86 -1.71
C PRO I 307 14.51 6.50 -2.38
N PHE I 308 14.63 6.43 -3.70
CA PHE I 308 14.40 5.19 -4.44
C PHE I 308 15.55 4.86 -5.37
N GLN I 309 15.67 3.59 -5.73
CA GLN I 309 16.62 3.17 -6.76
C GLN I 309 15.98 2.14 -7.67
N ASN I 310 16.44 2.06 -8.91
CA ASN I 310 15.93 1.02 -9.81
C ASN I 310 17.06 0.22 -10.38
N VAL I 311 18.12 0.11 -9.61
CA VAL I 311 19.31 -0.60 -10.02
C VAL I 311 19.15 -2.08 -9.73
N HIS I 312 18.77 -2.44 -8.50
CA HIS I 312 18.66 -3.86 -8.20
C HIS I 312 17.82 -4.10 -6.95
N PRO I 313 17.01 -5.17 -6.85
CA PRO I 313 16.28 -5.53 -5.64
C PRO I 313 17.10 -5.96 -4.42
N VAL I 314 18.35 -6.39 -4.60
CA VAL I 314 19.13 -6.85 -3.46
C VAL I 314 20.20 -5.87 -3.09
N THR I 315 20.11 -5.26 -1.92
CA THR I 315 21.10 -4.26 -1.58
C THR I 315 21.62 -4.41 -0.17
N ILE I 316 22.79 -3.83 0.05
CA ILE I 316 23.47 -3.76 1.35
C ILE I 316 23.85 -2.36 1.79
N GLY I 317 23.76 -2.10 3.08
CA GLY I 317 24.13 -0.81 3.62
C GLY I 317 22.93 0.13 3.77
N GLU I 318 23.21 1.40 3.83
CA GLU I 318 22.20 2.40 4.10
C GLU I 318 21.56 2.76 2.76
N CYS I 319 20.56 1.94 2.36
CA CYS I 319 19.95 1.91 1.02
C CYS I 319 18.55 2.52 0.84
N PRO I 320 18.27 3.05 -0.37
CA PRO I 320 17.01 3.55 -0.84
C PRO I 320 16.12 2.38 -1.23
N LYS I 321 14.83 2.64 -1.43
CA LYS I 321 13.90 1.57 -1.77
C LYS I 321 13.89 1.18 -3.24
N TYR I 322 14.00 -0.12 -3.52
CA TYR I 322 13.94 -0.59 -4.89
C TYR I 322 12.54 -0.51 -5.46
N VAL I 323 12.43 0.06 -6.65
CA VAL I 323 11.17 0.12 -7.38
C VAL I 323 11.37 -0.39 -8.79
N ARG I 324 10.29 -0.77 -9.44
CA ARG I 324 10.39 -1.21 -10.83
C ARG I 324 10.28 -0.03 -11.79
N SER I 325 9.98 1.14 -11.25
CA SER I 325 9.78 2.34 -12.05
C SER I 325 11.03 2.70 -12.79
N ALA I 326 10.88 3.12 -14.05
CA ALA I 326 12.04 3.56 -14.81
C ALA I 326 12.52 4.92 -14.35
N LYS I 327 11.57 5.82 -14.03
CA LYS I 327 11.85 7.18 -13.61
C LYS I 327 10.86 7.66 -12.57
N LEU I 328 11.36 8.36 -11.55
CA LEU I 328 10.53 9.01 -10.53
C LEU I 328 11.00 10.42 -10.36
N ARG I 329 10.69 11.26 -11.30
CA ARG I 329 11.12 12.62 -11.21
C ARG I 329 9.97 13.48 -10.73
N MET I 330 10.23 14.22 -9.68
CA MET I 330 9.27 15.07 -9.05
C MET I 330 9.43 16.50 -9.42
N VAL I 331 8.32 17.14 -9.66
CA VAL I 331 8.32 18.53 -10.04
C VAL I 331 8.51 19.40 -8.85
N THR I 332 9.40 20.38 -8.94
CA THR I 332 9.48 21.31 -7.85
C THR I 332 9.16 22.61 -8.49
N GLY I 333 9.45 22.65 -9.79
CA GLY I 333 9.29 23.86 -10.59
C GLY I 333 8.00 24.01 -11.38
N LEU I 334 8.08 24.90 -12.33
CA LEU I 334 7.01 25.38 -13.19
C LEU I 334 6.97 24.63 -14.50
N ARG I 335 5.85 24.63 -15.24
CA ARG I 335 5.97 23.99 -16.55
C ARG I 335 6.90 24.85 -17.40
N ASN I 336 7.86 24.23 -18.05
CA ASN I 336 8.83 24.98 -18.84
C ASN I 336 8.35 25.27 -20.24
N ILE I 337 7.37 26.13 -20.30
CA ILE I 337 6.73 26.55 -21.53
C ILE I 337 6.83 28.06 -21.65
N PRO I 338 7.77 28.62 -22.42
CA PRO I 338 7.95 30.06 -22.66
C PRO I 338 6.72 30.65 -23.38
N SER I 339 6.36 31.93 -23.09
CA SER I 339 5.25 32.70 -23.71
C SER I 339 5.31 32.61 -25.25
N ILE J 10 4.33 41.09 -24.78
CA ILE J 10 4.74 41.03 -23.37
C ILE J 10 3.79 40.10 -22.54
N ALA J 11 3.30 38.99 -23.16
CA ALA J 11 2.35 38.03 -22.55
C ALA J 11 2.92 37.29 -21.35
N GLY J 12 2.03 37.05 -20.38
CA GLY J 12 2.32 36.36 -19.12
C GLY J 12 1.93 34.89 -19.14
N PHE J 13 1.57 34.37 -17.95
CA PHE J 13 1.26 32.94 -17.68
C PHE J 13 0.15 32.36 -18.52
N ILE J 14 -0.66 33.22 -19.09
CA ILE J 14 -1.75 32.82 -19.94
C ILE J 14 -1.17 32.08 -21.15
N GLU J 15 -0.04 32.57 -21.69
CA GLU J 15 0.59 31.95 -22.84
C GLU J 15 1.80 31.10 -22.47
N GLY J 16 2.49 31.48 -21.37
CA GLY J 16 3.70 30.76 -20.96
C GLY J 16 4.56 31.59 -20.00
N GLY J 17 5.76 31.11 -19.72
CA GLY J 17 6.65 31.79 -18.80
C GLY J 17 7.63 32.72 -19.49
N TRP J 18 8.48 33.33 -18.69
CA TRP J 18 9.45 34.27 -19.18
C TRP J 18 10.86 33.77 -19.05
N THR J 19 11.65 33.94 -20.09
CA THR J 19 13.05 33.52 -20.01
C THR J 19 13.92 34.68 -19.58
N GLY J 20 13.30 35.84 -19.43
CA GLY J 20 14.00 37.03 -19.01
C GLY J 20 13.96 37.22 -17.50
N MET J 21 13.27 36.33 -16.80
CA MET J 21 13.15 36.44 -15.36
C MET J 21 14.00 35.31 -14.80
N VAL J 22 15.06 35.64 -14.08
CA VAL J 22 16.00 34.54 -13.72
C VAL J 22 15.78 34.10 -12.26
N ASP J 23 15.88 35.03 -11.32
CA ASP J 23 15.54 34.69 -9.92
C ASP J 23 14.04 34.88 -9.84
N GLY J 24 13.28 33.90 -10.32
CA GLY J 24 11.80 33.93 -10.28
C GLY J 24 11.17 32.56 -10.32
N TRP J 25 10.03 32.40 -9.73
CA TRP J 25 9.23 31.17 -9.89
C TRP J 25 8.02 31.99 -10.14
N TYR J 26 7.92 33.09 -9.36
CA TYR J 26 6.86 33.96 -9.79
C TYR J 26 7.27 35.37 -9.70
N GLY J 27 6.74 36.16 -10.61
CA GLY J 27 7.08 37.55 -10.63
C GLY J 27 6.38 38.32 -11.69
N TYR J 28 6.90 39.52 -11.90
CA TYR J 28 6.32 40.46 -12.80
C TYR J 28 7.27 40.92 -13.87
N HIS J 29 6.69 41.32 -14.96
CA HIS J 29 7.41 41.95 -16.04
C HIS J 29 6.83 43.30 -16.24
N HIS J 30 7.66 44.29 -16.47
CA HIS J 30 7.08 45.58 -16.68
C HIS J 30 7.75 46.43 -17.70
N GLN J 31 6.96 47.37 -18.21
CA GLN J 31 7.45 48.45 -19.03
C GLN J 31 6.77 49.71 -18.51
N ASN J 32 7.53 50.78 -18.31
CA ASN J 32 6.92 52.02 -17.85
C ASN J 32 7.75 53.21 -18.34
N GLU J 33 7.34 54.43 -18.02
CA GLU J 33 8.06 55.61 -18.52
C GLU J 33 9.49 55.72 -18.01
N GLN J 34 9.75 55.11 -16.87
CA GLN J 34 11.05 55.14 -16.22
C GLN J 34 11.80 53.80 -16.24
N GLY J 35 11.37 52.81 -17.02
CA GLY J 35 12.09 51.53 -16.96
C GLY J 35 11.47 50.32 -17.65
N SER J 36 12.20 49.21 -17.58
CA SER J 36 11.78 47.94 -18.16
C SER J 36 12.53 46.78 -17.50
N GLY J 37 11.85 45.65 -17.30
CA GLY J 37 12.55 44.48 -16.75
C GLY J 37 11.67 43.46 -16.03
N TYR J 38 12.31 42.50 -15.39
CA TYR J 38 11.61 41.41 -14.69
C TYR J 38 12.05 41.31 -13.24
N ALA J 39 11.12 40.91 -12.36
CA ALA J 39 11.49 40.66 -10.96
C ALA J 39 10.55 39.70 -10.25
N ALA J 40 11.09 38.90 -9.34
CA ALA J 40 10.32 37.99 -8.49
C ALA J 40 9.70 38.72 -7.31
N ASP J 41 8.68 38.12 -6.71
CA ASP J 41 8.10 38.74 -5.52
C ASP J 41 7.85 37.76 -4.35
N GLN J 42 7.05 38.25 -3.39
CA GLN J 42 6.66 37.59 -2.14
C GLN J 42 5.84 36.31 -2.32
N LYS J 43 5.30 36.02 -3.50
CA LYS J 43 4.54 34.78 -3.63
C LYS J 43 5.46 33.64 -4.00
N SER J 44 6.70 33.95 -4.31
CA SER J 44 7.68 32.93 -4.58
C SER J 44 8.44 32.75 -3.31
N THR J 45 8.99 33.86 -2.83
CA THR J 45 9.85 33.76 -1.68
C THR J 45 9.01 33.38 -0.48
N GLN J 46 9.35 32.28 0.16
CA GLN J 46 8.69 31.71 1.32
C GLN J 46 7.25 31.29 1.12
N ASN J 47 6.77 31.23 -0.09
CA ASN J 47 5.42 30.79 -0.31
C ASN J 47 5.53 29.64 -1.25
N ALA J 48 5.63 29.88 -2.55
CA ALA J 48 5.77 28.71 -3.39
C ALA J 48 7.04 27.96 -3.01
N ILE J 49 8.11 28.68 -2.67
CA ILE J 49 9.34 28.01 -2.27
C ILE J 49 9.16 27.18 -1.02
N ASN J 50 8.43 27.69 -0.05
CA ASN J 50 8.27 27.00 1.23
C ASN J 50 7.32 25.84 1.11
N GLY J 51 6.26 26.00 0.34
CA GLY J 51 5.29 24.96 0.16
C GLY J 51 6.01 23.79 -0.49
N ILE J 52 6.76 24.09 -1.54
CA ILE J 52 7.50 23.06 -2.21
C ILE J 52 8.56 22.48 -1.31
N THR J 53 9.30 23.30 -0.56
CA THR J 53 10.31 22.70 0.29
C THR J 53 9.69 21.69 1.22
N ASN J 54 8.56 22.03 1.84
CA ASN J 54 7.96 21.08 2.75
C ASN J 54 7.55 19.81 2.02
N LYS J 55 7.02 19.95 0.80
CA LYS J 55 6.63 18.78 0.02
C LYS J 55 7.79 17.90 -0.36
N VAL J 56 8.91 18.51 -0.71
CA VAL J 56 10.08 17.76 -1.12
C VAL J 56 10.61 17.02 0.08
N ASN J 57 10.71 17.71 1.21
CA ASN J 57 11.19 17.05 2.39
C ASN J 57 10.25 15.99 2.85
N SER J 58 8.94 16.18 2.67
CA SER J 58 7.98 15.18 3.09
C SER J 58 8.18 13.91 2.31
N VAL J 59 8.33 14.02 0.99
CA VAL J 59 8.49 12.84 0.17
C VAL J 59 9.74 12.08 0.55
N ILE J 60 10.82 12.80 0.82
CA ILE J 60 12.07 12.19 1.20
C ILE J 60 11.98 11.53 2.59
N GLU J 61 11.40 12.25 3.56
CA GLU J 61 11.24 11.80 4.94
C GLU J 61 10.37 10.58 5.07
N LYS J 62 9.38 10.46 4.21
CA LYS J 62 8.47 9.33 4.22
C LYS J 62 9.11 7.99 3.93
N MET J 63 10.27 7.94 3.28
CA MET J 63 10.81 6.62 3.05
C MET J 63 11.70 6.15 4.19
N ASN J 64 11.51 4.90 4.55
CA ASN J 64 12.27 4.21 5.57
C ASN J 64 13.52 3.59 4.99
N THR J 65 14.69 4.04 5.43
CA THR J 65 15.95 3.53 4.89
C THR J 65 15.93 2.02 5.04
N GLN J 66 16.34 1.33 3.99
CA GLN J 66 16.22 -0.12 3.94
C GLN J 66 17.24 -0.93 4.69
N PHE J 67 17.21 -0.81 6.00
CA PHE J 67 18.04 -1.63 6.86
C PHE J 67 17.26 -2.88 7.16
N THR J 68 17.10 -3.67 6.11
CA THR J 68 16.29 -4.86 6.11
C THR J 68 17.05 -6.04 5.53
N ALA J 69 16.37 -7.16 5.35
CA ALA J 69 17.01 -8.34 4.83
C ALA J 69 17.56 -8.04 3.45
N VAL J 70 18.74 -8.54 3.18
CA VAL J 70 19.35 -8.34 1.89
C VAL J 70 18.73 -9.26 0.86
N GLY J 71 18.59 -10.53 1.22
CA GLY J 71 17.99 -11.54 0.38
C GLY J 71 18.15 -12.85 1.10
N LYS J 72 17.44 -13.88 0.65
CA LYS J 72 17.52 -15.18 1.28
C LYS J 72 17.60 -16.27 0.26
N GLU J 73 18.29 -17.33 0.61
CA GLU J 73 18.36 -18.50 -0.24
C GLU J 73 17.38 -19.52 0.29
N PHE J 74 16.92 -20.41 -0.60
CA PHE J 74 15.99 -21.46 -0.23
C PHE J 74 16.44 -22.81 -0.77
N ASN J 75 16.02 -23.87 -0.12
CA ASN J 75 16.38 -25.22 -0.51
C ASN J 75 15.47 -25.76 -1.63
N LYS J 76 15.75 -26.98 -2.07
CA LYS J 76 14.97 -27.64 -3.11
C LYS J 76 13.57 -27.98 -2.65
N LEU J 77 13.44 -28.29 -1.38
CA LEU J 77 12.18 -28.67 -0.79
C LEU J 77 11.55 -27.55 -0.02
N GLU J 78 11.98 -26.32 -0.31
CA GLU J 78 11.42 -25.17 0.31
C GLU J 78 10.81 -24.26 -0.72
N ARG J 79 10.30 -24.84 -1.80
CA ARG J 79 9.73 -24.05 -2.88
C ARG J 79 8.57 -23.21 -2.42
N ARG J 80 7.74 -23.71 -1.51
CA ARG J 80 6.62 -22.89 -1.04
C ARG J 80 7.13 -21.69 -0.24
N MET J 81 8.25 -21.87 0.47
CA MET J 81 8.85 -20.82 1.27
C MET J 81 9.51 -19.81 0.36
N GLU J 82 10.10 -20.31 -0.72
CA GLU J 82 10.72 -19.45 -1.69
C GLU J 82 9.67 -18.62 -2.34
N ASN J 83 8.55 -19.25 -2.70
CA ASN J 83 7.47 -18.57 -3.35
C ASN J 83 6.79 -17.65 -2.39
N LEU J 84 6.75 -17.97 -1.11
CA LEU J 84 6.15 -17.05 -0.17
C LEU J 84 7.04 -15.84 -0.09
N ASN J 85 8.35 -16.04 0.01
CA ASN J 85 9.24 -14.92 0.08
C ASN J 85 9.18 -14.10 -1.18
N LYS J 86 9.08 -14.76 -2.32
CA LYS J 86 9.01 -14.07 -3.57
C LYS J 86 7.73 -13.30 -3.65
N LYS J 87 6.61 -13.90 -3.24
CA LYS J 87 5.34 -13.21 -3.25
C LYS J 87 5.40 -12.00 -2.39
N VAL J 88 6.05 -12.10 -1.24
CA VAL J 88 6.18 -10.98 -0.35
C VAL J 88 7.00 -9.90 -1.00
N ASP J 89 8.13 -10.25 -1.65
CA ASP J 89 8.95 -9.25 -2.31
C ASP J 89 8.25 -8.62 -3.50
N ASP J 90 7.52 -9.41 -4.28
CA ASP J 90 6.83 -8.92 -5.46
C ASP J 90 5.67 -8.09 -5.03
N GLY J 91 5.01 -8.51 -3.97
CA GLY J 91 3.88 -7.81 -3.44
C GLY J 91 4.32 -6.46 -2.97
N PHE J 92 5.35 -6.42 -2.13
CA PHE J 92 5.83 -5.17 -1.60
C PHE J 92 6.43 -4.35 -2.71
N LEU J 93 7.06 -4.97 -3.68
CA LEU J 93 7.61 -4.22 -4.77
C LEU J 93 6.53 -3.59 -5.61
N ASP J 94 5.45 -4.31 -5.92
CA ASP J 94 4.40 -3.72 -6.72
C ASP J 94 3.67 -2.66 -5.93
N ILE J 95 3.54 -2.86 -4.62
CA ILE J 95 2.88 -1.88 -3.78
C ILE J 95 3.69 -0.64 -3.70
N TRP J 96 5.01 -0.77 -3.49
CA TRP J 96 5.83 0.41 -3.42
C TRP J 96 6.08 1.04 -4.75
N THR J 97 6.09 0.27 -5.84
CA THR J 97 6.25 0.89 -7.15
C THR J 97 5.00 1.68 -7.39
N TYR J 98 3.85 1.08 -7.08
CA TYR J 98 2.57 1.73 -7.23
C TYR J 98 2.53 2.97 -6.39
N ASN J 99 2.90 2.88 -5.12
CA ASN J 99 2.84 4.03 -4.25
C ASN J 99 3.85 5.08 -4.66
N ALA J 100 5.04 4.68 -5.07
CA ALA J 100 6.06 5.63 -5.44
C ALA J 100 5.71 6.37 -6.69
N GLU J 101 5.18 5.66 -7.67
CA GLU J 101 4.83 6.30 -8.91
C GLU J 101 3.57 7.09 -8.74
N LEU J 102 2.63 6.59 -7.94
CA LEU J 102 1.39 7.29 -7.74
C LEU J 102 1.64 8.54 -6.94
N LEU J 103 2.51 8.45 -5.95
CA LEU J 103 2.82 9.61 -5.15
C LEU J 103 3.44 10.62 -6.06
N VAL J 104 4.37 10.21 -6.91
CA VAL J 104 4.96 11.19 -7.78
C VAL J 104 3.96 11.75 -8.78
N LEU J 105 3.11 10.93 -9.39
CA LEU J 105 2.15 11.46 -10.36
C LEU J 105 1.16 12.40 -9.73
N LEU J 106 0.68 12.07 -8.54
CA LEU J 106 -0.28 12.91 -7.88
C LEU J 106 0.37 14.14 -7.34
N GLU J 107 1.58 14.01 -6.83
CA GLU J 107 2.25 15.15 -6.30
C GLU J 107 2.66 16.05 -7.44
N ASN J 108 3.01 15.50 -8.60
CA ASN J 108 3.39 16.32 -9.73
C ASN J 108 2.18 17.04 -10.26
N GLU J 109 1.02 16.39 -10.27
CA GLU J 109 -0.15 17.07 -10.76
C GLU J 109 -0.55 18.15 -9.76
N ARG J 110 -0.43 17.85 -8.48
CA ARG J 110 -0.77 18.81 -7.44
C ARG J 110 0.22 19.95 -7.42
N THR J 111 1.49 19.69 -7.67
CA THR J 111 2.52 20.71 -7.71
C THR J 111 2.30 21.62 -8.87
N LEU J 112 2.01 21.08 -10.04
CA LEU J 112 1.79 21.95 -11.16
C LEU J 112 0.52 22.73 -10.96
N ASP J 113 -0.51 22.12 -10.35
CA ASP J 113 -1.76 22.83 -10.08
C ASP J 113 -1.51 23.92 -9.04
N PHE J 114 -0.66 23.64 -8.05
CA PHE J 114 -0.27 24.57 -7.00
C PHE J 114 0.36 25.77 -7.65
N HIS J 115 1.28 25.53 -8.56
CA HIS J 115 1.95 26.60 -9.24
C HIS J 115 1.01 27.40 -10.13
N ASP J 116 0.08 26.74 -10.81
CA ASP J 116 -0.84 27.49 -11.64
C ASP J 116 -1.73 28.32 -10.74
N SER J 117 -2.10 27.78 -9.58
CA SER J 117 -2.91 28.49 -8.63
C SER J 117 -2.17 29.71 -8.11
N ASN J 118 -0.88 29.56 -7.82
CA ASN J 118 -0.09 30.66 -7.30
C ASN J 118 0.08 31.80 -8.28
N VAL J 119 0.24 31.49 -9.58
CA VAL J 119 0.37 32.60 -10.51
C VAL J 119 -1.00 33.25 -10.69
N LYS J 120 -2.06 32.45 -10.64
CA LYS J 120 -3.39 33.00 -10.72
C LYS J 120 -3.66 33.86 -9.50
N ASN J 121 -3.15 33.47 -8.32
CA ASN J 121 -3.38 34.26 -7.12
C ASN J 121 -2.75 35.62 -7.27
N LEU J 122 -1.60 35.71 -7.94
CA LEU J 122 -1.01 37.00 -8.19
C LEU J 122 -1.89 37.80 -9.11
N TYR J 123 -2.47 37.12 -10.08
CA TYR J 123 -3.32 37.79 -11.05
C TYR J 123 -4.54 38.35 -10.35
N GLU J 124 -5.11 37.60 -9.42
CA GLU J 124 -6.28 38.03 -8.68
C GLU J 124 -5.90 39.17 -7.73
N LYS J 125 -4.70 39.10 -7.15
CA LYS J 125 -4.22 40.15 -6.26
C LYS J 125 -4.12 41.48 -6.99
N VAL J 126 -3.49 41.44 -8.15
CA VAL J 126 -3.33 42.65 -8.90
C VAL J 126 -4.66 43.11 -9.42
N LYS J 127 -5.47 42.22 -9.97
CA LYS J 127 -6.79 42.59 -10.44
C LYS J 127 -7.59 43.27 -9.34
N SER J 128 -7.51 42.77 -8.12
CA SER J 128 -8.25 43.40 -7.04
C SER J 128 -7.87 44.86 -6.85
N GLN J 129 -6.60 45.24 -7.09
CA GLN J 129 -6.25 46.63 -6.94
C GLN J 129 -6.38 47.43 -8.24
N LEU J 130 -6.17 46.80 -9.40
CA LEU J 130 -6.19 47.55 -10.65
C LEU J 130 -7.50 47.56 -11.41
N LYS J 131 -8.39 46.61 -11.21
CA LYS J 131 -9.59 46.57 -12.06
C LYS J 131 -10.38 47.85 -11.99
N ASN J 132 -10.31 48.54 -10.86
CA ASN J 132 -11.02 49.76 -10.62
C ASN J 132 -10.60 50.87 -11.59
N ASN J 133 -9.36 50.78 -12.06
CA ASN J 133 -8.81 51.73 -12.99
C ASN J 133 -7.97 51.05 -14.08
N ALA J 134 -8.28 49.79 -14.40
CA ALA J 134 -7.55 49.06 -15.43
C ALA J 134 -8.25 49.23 -16.74
N LYS J 135 -7.45 49.32 -17.78
CA LYS J 135 -7.94 49.47 -19.14
C LYS J 135 -8.29 48.15 -19.75
N GLU J 136 -7.46 47.17 -19.49
CA GLU J 136 -7.65 45.85 -20.02
C GLU J 136 -6.98 44.87 -19.12
N ILE J 137 -7.67 43.77 -18.88
CA ILE J 137 -7.08 42.70 -18.13
C ILE J 137 -7.17 41.42 -18.94
N GLY J 138 -6.03 40.83 -19.25
CA GLY J 138 -6.00 39.59 -20.01
C GLY J 138 -4.63 39.33 -20.63
N ASN J 139 -4.40 38.07 -21.01
CA ASN J 139 -3.15 37.59 -21.60
C ASN J 139 -1.97 37.77 -20.64
N GLY J 140 -2.30 37.85 -19.35
CA GLY J 140 -1.36 38.00 -18.25
C GLY J 140 -1.01 39.47 -17.99
N CYS J 141 -1.57 40.38 -18.77
CA CYS J 141 -1.22 41.79 -18.64
C CYS J 141 -2.30 42.69 -18.11
N PHE J 142 -1.86 43.64 -17.32
CA PHE J 142 -2.71 44.70 -16.83
C PHE J 142 -2.33 46.05 -17.42
N GLU J 143 -3.28 46.60 -18.15
CA GLU J 143 -3.15 47.90 -18.79
C GLU J 143 -3.80 48.90 -17.84
N PHE J 144 -3.37 50.15 -17.88
CA PHE J 144 -3.87 51.20 -16.99
C PHE J 144 -4.55 52.33 -17.77
N TYR J 145 -5.43 53.08 -17.10
CA TYR J 145 -6.04 54.27 -17.73
C TYR J 145 -5.27 55.54 -17.40
N HIS J 146 -4.05 55.38 -16.88
CA HIS J 146 -3.08 56.43 -16.54
C HIS J 146 -1.71 55.90 -16.90
N LYS J 147 -0.73 56.78 -17.09
CA LYS J 147 0.62 56.31 -17.35
C LYS J 147 1.35 56.01 -16.04
N CYS J 148 2.18 54.95 -16.03
CA CYS J 148 2.97 54.49 -14.90
C CYS J 148 4.45 54.83 -15.06
N ASN J 149 5.03 55.00 -13.89
CA ASN J 149 6.42 55.23 -13.56
C ASN J 149 6.92 54.03 -12.73
N ASN J 150 8.14 54.09 -12.22
CA ASN J 150 8.62 52.97 -11.44
C ASN J 150 7.88 52.84 -10.11
N GLU J 151 7.40 53.95 -9.54
CA GLU J 151 6.68 53.90 -8.26
C GLU J 151 5.36 53.11 -8.34
N CYS J 152 4.61 53.25 -9.46
CA CYS J 152 3.37 52.53 -9.81
C CYS J 152 3.68 51.04 -9.80
N MET J 153 4.74 50.66 -10.50
CA MET J 153 5.08 49.25 -10.55
C MET J 153 5.45 48.70 -9.18
N GLU J 154 6.18 49.45 -8.36
CA GLU J 154 6.56 48.91 -7.07
C GLU J 154 5.34 48.70 -6.20
N SER J 155 4.39 49.63 -6.25
CA SER J 155 3.21 49.49 -5.44
C SER J 155 2.38 48.29 -5.86
N VAL J 156 2.26 48.04 -7.17
CA VAL J 156 1.46 46.92 -7.59
C VAL J 156 2.10 45.62 -7.15
N LYS J 157 3.42 45.52 -7.31
CA LYS J 157 4.12 44.30 -6.94
C LYS J 157 4.02 43.97 -5.45
N ASN J 158 4.11 44.96 -4.57
CA ASN J 158 4.01 44.71 -3.14
C ASN J 158 2.56 44.50 -2.70
N GLY J 159 1.63 45.15 -3.39
CA GLY J 159 0.22 45.08 -3.01
C GLY J 159 -0.19 46.31 -2.25
N THR J 160 0.47 47.41 -2.53
CA THR J 160 0.23 48.68 -1.90
C THR J 160 -0.31 49.65 -2.93
N TYR J 161 -0.88 49.13 -4.02
CA TYR J 161 -1.39 50.04 -5.04
C TYR J 161 -2.69 50.54 -4.50
N ASP J 162 -2.59 51.66 -3.83
CA ASP J 162 -3.73 52.23 -3.19
C ASP J 162 -4.49 52.96 -4.25
N TYR J 163 -5.25 52.18 -5.02
CA TYR J 163 -5.93 52.66 -6.20
C TYR J 163 -6.67 54.00 -6.08
N PRO J 164 -7.30 54.45 -4.96
CA PRO J 164 -8.00 55.72 -4.94
C PRO J 164 -7.08 56.91 -5.24
N LYS J 165 -5.76 56.73 -5.09
CA LYS J 165 -4.79 57.80 -5.33
C LYS J 165 -4.38 57.84 -6.79
N TYR J 166 -4.81 56.84 -7.53
CA TYR J 166 -4.49 56.67 -8.93
C TYR J 166 -5.73 56.77 -9.81
N SER J 167 -6.86 56.22 -9.35
CA SER J 167 -8.12 56.06 -10.10
C SER J 167 -8.77 57.37 -10.46
N GLU J 168 -8.38 58.43 -9.77
CA GLU J 168 -8.91 59.74 -10.08
C GLU J 168 -8.31 60.24 -11.40
N GLU J 169 -7.06 59.89 -11.67
CA GLU J 169 -6.43 60.36 -12.90
C GLU J 169 -6.61 59.26 -13.93
N SER J 170 -6.64 58.03 -13.46
CA SER J 170 -6.73 56.87 -14.29
C SER J 170 -8.17 56.58 -14.63
N LYS J 171 -8.73 57.45 -15.44
CA LYS J 171 -10.11 57.34 -15.79
C LYS J 171 -10.41 57.65 -17.24
N LEU J 172 -9.51 57.34 -18.18
CA LEU J 172 -9.81 57.68 -19.57
C LEU J 172 -11.11 57.09 -20.13
N ASN J 173 -11.50 55.88 -19.72
CA ASN J 173 -12.73 55.30 -20.26
C ASN J 173 -13.96 55.94 -19.67
N ARG J 174 -13.82 56.66 -18.58
CA ARG J 174 -14.95 57.30 -17.98
C ARG J 174 -15.13 58.63 -18.70
N GLU J 175 -14.00 59.27 -19.02
CA GLU J 175 -13.98 60.57 -19.70
C GLU J 175 -14.60 60.46 -21.09
N LYS J 176 -14.36 59.33 -21.73
CA LYS J 176 -14.83 59.07 -23.08
C LYS J 176 -16.27 58.53 -23.24
N ILE J 177 -17.00 58.27 -22.11
CA ILE J 177 -18.36 57.72 -22.09
C ILE J 177 -19.20 58.67 -21.24
N GLN K 1 22.75 16.94 11.18
CA GLN K 1 21.36 17.13 11.56
C GLN K 1 21.25 17.77 12.94
N VAL K 2 22.00 17.21 13.92
CA VAL K 2 22.04 17.64 15.32
C VAL K 2 23.47 17.85 15.67
N GLN K 3 24.31 17.39 14.77
CA GLN K 3 25.74 17.44 14.98
C GLN K 3 26.55 17.52 13.70
N LEU K 4 27.53 18.41 13.71
CA LEU K 4 28.47 18.61 12.63
C LEU K 4 29.89 18.39 13.19
N VAL K 5 30.65 17.48 12.59
CA VAL K 5 31.99 17.13 13.08
C VAL K 5 33.08 17.51 12.09
N GLN K 6 34.08 18.28 12.54
CA GLN K 6 35.12 18.75 11.60
C GLN K 6 36.59 18.66 12.11
N SER K 7 37.53 18.39 11.19
CA SER K 7 38.96 18.21 11.55
C SER K 7 39.91 19.35 11.13
N GLY K 8 41.03 19.51 11.86
CA GLY K 8 42.02 20.57 11.60
C GLY K 8 43.21 20.16 10.76
N ALA K 9 44.26 20.97 10.82
CA ALA K 9 45.44 20.72 9.99
C ALA K 9 46.74 21.30 10.55
N GLU K 10 47.82 20.70 10.07
CA GLU K 10 49.20 21.05 10.34
C GLU K 10 49.55 22.31 9.60
N VAL K 11 50.77 22.79 9.75
CA VAL K 11 51.11 24.05 9.12
C VAL K 11 51.11 24.01 7.63
N LYS K 12 50.36 24.95 7.07
CA LYS K 12 50.30 25.08 5.63
C LYS K 12 51.05 26.32 5.19
N LYS K 13 51.96 26.11 4.26
CA LYS K 13 52.82 27.15 3.75
C LYS K 13 52.14 27.99 2.69
N PRO K 14 52.50 29.27 2.55
CA PRO K 14 51.92 30.16 1.58
C PRO K 14 52.22 29.60 0.21
N GLY K 15 51.27 29.74 -0.69
CA GLY K 15 51.37 29.23 -2.04
C GLY K 15 50.66 27.88 -2.14
N SER K 16 50.31 27.30 -0.99
CA SER K 16 49.63 26.01 -0.93
C SER K 16 48.16 26.22 -0.63
N SER K 17 47.53 25.21 -0.03
CA SER K 17 46.10 25.30 0.26
C SER K 17 45.72 24.61 1.56
N VAL K 18 44.54 24.97 2.03
CA VAL K 18 43.96 24.40 3.24
C VAL K 18 42.67 23.67 2.92
N LYS K 19 42.55 22.41 3.33
CA LYS K 19 41.31 21.69 3.08
C LYS K 19 40.58 21.49 4.40
N VAL K 20 39.32 21.90 4.40
CA VAL K 20 38.41 21.83 5.53
C VAL K 20 37.15 21.05 5.22
N SER K 21 36.73 20.18 6.11
CA SER K 21 35.50 19.45 5.83
C SER K 21 34.75 19.13 7.11
N CYS K 22 33.42 18.88 7.00
CA CYS K 22 32.57 18.46 8.12
C CYS K 22 31.57 17.39 7.70
N LYS K 23 31.37 16.44 8.60
CA LYS K 23 30.39 15.39 8.38
C LYS K 23 29.16 15.67 9.20
N ALA K 24 27.99 15.53 8.58
CA ALA K 24 26.76 15.73 9.31
C ALA K 24 26.17 14.40 9.75
N SER K 25 25.72 14.33 10.99
CA SER K 25 25.07 13.13 11.48
C SER K 25 23.59 13.14 11.09
N GLY K 26 22.92 12.00 11.20
CA GLY K 26 21.47 11.98 10.94
C GLY K 26 21.14 11.88 9.45
N GLY K 27 19.90 12.22 9.12
CA GLY K 27 19.38 12.07 7.76
C GLY K 27 19.21 13.39 7.00
N THR K 28 18.54 13.30 5.84
CA THR K 28 18.27 14.39 4.89
C THR K 28 19.39 15.42 4.74
N PHE K 29 20.65 14.96 4.66
CA PHE K 29 21.79 15.84 4.42
C PHE K 29 21.62 16.67 3.19
N ARG K 30 21.11 16.01 2.18
CA ARG K 30 20.91 16.58 0.89
C ARG K 30 20.13 17.90 0.84
N THR K 31 19.24 18.15 1.80
CA THR K 31 18.50 19.41 1.78
C THR K 31 18.92 20.34 2.91
N PHE K 32 20.02 20.03 3.58
CA PHE K 32 20.52 20.87 4.66
C PHE K 32 21.22 22.06 4.09
N GLY K 33 21.08 23.18 4.74
CA GLY K 33 21.88 24.31 4.34
C GLY K 33 23.12 24.39 5.18
N ILE K 34 24.26 24.11 4.56
CA ILE K 34 25.52 24.10 5.29
C ILE K 34 26.35 25.27 4.85
N SER K 35 26.79 26.05 5.83
CA SER K 35 27.59 27.20 5.56
C SER K 35 28.88 27.11 6.30
N TRP K 36 29.86 27.83 5.77
CA TRP K 36 31.12 27.91 6.43
C TRP K 36 31.36 29.32 6.89
N VAL K 37 31.88 29.42 8.11
CA VAL K 37 32.23 30.66 8.81
C VAL K 37 33.66 30.58 9.39
N ARG K 38 34.44 31.64 9.37
CA ARG K 38 35.79 31.57 9.95
C ARG K 38 36.04 32.61 11.01
N GLN K 39 37.00 32.32 11.89
CA GLN K 39 37.41 33.26 12.93
C GLN K 39 38.90 33.26 13.24
N ALA K 40 39.54 34.38 12.94
CA ALA K 40 40.95 34.59 13.22
C ALA K 40 41.06 34.83 14.71
N PRO K 41 42.18 34.56 15.40
CA PRO K 41 42.29 34.78 16.82
C PRO K 41 42.02 36.22 17.14
N GLY K 42 41.19 36.48 18.14
CA GLY K 42 40.89 37.84 18.57
C GLY K 42 39.86 38.56 17.70
N GLN K 43 39.38 37.89 16.66
CA GLN K 43 38.44 38.49 15.73
C GLN K 43 37.06 37.90 15.84
N GLY K 44 36.13 38.45 15.09
CA GLY K 44 34.78 37.95 15.07
C GLY K 44 34.63 36.92 13.96
N LEU K 45 33.41 36.56 13.68
CA LEU K 45 33.06 35.55 12.70
C LEU K 45 32.72 36.16 11.33
N GLU K 46 33.16 35.51 10.25
CA GLU K 46 32.77 35.96 8.89
C GLU K 46 32.46 34.80 7.96
N TRP K 47 31.64 35.08 6.95
CA TRP K 47 31.17 34.08 5.99
C TRP K 47 32.21 33.66 4.96
N MET K 48 32.24 32.35 4.69
CA MET K 48 33.04 31.77 3.63
C MET K 48 32.14 31.42 2.44
N GLY K 49 30.99 30.79 2.75
CA GLY K 49 30.03 30.36 1.70
C GLY K 49 28.84 29.53 2.21
N TRP K 50 27.93 29.22 1.27
CA TRP K 50 26.64 28.51 1.51
C TRP K 50 26.21 27.48 0.44
N ILE K 51 26.00 26.23 0.87
CA ILE K 51 25.55 25.09 0.04
C ILE K 51 24.27 24.36 0.45
N ILE K 52 23.43 24.05 -0.54
CA ILE K 52 22.26 23.20 -0.32
C ILE K 52 22.61 21.97 -1.22
N PRO K 53 23.24 20.91 -0.66
CA PRO K 53 24.00 19.85 -1.35
C PRO K 53 23.44 19.15 -2.55
N ILE K 54 22.14 18.91 -2.63
CA ILE K 54 21.67 18.21 -3.83
C ILE K 54 20.77 19.09 -4.66
N ILE K 55 20.66 20.35 -4.27
CA ILE K 55 19.77 21.27 -4.90
C ILE K 55 20.49 22.16 -5.88
N GLY K 56 21.65 22.68 -5.51
CA GLY K 56 22.28 23.59 -6.45
C GLY K 56 23.73 23.93 -6.16
N THR K 57 24.20 24.95 -6.87
CA THR K 57 25.56 25.39 -6.77
C THR K 57 25.72 26.20 -5.50
N PRO K 58 26.93 26.38 -5.00
CA PRO K 58 27.27 27.20 -3.87
C PRO K 58 27.23 28.67 -4.17
N ASN K 59 27.08 29.45 -3.12
CA ASN K 59 27.20 30.88 -3.19
C ASN K 59 28.36 31.28 -2.26
N TYR K 60 29.44 31.85 -2.83
CA TYR K 60 30.65 32.17 -2.07
C TYR K 60 30.67 33.61 -1.58
N ALA K 61 31.29 33.82 -0.42
CA ALA K 61 31.49 35.14 0.13
C ALA K 61 32.33 35.95 -0.82
N GLN K 62 32.00 37.22 -0.98
CA GLN K 62 32.67 38.04 -1.99
C GLN K 62 34.19 38.12 -1.87
N LYS K 63 34.71 38.19 -0.67
CA LYS K 63 36.17 38.31 -0.53
C LYS K 63 36.88 37.02 -0.95
N PHE K 64 36.12 35.94 -1.04
CA PHE K 64 36.63 34.64 -1.38
C PHE K 64 36.20 34.16 -2.77
N GLN K 65 35.53 34.97 -3.58
CA GLN K 65 35.05 34.44 -4.86
C GLN K 65 36.18 34.00 -5.81
N GLY K 66 37.33 34.64 -5.73
CA GLY K 66 38.47 34.25 -6.54
C GLY K 66 39.48 33.40 -5.75
N ARG K 67 39.12 33.01 -4.52
CA ARG K 67 40.05 32.31 -3.64
C ARG K 67 39.64 30.91 -3.19
N VAL K 68 38.34 30.62 -3.10
CA VAL K 68 37.99 29.34 -2.51
C VAL K 68 37.10 28.51 -3.37
N ILE K 69 37.10 27.23 -3.08
CA ILE K 69 36.18 26.31 -3.66
C ILE K 69 35.40 25.68 -2.55
N ILE K 70 34.10 25.80 -2.57
CA ILE K 70 33.30 25.20 -1.53
C ILE K 70 32.40 24.26 -2.30
N THR K 71 32.38 23.01 -1.88
CA THR K 71 31.62 21.92 -2.49
C THR K 71 31.02 20.99 -1.46
N ALA K 72 30.34 19.95 -1.93
CA ALA K 72 29.72 18.98 -1.03
C ALA K 72 29.55 17.64 -1.71
N ASP K 73 29.49 16.60 -0.89
CA ASP K 73 29.23 15.25 -1.33
C ASP K 73 28.03 14.66 -0.59
N GLU K 74 26.93 14.55 -1.32
CA GLU K 74 25.63 14.14 -0.80
C GLU K 74 25.61 12.68 -0.37
N SER K 75 26.60 11.92 -0.83
CA SER K 75 26.75 10.52 -0.52
C SER K 75 27.44 10.39 0.82
N SER K 76 28.53 11.13 0.95
CA SER K 76 29.38 11.12 2.12
C SER K 76 28.82 11.98 3.25
N ASN K 77 27.80 12.76 2.94
CA ASN K 77 27.12 13.65 3.86
C ASN K 77 28.12 14.60 4.46
N THR K 78 29.03 15.03 3.59
CA THR K 78 30.11 15.88 4.00
C THR K 78 30.24 17.14 3.16
N ALA K 79 30.42 18.26 3.83
CA ALA K 79 30.66 19.52 3.14
C ALA K 79 32.15 19.75 3.14
N TYR K 80 32.67 20.35 2.07
CA TYR K 80 34.11 20.59 1.97
C TYR K 80 34.45 21.96 1.47
N MET K 81 35.60 22.47 1.86
CA MET K 81 36.12 23.65 1.20
C MET K 81 37.62 23.60 1.07
N GLU K 82 38.13 24.18 0.00
CA GLU K 82 39.56 24.28 -0.17
C GLU K 82 39.91 25.73 -0.40
N LEU K 83 40.86 26.19 0.38
CA LEU K 83 41.26 27.57 0.33
C LEU K 83 42.57 27.64 -0.44
N ASN K 84 42.52 28.24 -1.63
CA ASN K 84 43.65 28.26 -2.54
C ASN K 84 44.52 29.47 -2.44
N SER K 85 45.75 29.34 -2.94
CA SER K 85 46.68 30.46 -2.98
C SER K 85 46.83 31.06 -1.61
N LEU K 86 47.12 30.20 -0.65
CA LEU K 86 47.27 30.60 0.73
C LEU K 86 48.32 31.67 0.88
N LYS K 87 47.98 32.73 1.61
CA LYS K 87 48.89 33.84 1.90
C LYS K 87 49.22 33.90 3.38
N SER K 88 48.85 32.83 4.06
CA SER K 88 49.02 32.65 5.51
C SER K 88 48.43 33.79 6.31
N GLU K 89 47.23 34.20 5.94
CA GLU K 89 46.51 35.22 6.64
C GLU K 89 46.05 34.55 7.90
N ASP K 90 45.77 35.32 8.94
CA ASP K 90 45.34 34.69 10.17
C ASP K 90 44.22 33.73 9.84
N THR K 91 44.39 32.50 10.29
CA THR K 91 43.46 31.41 10.01
C THR K 91 42.74 30.92 11.24
N ALA K 92 43.41 30.12 12.05
CA ALA K 92 42.82 29.55 13.27
C ALA K 92 41.61 28.67 13.02
N VAL K 93 40.39 29.12 13.30
CA VAL K 93 39.28 28.18 13.20
C VAL K 93 38.21 28.41 12.16
N TYR K 94 37.84 27.33 11.50
CA TYR K 94 36.75 27.36 10.55
C TYR K 94 35.61 26.60 11.14
N TYR K 95 34.40 27.00 10.85
CA TYR K 95 33.27 26.32 11.38
C TYR K 95 32.23 25.94 10.33
N CYS K 96 31.65 24.75 10.52
CA CYS K 96 30.53 24.18 9.77
C CYS K 96 29.25 24.46 10.56
N ALA K 97 28.28 25.10 9.91
CA ALA K 97 27.02 25.40 10.59
C ALA K 97 25.83 25.04 9.72
N LYS K 98 24.78 24.52 10.36
CA LYS K 98 23.56 24.14 9.66
C LYS K 98 22.45 25.11 10.01
N GLU K 99 21.79 25.60 8.97
CA GLU K 99 20.71 26.51 9.19
C GLU K 99 19.45 25.76 9.67
N GLY K 100 18.40 26.50 9.98
CA GLY K 100 17.17 25.94 10.50
C GLY K 100 16.21 25.41 9.43
N ARG K 101 15.39 26.27 8.86
CA ARG K 101 14.46 25.78 7.85
C ARG K 101 15.13 25.16 6.65
N ALA K 102 16.28 25.68 6.25
CA ALA K 102 17.02 25.13 5.12
C ALA K 102 16.13 25.01 3.90
N LEU K 103 15.51 26.12 3.51
CA LEU K 103 14.61 26.10 2.37
C LEU K 103 15.38 25.89 1.10
N LEU K 104 14.77 25.21 0.14
CA LEU K 104 15.49 24.88 -1.06
C LEU K 104 15.87 26.14 -1.79
N ARG K 105 17.12 26.24 -2.17
CA ARG K 105 17.58 27.41 -2.86
C ARG K 105 17.41 27.33 -4.34
N TYR K 106 16.72 28.32 -4.85
CA TYR K 106 16.54 28.54 -6.26
C TYR K 106 16.80 30.01 -6.44
N PHE K 107 16.48 30.70 -5.35
CA PHE K 107 16.55 32.15 -5.19
C PHE K 107 17.53 32.46 -4.07
N ASP K 108 18.62 33.18 -4.35
CA ASP K 108 19.60 33.39 -3.28
C ASP K 108 19.25 34.47 -2.30
N TRP K 109 18.19 35.19 -2.58
CA TRP K 109 17.79 36.25 -1.68
C TRP K 109 16.75 35.76 -0.70
N LEU K 110 16.51 34.45 -0.75
CA LEU K 110 15.66 33.73 0.15
C LEU K 110 16.43 33.86 1.47
N PRO K 111 15.82 34.14 2.62
CA PRO K 111 16.48 34.26 3.91
C PRO K 111 17.31 33.04 4.24
N LEU K 112 18.42 33.28 4.94
CA LEU K 112 19.41 32.28 5.30
C LEU K 112 19.10 31.64 6.66
N ASP K 113 18.03 32.13 7.26
CA ASP K 113 17.47 31.65 8.53
C ASP K 113 18.45 31.60 9.73
N ALA K 114 18.24 30.66 10.68
CA ALA K 114 19.03 30.59 11.91
C ALA K 114 20.02 29.46 11.88
N PHE K 115 21.16 29.58 12.59
CA PHE K 115 22.06 28.42 12.65
C PHE K 115 21.80 27.65 13.92
N ASP K 116 21.11 26.52 13.77
CA ASP K 116 20.71 25.73 14.92
C ASP K 116 21.86 24.88 15.41
N ILE K 117 22.61 24.35 14.45
CA ILE K 117 23.70 23.46 14.79
C ILE K 117 24.98 24.12 14.36
N TRP K 118 25.91 24.24 15.27
CA TRP K 118 27.13 24.89 14.90
C TRP K 118 28.24 24.06 15.50
N GLY K 119 29.06 23.46 14.64
CA GLY K 119 30.07 22.53 15.10
C GLY K 119 31.33 23.22 15.58
N GLN K 120 32.29 22.42 16.00
CA GLN K 120 33.57 22.90 16.50
C GLN K 120 34.63 21.94 16.06
N GLY K 121 35.81 22.45 15.83
CA GLY K 121 36.93 21.67 15.39
C GLY K 121 37.65 22.49 14.36
N THR K 122 38.23 21.84 13.40
CA THR K 122 38.98 22.55 12.34
C THR K 122 39.91 23.66 12.80
N MET K 123 40.86 23.31 13.66
CA MET K 123 41.88 24.29 13.97
C MET K 123 43.02 24.10 12.98
N VAL K 124 43.31 25.14 12.22
CA VAL K 124 44.32 25.13 11.18
C VAL K 124 45.39 26.18 11.39
N THR K 125 46.62 25.72 11.35
CA THR K 125 47.76 26.60 11.49
C THR K 125 48.45 26.84 10.15
N VAL K 126 48.94 28.06 9.95
CA VAL K 126 49.61 28.44 8.72
C VAL K 126 50.96 29.07 9.04
N SER K 127 51.90 29.06 8.05
CA SER K 127 53.26 29.63 8.22
C SER K 127 53.23 31.16 7.99
N ASP L 1 29.20 45.02 3.63
CA ASP L 1 28.00 45.83 3.44
C ASP L 1 26.91 45.52 4.51
N ILE L 2 26.78 44.24 4.90
CA ILE L 2 25.72 43.81 5.84
C ILE L 2 26.32 43.94 7.24
N VAL L 3 26.14 45.15 7.79
CA VAL L 3 26.74 45.51 9.07
C VAL L 3 25.76 46.01 10.13
N LEU L 4 25.84 45.35 11.29
CA LEU L 4 25.09 45.58 12.52
C LEU L 4 26.17 45.48 13.59
N THR L 5 26.58 46.65 14.07
CA THR L 5 27.72 46.83 14.97
C THR L 5 27.34 46.76 16.42
N GLN L 6 28.14 46.04 17.19
CA GLN L 6 27.92 45.86 18.61
C GLN L 6 28.49 47.01 19.37
N THR L 7 27.74 47.55 20.31
CA THR L 7 28.29 48.61 21.13
C THR L 7 29.20 47.94 22.16
N PRO L 8 30.49 48.26 22.24
CA PRO L 8 31.38 47.65 23.19
C PRO L 8 30.94 48.20 24.52
N LEU L 9 31.01 47.42 25.57
CA LEU L 9 30.63 47.96 26.86
C LEU L 9 31.60 47.58 27.94
N SER L 10 32.07 48.58 28.69
CA SER L 10 32.93 48.33 29.83
C SER L 10 32.02 48.06 31.00
N LEU L 11 31.30 46.95 30.92
CA LEU L 11 30.24 46.62 31.86
C LEU L 11 30.31 45.25 32.52
N PRO L 12 31.18 45.03 33.52
CA PRO L 12 31.18 43.83 34.30
C PRO L 12 29.85 43.85 35.02
N VAL L 13 29.25 42.70 35.22
CA VAL L 13 28.00 42.61 35.97
C VAL L 13 28.10 41.58 37.07
N SER L 14 27.36 41.76 38.15
CA SER L 14 27.42 40.75 39.21
C SER L 14 26.35 39.71 38.96
N LEU L 15 26.42 38.60 39.68
CA LEU L 15 25.37 37.65 39.46
C LEU L 15 24.16 38.19 40.17
N GLY L 16 23.01 38.11 39.52
CA GLY L 16 21.76 38.62 40.04
C GLY L 16 21.39 39.96 39.39
N ASP L 17 22.34 40.60 38.72
CA ASP L 17 22.12 41.86 38.01
C ASP L 17 21.38 41.61 36.73
N GLN L 18 20.72 42.64 36.22
CA GLN L 18 20.12 42.50 34.90
C GLN L 18 21.11 43.06 33.91
N ALA L 19 21.05 42.62 32.66
CA ALA L 19 21.99 43.14 31.68
C ALA L 19 21.40 43.16 30.29
N SER L 20 21.90 44.05 29.46
CA SER L 20 21.50 44.05 28.08
C SER L 20 22.62 44.61 27.23
N ILE L 21 22.62 44.19 25.98
CA ILE L 21 23.57 44.67 24.99
C ILE L 21 22.79 45.08 23.75
N SER L 22 23.38 45.90 22.88
CA SER L 22 22.66 46.28 21.67
C SER L 22 23.58 46.49 20.47
N CYS L 23 22.95 46.44 19.25
CA CYS L 23 23.59 46.62 17.94
C CYS L 23 22.88 47.69 17.10
N ARG L 24 23.67 48.36 16.25
CA ARG L 24 23.14 49.36 15.30
C ARG L 24 23.53 49.03 13.84
N SER L 25 22.51 48.86 12.99
CA SER L 25 22.70 48.55 11.56
C SER L 25 22.64 49.68 10.58
N SER L 26 23.37 49.51 9.47
CA SER L 26 23.38 50.43 8.35
C SER L 26 22.13 50.33 7.46
N GLN L 27 21.39 49.23 7.61
CA GLN L 27 20.19 48.95 6.84
C GLN L 27 19.21 48.06 7.60
N SER L 28 17.94 48.17 7.28
CA SER L 28 16.93 47.39 7.96
C SER L 28 17.10 45.89 7.84
N LEU L 29 16.75 45.20 8.93
CA LEU L 29 16.78 43.74 9.05
C LEU L 29 15.44 43.14 8.72
N VAL L 30 14.51 43.99 8.30
CA VAL L 30 13.19 43.53 7.96
C VAL L 30 13.21 43.12 6.50
N HIS L 31 12.89 41.87 6.28
CA HIS L 31 12.86 41.23 5.00
C HIS L 31 11.49 41.41 4.36
N SER L 32 11.39 41.30 3.04
CA SER L 32 10.11 41.45 2.34
C SER L 32 9.06 40.44 2.79
N ASP L 33 9.50 39.36 3.46
CA ASP L 33 8.64 38.32 4.04
C ASP L 33 7.77 38.89 5.15
N GLY L 34 8.22 40.00 5.74
CA GLY L 34 7.59 40.65 6.88
C GLY L 34 8.29 40.28 8.18
N ASN L 35 9.21 39.33 8.10
CA ASN L 35 9.96 38.89 9.27
C ASN L 35 11.26 39.65 9.43
N THR L 36 11.73 39.73 10.67
CA THR L 36 13.02 40.34 10.93
C THR L 36 13.99 39.23 11.24
N TYR L 37 15.03 39.12 10.45
CA TYR L 37 15.93 37.99 10.64
C TYR L 37 17.13 38.29 11.48
N LEU L 38 16.86 38.50 12.75
CA LEU L 38 17.88 38.78 13.76
C LEU L 38 18.13 37.60 14.64
N HIS L 39 19.39 37.26 14.80
CA HIS L 39 19.74 36.17 15.67
C HIS L 39 20.83 36.62 16.62
N TRP L 40 20.86 36.03 17.81
CA TRP L 40 21.96 36.29 18.74
C TRP L 40 22.67 35.00 19.08
N TYR L 41 24.00 35.09 19.12
CA TYR L 41 24.84 33.94 19.43
C TYR L 41 25.83 34.25 20.54
N LEU L 42 26.12 33.27 21.40
CA LEU L 42 27.12 33.45 22.45
C LEU L 42 28.28 32.51 22.38
N GLN L 43 29.45 33.09 22.28
CA GLN L 43 30.66 32.31 22.20
C GLN L 43 31.53 32.43 23.44
N LYS L 44 31.90 31.28 23.96
CA LYS L 44 32.79 31.20 25.10
C LYS L 44 34.11 30.72 24.53
N PRO L 45 35.26 31.01 25.13
CA PRO L 45 36.53 30.56 24.62
C PRO L 45 36.54 29.06 24.43
N GLY L 46 36.99 28.62 23.25
CA GLY L 46 37.07 27.20 22.90
C GLY L 46 35.75 26.63 22.37
N GLN L 47 34.69 27.42 22.39
CA GLN L 47 33.37 26.96 21.97
C GLN L 47 32.88 27.54 20.67
N SER L 48 31.92 26.85 20.05
CA SER L 48 31.26 27.37 18.87
C SER L 48 30.34 28.49 19.37
N PRO L 49 29.94 29.44 18.54
CA PRO L 49 29.02 30.50 18.86
C PRO L 49 27.58 30.04 18.88
N LYS L 50 27.21 29.34 19.94
CA LYS L 50 25.89 28.74 20.14
C LYS L 50 24.72 29.72 20.05
N LEU L 51 23.68 29.32 19.31
CA LEU L 51 22.48 30.14 19.14
C LEU L 51 21.67 30.27 20.40
N LEU L 52 21.35 31.51 20.76
CA LEU L 52 20.53 31.76 21.93
C LEU L 52 19.18 32.28 21.52
N ILE L 53 19.18 33.24 20.60
CA ILE L 53 17.94 33.87 20.16
C ILE L 53 17.75 33.61 18.68
N TYR L 54 16.59 33.08 18.26
CA TYR L 54 16.46 32.74 16.84
C TYR L 54 15.57 33.73 16.06
N LYS L 55 14.80 34.54 16.77
CA LYS L 55 13.98 35.59 16.15
C LYS L 55 14.20 36.79 17.03
N VAL L 56 13.90 37.99 16.59
CA VAL L 56 14.19 39.14 17.44
C VAL L 56 13.61 38.96 18.85
N SER L 57 12.37 38.47 18.95
CA SER L 57 11.69 38.29 20.22
C SER L 57 11.58 36.83 20.70
N ASN L 58 12.28 35.90 20.06
CA ASN L 58 12.13 34.49 20.44
C ASN L 58 13.40 33.77 20.75
N ARG L 59 13.51 33.39 22.02
CA ARG L 59 14.64 32.64 22.55
C ARG L 59 14.54 31.22 22.04
N PHE L 60 15.68 30.62 21.72
CA PHE L 60 15.71 29.28 21.17
C PHE L 60 15.58 28.15 22.20
N SER L 61 15.55 26.91 21.73
CA SER L 61 15.37 25.75 22.58
C SER L 61 16.59 25.38 23.39
N GLY L 62 17.72 25.95 23.03
CA GLY L 62 18.98 25.66 23.67
C GLY L 62 19.34 26.64 24.79
N VAL L 63 18.45 27.58 25.12
CA VAL L 63 18.79 28.55 26.14
C VAL L 63 17.66 28.67 27.18
N PRO L 64 17.97 28.92 28.46
CA PRO L 64 17.04 29.24 29.52
C PRO L 64 16.28 30.54 29.25
N ASP L 65 15.10 30.63 29.86
CA ASP L 65 14.13 31.73 29.76
C ASP L 65 14.67 33.09 30.21
N ARG L 66 15.82 33.11 30.85
CA ARG L 66 16.41 34.37 31.29
C ARG L 66 16.80 35.22 30.06
N PHE L 67 16.99 34.57 28.89
CA PHE L 67 17.35 35.30 27.69
C PHE L 67 16.15 35.59 26.77
N SER L 68 16.07 36.84 26.31
CA SER L 68 15.04 37.26 25.36
C SER L 68 15.56 38.44 24.55
N GLY L 69 14.69 39.16 23.85
CA GLY L 69 15.16 40.28 23.05
C GLY L 69 14.04 41.11 22.41
N SER L 70 14.45 42.19 21.75
CA SER L 70 13.53 43.11 21.11
C SER L 70 14.23 44.00 20.08
N GLY L 71 13.44 44.74 19.31
CA GLY L 71 14.01 45.69 18.36
C GLY L 71 13.23 45.79 17.06
N SER L 72 13.64 46.74 16.23
CA SER L 72 12.99 47.02 14.95
C SER L 72 13.87 47.79 13.97
N GLY L 73 13.76 47.49 12.69
CA GLY L 73 14.51 48.28 11.72
C GLY L 73 16.00 47.99 11.81
N THR L 74 16.74 48.98 12.30
CA THR L 74 18.18 48.91 12.48
C THR L 74 18.61 48.86 13.94
N ASP L 75 17.66 48.99 14.85
CA ASP L 75 17.95 49.07 16.29
C ASP L 75 17.56 47.83 17.09
N PHE L 76 18.56 47.06 17.55
CA PHE L 76 18.23 45.81 18.26
C PHE L 76 18.92 45.59 19.58
N THR L 77 18.26 44.86 20.47
CA THR L 77 18.82 44.52 21.78
C THR L 77 18.56 43.10 22.28
N LEU L 78 19.51 42.62 23.07
CA LEU L 78 19.46 41.34 23.78
C LEU L 78 19.23 41.62 25.24
N LYS L 79 18.24 40.98 25.82
CA LYS L 79 18.00 41.22 27.24
C LYS L 79 18.16 39.98 28.09
N ILE L 80 18.84 40.16 29.23
CA ILE L 80 19.06 39.10 30.18
C ILE L 80 18.35 39.52 31.48
N SER L 81 17.35 38.75 31.90
CA SER L 81 16.54 39.11 33.08
C SER L 81 17.26 38.90 34.40
N ARG L 82 18.33 38.13 34.36
CA ARG L 82 19.17 37.83 35.51
C ARG L 82 20.47 37.22 35.06
N VAL L 83 21.58 37.83 35.42
CA VAL L 83 22.85 37.26 35.03
C VAL L 83 23.21 36.16 36.01
N GLU L 84 23.51 35.00 35.46
CA GLU L 84 23.88 33.83 36.27
C GLU L 84 25.27 33.39 35.88
N ALA L 85 25.81 32.40 36.56
CA ALA L 85 27.19 31.93 36.33
C ALA L 85 27.42 31.44 34.90
N GLU L 86 26.34 31.00 34.25
CA GLU L 86 26.36 30.49 32.89
C GLU L 86 26.62 31.58 31.85
N ASP L 87 26.39 32.84 32.23
CA ASP L 87 26.52 34.02 31.39
C ASP L 87 27.90 34.69 31.51
N LEU L 88 28.76 34.42 30.55
CA LEU L 88 30.11 34.95 30.49
C LEU L 88 30.60 34.73 29.06
N GLY L 89 31.07 35.76 28.37
CA GLY L 89 31.52 35.53 26.99
C GLY L 89 31.15 36.64 26.01
N VAL L 90 31.30 36.35 24.71
CA VAL L 90 31.05 37.35 23.69
C VAL L 90 29.81 37.10 22.87
N TYR L 91 28.96 38.11 22.84
CA TYR L 91 27.72 38.00 22.10
C TYR L 91 27.83 38.64 20.72
N PHE L 92 27.25 37.99 19.73
CA PHE L 92 27.27 38.50 18.36
C PHE L 92 25.86 38.67 17.80
N CYS L 93 25.69 39.61 16.83
CA CYS L 93 24.42 39.84 16.12
C CYS L 93 24.54 39.17 14.77
N SER L 94 23.42 38.71 14.24
CA SER L 94 23.42 38.17 12.90
C SER L 94 22.15 38.48 12.14
N GLN L 95 22.35 38.91 10.90
CA GLN L 95 21.33 39.24 9.91
C GLN L 95 21.36 38.22 8.80
N SER L 96 20.20 37.62 8.53
CA SER L 96 20.07 36.59 7.49
C SER L 96 19.16 36.99 6.33
N THR L 97 19.07 38.29 6.08
CA THR L 97 18.23 38.84 5.01
C THR L 97 18.94 39.04 3.68
N HIS L 98 20.23 38.73 3.66
CA HIS L 98 21.06 38.92 2.48
C HIS L 98 21.96 37.75 2.20
N VAL L 99 22.38 37.62 0.96
CA VAL L 99 23.30 36.57 0.58
C VAL L 99 24.55 36.62 1.43
N PRO L 100 25.38 37.67 1.42
CA PRO L 100 26.39 37.76 2.40
C PRO L 100 25.59 37.99 3.64
N PRO L 101 25.78 37.23 4.72
CA PRO L 101 25.13 37.37 5.96
C PRO L 101 25.81 38.51 6.63
N LEU L 102 25.29 38.92 7.73
CA LEU L 102 25.92 39.95 8.49
C LEU L 102 27.28 39.52 8.94
N THR L 103 28.22 40.44 8.89
CA THR L 103 29.48 40.14 9.56
C THR L 103 29.02 40.03 10.99
N PHE L 104 29.50 39.08 11.78
CA PHE L 104 28.95 39.00 13.15
C PHE L 104 29.33 40.23 13.99
N GLY L 105 30.41 40.87 13.55
CA GLY L 105 30.94 42.06 14.16
C GLY L 105 31.92 41.73 15.25
N ALA L 106 32.36 42.77 15.95
CA ALA L 106 33.36 42.60 17.00
C ALA L 106 32.84 41.73 18.12
N GLY L 107 31.56 41.87 18.43
CA GLY L 107 30.95 41.13 19.50
C GLY L 107 30.96 41.96 20.78
N THR L 108 30.02 41.71 21.68
CA THR L 108 30.01 42.46 22.94
C THR L 108 30.47 41.54 24.04
N LYS L 109 31.51 41.94 24.73
CA LYS L 109 32.03 41.09 25.78
C LYS L 109 31.41 41.37 27.14
N LEU L 110 30.83 40.34 27.73
CA LEU L 110 30.27 40.44 29.05
C LEU L 110 31.23 39.78 30.02
N GLU L 111 31.55 40.52 31.06
CA GLU L 111 32.45 40.11 32.14
C GLU L 111 31.65 40.06 33.42
N LEU L 112 32.14 39.32 34.39
CA LEU L 112 31.48 39.30 35.66
C LEU L 112 32.29 40.17 36.63
N LYS L 113 31.60 40.90 37.53
CA LYS L 113 32.05 41.87 38.55
C LYS L 113 33.58 42.05 38.63
C1 NAG M . -27.09 2.64 -4.24
C2 NAG M . -26.78 2.15 -2.76
C3 NAG M . -27.00 0.59 -2.68
C4 NAG M . -28.47 0.25 -3.09
C5 NAG M . -28.73 0.78 -4.55
C6 NAG M . -30.17 0.55 -5.02
C7 NAG M . -24.94 3.05 -1.33
C8 NAG M . -23.47 3.30 -1.14
N2 NAG M . -25.35 2.45 -2.45
O3 NAG M . -26.77 0.14 -1.33
O4 NAG M . -28.66 -1.17 -3.06
O5 NAG M . -28.47 2.26 -4.59
O6 NAG M . -30.34 0.84 -6.41
O7 NAG M . -25.74 3.42 -0.45
C1 NAG N . -12.78 -44.28 -4.98
C2 NAG N . -12.34 -45.38 -3.90
C3 NAG N . -13.61 -46.14 -3.41
C4 NAG N . -14.65 -45.14 -2.80
C5 NAG N . -15.03 -44.08 -3.89
C6 NAG N . -15.95 -42.98 -3.38
C7 NAG N . -10.06 -46.17 -4.53
C8 NAG N . -9.17 -47.17 -5.23
N2 NAG N . -11.39 -46.32 -4.56
O3 NAG N . -13.22 -47.10 -2.40
O4 NAG N . -15.80 -45.85 -2.36
O5 NAG N . -13.79 -43.40 -4.37
O6 NAG N . -17.30 -43.44 -3.19
O7 NAG N . -9.51 -45.23 -3.92
C1 NAG O . 18.39 -61.99 -10.68
C2 NAG O . 19.46 -60.91 -11.19
C3 NAG O . 20.61 -61.67 -11.92
C4 NAG O . 21.28 -62.71 -10.95
C5 NAG O . 20.20 -63.71 -10.45
C6 NAG O . 20.72 -64.71 -9.41
C7 NAG O . 19.07 -58.64 -12.16
C8 NAG O . 18.44 -57.74 -13.19
N2 NAG O . 18.82 -59.97 -12.15
O3 NAG O . 21.62 -60.73 -12.38
O4 NAG O . 22.32 -63.41 -11.65
O5 NAG O . 19.09 -62.96 -9.80
O6 NAG O . 21.23 -64.08 -8.23
O7 NAG O . 19.84 -58.12 -11.35
C1 NAG P . -17.87 -12.86 -19.89
C2 NAG P . -18.46 -13.25 -21.33
C3 NAG P . -20.02 -13.06 -21.31
C4 NAG P . -20.65 -13.94 -20.17
C5 NAG P . -20.02 -13.52 -18.80
C6 NAG P . -20.55 -14.27 -17.57
C7 NAG P . -16.89 -12.67 -23.20
C8 NAG P . -16.32 -11.67 -24.18
N2 NAG P . -17.85 -12.32 -22.33
O3 NAG P . -20.56 -13.46 -22.59
O4 NAG P . -22.06 -13.73 -20.14
O5 NAG P . -18.53 -13.70 -18.86
O6 NAG P . -20.70 -15.67 -17.71
O7 NAG P . -16.45 -13.83 -23.22
C1 NAG Q . -17.69 -39.47 -8.28
C2 NAG Q . -18.00 -39.93 -9.77
C3 NAG Q . -19.57 -39.98 -9.97
C4 NAG Q . -20.19 -40.97 -8.92
C5 NAG Q . -19.82 -40.49 -7.47
C6 NAG Q . -20.30 -41.44 -6.37
C7 NAG Q . -16.34 -39.16 -11.47
C8 NAG Q . -15.80 -38.07 -12.36
N2 NAG Q . -17.42 -38.92 -10.71
O3 NAG Q . -19.87 -40.44 -11.30
O4 NAG Q . -21.61 -40.99 -9.08
O5 NAG Q . -18.34 -40.41 -7.34
O6 NAG Q . -20.11 -40.88 -5.07
O7 NAG Q . -15.74 -40.26 -11.44
C1 NAG R . 3.95 21.35 16.95
C2 NAG R . 5.33 20.69 16.51
C3 NAG R . 5.84 19.76 17.66
C4 NAG R . 6.00 20.60 18.99
C5 NAG R . 4.62 21.24 19.36
C6 NAG R . 4.69 22.14 20.60
C7 NAG R . 5.84 19.95 14.19
C8 NAG R . 5.51 19.06 13.01
N2 NAG R . 5.09 19.88 15.29
O3 NAG R . 7.12 19.20 17.31
O4 NAG R . 6.42 19.72 20.04
O5 NAG R . 4.14 22.09 18.22
O6 NAG R . 3.39 22.53 21.04
O7 NAG R . 6.82 20.71 14.11
C1 NAG S . 9.96 -21.65 39.76
C2 NAG S . 11.06 -22.80 39.80
C3 NAG S . 12.10 -22.47 40.93
C4 NAG S . 12.74 -21.07 40.66
C5 NAG S . 11.60 -19.99 40.61
C6 NAG S . 12.11 -18.59 40.27
C7 NAG S . 9.97 -24.96 39.13
C8 NAG S . 9.29 -26.23 39.52
N2 NAG S . 10.39 -24.10 40.08
O3 NAG S . 13.14 -23.48 40.93
O4 NAG S . 13.68 -20.77 41.70
O5 NAG S . 10.62 -20.36 39.57
O6 NAG S . 12.81 -17.98 41.34
O7 NAG S . 10.13 -24.72 37.92
C1 NAG T . -0.82 -55.89 34.23
C2 NAG T . -1.88 -55.85 33.03
C3 NAG T . -2.74 -57.16 33.09
C4 NAG T . -1.81 -58.43 32.98
C5 NAG T . -0.76 -58.38 34.16
C6 NAG T . 0.27 -59.53 34.09
C7 NAG T . -3.20 -53.93 32.13
C8 NAG T . -4.15 -52.79 32.31
N2 NAG T . -2.79 -54.68 33.17
O3 NAG T . -3.70 -57.19 32.01
O4 NAG T . -2.61 -59.61 33.09
O5 NAG T . -0.01 -57.12 34.09
O6 NAG T . 1.04 -59.51 32.89
O7 NAG T . -2.81 -54.16 30.97
C1 NAG U . -9.64 4.88 27.64
C2 NAG U . -10.69 5.12 28.82
C3 NAG U . -10.23 6.35 29.67
C4 NAG U . -8.77 6.12 30.22
C5 NAG U . -7.81 5.87 29.01
C6 NAG U . -6.33 5.67 29.36
C7 NAG U . -13.04 4.51 28.17
C8 NAG U . -14.35 4.88 27.52
N2 NAG U . -12.02 5.40 28.21
O3 NAG U . -11.14 6.53 30.78
O4 NAG U . -8.35 7.27 30.96
O5 NAG U . -8.29 4.70 28.21
O6 NAG U . -6.08 4.80 30.46
O7 NAG U . -12.92 3.39 28.69
C1 NAG V . 7.31 -14.61 40.89
C2 NAG V . 6.14 -14.61 41.98
C3 NAG V . 6.47 -13.53 43.08
C4 NAG V . 7.86 -13.84 43.73
C5 NAG V . 8.96 -13.85 42.61
C6 NAG V . 10.35 -14.23 43.13
C7 NAG V . 3.89 -15.16 41.07
C8 NAG V . 2.64 -14.72 40.36
N2 NAG V . 4.86 -14.27 41.30
O3 NAG V . 5.44 -13.55 44.09
O4 NAG V . 8.16 -12.83 44.71
O5 NAG V . 8.59 -14.86 41.58
O6 NAG V . 11.35 -14.08 42.14
O7 NAG V . 3.98 -16.34 41.43
C1 NAG W . 9.28 11.14 -23.42
C2 NAG W . 8.58 9.73 -23.68
C3 NAG W . 9.72 8.64 -23.83
C4 NAG W . 10.68 9.03 -25.00
C5 NAG W . 11.30 10.45 -24.70
C6 NAG W . 12.20 10.94 -25.83
C7 NAG W . 6.46 8.98 -22.60
C8 NAG W . 5.70 8.67 -21.34
N2 NAG W . 7.73 9.39 -22.51
O3 NAG W . 9.12 7.36 -24.11
O4 NAG W . 11.72 8.06 -25.09
O5 NAG W . 10.20 11.44 -24.54
O6 NAG W . 12.93 12.12 -25.46
O7 NAG W . 5.91 8.83 -23.70
C1 NAG X . 38.60 -24.66 -7.16
C2 NAG X . 38.56 -26.25 -7.10
C3 NAG X . 39.20 -26.82 -8.41
C4 NAG X . 38.42 -26.28 -9.66
C5 NAG X . 38.47 -24.71 -9.64
C6 NAG X . 37.66 -24.06 -10.77
C7 NAG X . 38.81 -26.93 -4.70
C8 NAG X . 39.69 -27.38 -3.56
N2 NAG X . 39.35 -26.70 -5.91
O3 NAG X . 39.11 -28.26 -8.39
O4 NAG X . 39.01 -26.79 -10.85
O5 NAG X . 37.91 -24.21 -8.37
O6 NAG X . 38.29 -24.20 -12.04
O7 NAG X . 37.58 -26.82 -4.49
C1 NAG Y . 45.03 -40.66 24.79
C2 NAG Y . 44.25 -39.81 25.90
C3 NAG Y . 44.89 -40.12 27.31
C4 NAG Y . 44.80 -41.66 27.61
C5 NAG Y . 45.55 -42.45 26.47
C6 NAG Y . 45.43 -43.97 26.61
C7 NAG Y . 43.38 -37.47 25.80
C8 NAG Y . 43.57 -36.00 25.56
N2 NAG Y . 44.39 -38.35 25.64
O3 NAG Y . 44.20 -39.40 28.34
O4 NAG Y . 45.42 -41.93 28.87
O5 NAG Y . 44.94 -42.09 25.17
O6 NAG Y . 44.08 -44.44 26.57
O7 NAG Y . 42.25 -37.84 26.15
C1 NAG Z . 27.27 8.61 -7.94
C2 NAG Z . 28.62 9.44 -7.89
C3 NAG Z . 28.97 9.94 -9.34
C4 NAG Z . 29.08 8.71 -10.31
C5 NAG Z . 27.72 7.92 -10.29
C6 NAG Z . 27.63 6.70 -11.22
C7 NAG Z . 28.91 10.73 -5.76
C8 NAG Z . 28.63 11.96 -4.92
N2 NAG Z . 28.41 10.63 -7.01
O3 NAG Z . 30.22 10.64 -9.32
O4 NAG Z . 29.35 9.17 -11.64
O5 NAG Z . 27.42 7.48 -8.89
O6 NAG Z . 28.77 5.85 -11.21
O7 NAG Z . 29.61 9.82 -5.27
C1 NAG AA . 38.80 -17.90 -10.67
C2 NAG AA . 40.16 -17.14 -10.36
C3 NAG AA . 40.80 -16.67 -11.71
C4 NAG AA . 41.04 -17.92 -12.63
C5 NAG AA . 39.68 -18.64 -12.89
C6 NAG AA . 39.81 -19.93 -13.70
C7 NAG AA . 40.16 -15.86 -8.21
C8 NAG AA . 39.79 -14.62 -7.44
N2 NAG AA . 39.85 -15.95 -9.51
O3 NAG AA . 42.06 -16.02 -11.44
O4 NAG AA . 41.61 -17.50 -13.88
O5 NAG AA . 39.08 -19.02 -11.58
O6 NAG AA . 38.54 -20.47 -14.05
O7 NAG AA . 40.74 -16.78 -7.61
#